data_4ZSY
#
_entry.id   4ZSY
#
_cell.length_a   69.595
_cell.length_b   227.194
_cell.length_c   71.304
_cell.angle_alpha   90.000
_cell.angle_beta   108.820
_cell.angle_gamma   90.000
#
_symmetry.space_group_name_H-M   'P 1 21 1'
#
loop_
_entity.id
_entity.type
_entity.pdbx_description
1 polymer '4-aminobutyrate aminotransferase, mitochondrial'
2 non-polymer 'FE2/S2 (INORGANIC) CLUSTER'
3 non-polymer '(1S)-4-[({3-hydroxy-2-methyl-5-[(phosphonooxy)methyl]pyridin-4-yl}methyl)amino]cyclopent-3-ene-1,3-dicarboxylic acid'
4 non-polymer GLYCEROL
5 water water
#
_entity_poly.entity_id   1
_entity_poly.type   'polypeptide(L)'
_entity_poly.pdbx_seq_one_letter_code
;FDYDGPLMKTEVPGPRSRELMKQLNIIQNAEAVHFFCNYEESRGNYLVDVDGNRMLDLYSQISSIPIGYSHPALVKLVQQ
PQNVSTFINRPALGILPPENFVEKLRESLLSVAPKGMSQLITMACGSCSNENAFKTIFMWYRSKERGESAFSKEELETCM
INQAPGCPDYSILSFMGAFHGRTMGCLATTHSKAIHKIDIPSFDWPIAPFPRLKYPLEEFVKENQQEEARCLEEVEDLIV
KYRKKKKTVAGIIVEPIQSEGGDNHASDDFFRKLRDISRKHGCAFLVDEVQTGGGSTGKFWAHEHWGLDDPADVMTFSKK
MMTGGFFHKEEFRPNAPYRIFNTWLGDPSKNLLLAEVINIIKREDLLSNAAHAGKVLLTGLLDLQARYPQFISRVRGRGT
FCSFDTPDESIRNKLISIARNKGVMLGGCGDKSIRFRPTLVFRDHHAHLFLNIFSDILADF
;
_entity_poly.pdbx_strand_id   A,B,C,D
#
loop_
_chem_comp.id
_chem_comp.type
_chem_comp.name
_chem_comp.formula
FES non-polymer 'FE2/S2 (INORGANIC) CLUSTER' 'Fe2 S2'
GOL non-polymer GLYCEROL 'C3 H8 O3'
RW2 non-polymer '(1S)-4-[({3-hydroxy-2-methyl-5-[(phosphonooxy)methyl]pyridin-4-yl}methyl)amino]cyclopent-3-ene-1,3-dicarboxylic acid' 'C15 H19 N2 O9 P'
#
# COMPACT_ATOMS: atom_id res chain seq x y z
N PHE A 1 -14.12 -30.58 7.33
CA PHE A 1 -13.16 -30.93 8.36
C PHE A 1 -13.22 -32.43 8.73
N ASP A 2 -14.17 -33.17 8.16
CA ASP A 2 -14.72 -34.33 8.87
C ASP A 2 -15.12 -35.60 8.08
N TYR A 3 -14.89 -36.76 8.69
CA TYR A 3 -15.53 -38.03 8.31
C TYR A 3 -16.10 -38.67 9.58
N ASP A 4 -16.94 -39.69 9.42
CA ASP A 4 -17.59 -40.29 10.58
C ASP A 4 -16.67 -41.21 11.38
N GLY A 5 -15.74 -41.84 10.67
CA GLY A 5 -14.89 -42.87 11.23
C GLY A 5 -14.32 -43.61 10.04
N PRO A 6 -13.47 -44.62 10.29
CA PRO A 6 -12.84 -45.29 9.15
C PRO A 6 -13.84 -46.12 8.35
N LEU A 7 -13.48 -46.42 7.11
CA LEU A 7 -14.31 -47.25 6.25
C LEU A 7 -13.41 -48.04 5.31
N MET A 8 -13.37 -49.34 5.49
CA MET A 8 -12.45 -50.18 4.73
C MET A 8 -13.17 -50.93 3.62
N LYS A 9 -12.51 -51.05 2.47
CA LYS A 9 -13.05 -51.79 1.34
C LYS A 9 -12.20 -53.01 1.02
N THR A 10 -10.88 -52.86 1.12
CA THR A 10 -9.95 -53.92 0.75
C THR A 10 -8.84 -54.06 1.80
N GLU A 11 -8.04 -55.13 1.66
CA GLU A 11 -6.80 -55.26 2.40
C GLU A 11 -5.87 -54.13 2.01
N VAL A 12 -4.91 -53.81 2.86
CA VAL A 12 -3.96 -52.74 2.55
C VAL A 12 -2.53 -53.27 2.60
N PRO A 13 -1.76 -53.07 1.52
CA PRO A 13 -2.10 -52.36 0.29
C PRO A 13 -3.08 -53.13 -0.60
N GLY A 14 -4.01 -52.43 -1.22
CA GLY A 14 -4.96 -53.05 -2.12
C GLY A 14 -4.39 -53.18 -3.52
N PRO A 15 -5.17 -53.75 -4.45
CA PRO A 15 -4.67 -54.03 -5.79
C PRO A 15 -4.12 -52.82 -6.55
N ARG A 16 -4.79 -51.67 -6.46
CA ARG A 16 -4.33 -50.48 -7.15
C ARG A 16 -3.00 -49.98 -6.56
N SER A 17 -2.88 -50.01 -5.24
CA SER A 17 -1.61 -49.70 -4.58
C SER A 17 -0.49 -50.65 -5.01
N ARG A 18 -0.79 -51.95 -5.03
CA ARG A 18 0.23 -52.93 -5.40
C ARG A 18 0.72 -52.71 -6.84
N GLU A 19 -0.19 -52.33 -7.72
CA GLU A 19 0.19 -52.02 -9.10
C GLU A 19 1.12 -50.81 -9.16
N LEU A 20 0.75 -49.75 -8.44
CA LEU A 20 1.56 -48.54 -8.43
C LEU A 20 2.90 -48.78 -7.75
N MET A 21 2.93 -49.62 -6.72
CA MET A 21 4.18 -49.95 -6.05
C MET A 21 5.11 -50.72 -7.00
N LYS A 22 4.52 -51.57 -7.84
CA LYS A 22 5.28 -52.29 -8.84
C LYS A 22 5.94 -51.34 -9.86
N GLN A 23 5.18 -50.34 -10.30
CA GLN A 23 5.71 -49.35 -11.23
C GLN A 23 6.85 -48.56 -10.61
N LEU A 24 6.68 -48.12 -9.36
CA LEU A 24 7.68 -47.30 -8.70
C LEU A 24 8.96 -48.09 -8.43
N ASN A 25 8.83 -49.38 -8.16
CA ASN A 25 9.98 -50.21 -7.85
C ASN A 25 10.92 -50.36 -9.05
N ILE A 26 10.43 -50.04 -10.24
CA ILE A 26 11.27 -50.05 -11.43
C ILE A 26 12.34 -48.96 -11.35
N ILE A 27 11.95 -47.78 -10.86
CA ILE A 27 12.86 -46.64 -10.89
C ILE A 27 13.63 -46.40 -9.58
N GLN A 28 13.23 -47.06 -8.50
CA GLN A 28 13.88 -46.91 -7.21
C GLN A 28 13.44 -48.02 -6.26
N ASN A 29 14.21 -48.27 -5.22
CA ASN A 29 13.79 -49.20 -4.18
C ASN A 29 12.53 -48.66 -3.52
N ALA A 30 11.42 -49.36 -3.68
CA ALA A 30 10.14 -48.89 -3.16
C ALA A 30 9.64 -49.77 -2.02
N GLU A 31 10.54 -50.52 -1.40
CA GLU A 31 10.16 -51.46 -0.35
C GLU A 31 9.58 -50.79 0.89
N ALA A 32 9.88 -49.50 1.10
CA ALA A 32 9.41 -48.79 2.29
C ALA A 32 7.96 -48.33 2.14
N VAL A 33 7.46 -48.30 0.90
CA VAL A 33 6.12 -47.77 0.64
C VAL A 33 5.05 -48.60 1.31
N HIS A 34 4.18 -47.94 2.08
CA HIS A 34 3.07 -48.61 2.74
C HIS A 34 1.92 -48.84 1.76
N PHE A 35 1.51 -47.76 1.10
CA PHE A 35 0.49 -47.79 0.06
C PHE A 35 0.47 -46.44 -0.64
N PHE A 36 -0.30 -46.33 -1.72
CA PHE A 36 -0.46 -45.07 -2.44
C PHE A 36 -1.73 -44.38 -1.99
N CYS A 37 -1.72 -43.05 -1.95
CA CYS A 37 -2.80 -42.29 -1.34
C CYS A 37 -3.55 -41.36 -2.27
N ASN A 38 -4.82 -41.15 -1.94
CA ASN A 38 -5.67 -40.16 -2.58
C ASN A 38 -5.83 -38.96 -1.64
N TYR A 39 -4.89 -38.02 -1.71
CA TYR A 39 -4.89 -36.89 -0.79
C TYR A 39 -6.05 -35.94 -1.04
N GLU A 40 -6.53 -35.89 -2.29
CA GLU A 40 -7.67 -35.06 -2.63
C GLU A 40 -8.93 -35.41 -1.83
N GLU A 41 -9.09 -36.68 -1.52
CA GLU A 41 -10.25 -37.15 -0.77
C GLU A 41 -9.98 -37.30 0.73
N SER A 42 -8.72 -37.18 1.11
CA SER A 42 -8.37 -37.23 2.53
C SER A 42 -8.84 -35.96 3.25
N ARG A 43 -9.31 -36.12 4.48
CA ARG A 43 -9.86 -34.99 5.24
C ARG A 43 -9.62 -35.15 6.73
N GLY A 44 -9.14 -34.08 7.36
CA GLY A 44 -8.92 -34.07 8.79
C GLY A 44 -8.02 -35.21 9.25
N ASN A 45 -8.56 -36.08 10.10
CA ASN A 45 -7.79 -37.20 10.64
C ASN A 45 -7.75 -38.43 9.74
N TYR A 46 -8.37 -38.35 8.56
CA TYR A 46 -8.56 -39.53 7.72
C TYR A 46 -7.78 -39.52 6.42
N LEU A 47 -6.99 -40.57 6.21
CA LEU A 47 -6.23 -40.74 5.00
C LEU A 47 -6.97 -41.73 4.10
N VAL A 48 -7.20 -41.35 2.85
CA VAL A 48 -7.87 -42.22 1.89
C VAL A 48 -6.84 -42.76 0.89
N ASP A 49 -6.82 -44.08 0.67
CA ASP A 49 -5.86 -44.65 -0.29
C ASP A 49 -6.48 -44.81 -1.67
N VAL A 50 -5.69 -45.31 -2.62
CA VAL A 50 -6.13 -45.39 -4.00
C VAL A 50 -7.15 -46.50 -4.23
N ASP A 51 -7.31 -47.36 -3.23
CA ASP A 51 -8.27 -48.46 -3.33
C ASP A 51 -9.58 -48.10 -2.63
N GLY A 52 -9.68 -46.84 -2.22
CA GLY A 52 -10.89 -46.33 -1.60
C GLY A 52 -11.00 -46.58 -0.10
N ASN A 53 -9.97 -47.18 0.50
CA ASN A 53 -9.95 -47.36 1.95
C ASN A 53 -9.81 -46.02 2.69
N ARG A 54 -10.56 -45.86 3.76
CA ARG A 54 -10.46 -44.63 4.55
C ARG A 54 -9.99 -44.95 5.97
N MET A 55 -8.77 -44.55 6.29
CA MET A 55 -8.16 -44.94 7.56
C MET A 55 -8.00 -43.76 8.52
N LEU A 56 -8.23 -44.03 9.81
CA LEU A 56 -7.90 -43.08 10.86
C LEU A 56 -6.39 -43.00 10.97
N ASP A 57 -5.82 -41.85 10.65
CA ASP A 57 -4.36 -41.71 10.58
C ASP A 57 -3.75 -41.20 11.88
N LEU A 58 -3.10 -42.11 12.63
CA LEU A 58 -2.45 -41.73 13.88
C LEU A 58 -0.93 -41.66 13.72
N TYR A 59 -0.48 -41.48 12.49
CA TYR A 59 0.96 -41.40 12.19
C TYR A 59 1.30 -40.06 11.52
N SER A 60 0.28 -39.46 10.90
CA SER A 60 0.32 -38.15 10.24
C SER A 60 1.58 -37.84 9.42
N GLN A 61 1.90 -38.71 8.47
CA GLN A 61 3.05 -38.54 7.58
C GLN A 61 4.33 -38.33 8.40
N ILE A 62 4.54 -39.24 9.35
CA ILE A 62 5.69 -39.20 10.25
C ILE A 62 5.67 -37.92 11.08
N SER A 63 4.49 -37.60 11.63
CA SER A 63 4.30 -36.47 12.55
C SER A 63 4.62 -35.12 11.92
N SER A 64 4.19 -34.93 10.66
CA SER A 64 4.50 -33.69 9.93
C SER A 64 3.27 -32.93 9.41
N ILE A 65 2.08 -33.52 9.54
CA ILE A 65 0.84 -32.85 9.15
C ILE A 65 0.23 -32.20 10.39
N PRO A 66 0.18 -30.86 10.42
CA PRO A 66 -0.18 -30.23 11.70
C PRO A 66 -1.69 -30.17 11.98
N ILE A 67 -2.52 -29.78 11.00
CA ILE A 67 -3.95 -29.65 11.31
C ILE A 67 -4.81 -30.47 10.36
N GLY A 68 -4.32 -31.66 10.04
CA GLY A 68 -5.10 -32.63 9.29
C GLY A 68 -5.05 -32.40 7.80
N TYR A 69 -5.64 -33.32 7.04
CA TYR A 69 -5.61 -33.25 5.58
C TYR A 69 -6.66 -32.30 5.01
N SER A 70 -6.30 -31.61 3.94
CA SER A 70 -7.22 -30.76 3.19
C SER A 70 -7.96 -29.77 4.11
N HIS A 71 -7.23 -29.11 4.99
CA HIS A 71 -7.88 -28.18 5.92
C HIS A 71 -8.43 -27.00 5.12
N PRO A 72 -9.72 -26.69 5.32
CA PRO A 72 -10.39 -25.62 4.56
C PRO A 72 -9.72 -24.24 4.66
N ALA A 73 -9.07 -23.94 5.79
CA ALA A 73 -8.35 -22.66 5.89
C ALA A 73 -7.14 -22.63 4.96
N LEU A 74 -6.50 -23.78 4.77
CA LEU A 74 -5.35 -23.86 3.86
C LEU A 74 -5.80 -23.89 2.41
N VAL A 75 -6.93 -24.54 2.14
CA VAL A 75 -7.56 -24.51 0.82
C VAL A 75 -7.78 -23.06 0.38
N LYS A 76 -8.35 -22.28 1.29
CA LYS A 76 -8.62 -20.87 1.04
C LYS A 76 -7.39 -20.07 0.64
N LEU A 77 -6.27 -20.32 1.34
CA LEU A 77 -5.00 -19.66 1.01
C LEU A 77 -4.56 -19.88 -0.42
N VAL A 78 -4.62 -21.12 -0.88
CA VAL A 78 -4.17 -21.44 -2.23
C VAL A 78 -5.13 -20.89 -3.27
N GLN A 79 -6.38 -20.67 -2.85
CA GLN A 79 -7.40 -20.16 -3.75
C GLN A 79 -7.27 -18.65 -3.99
N GLN A 80 -6.62 -17.94 -3.08
CA GLN A 80 -6.51 -16.48 -3.20
C GLN A 80 -5.54 -16.08 -4.32
N PRO A 81 -6.02 -15.28 -5.29
CA PRO A 81 -5.20 -14.82 -6.41
C PRO A 81 -3.90 -14.13 -5.99
N GLN A 82 -3.93 -13.41 -4.87
CA GLN A 82 -2.75 -12.67 -4.43
C GLN A 82 -1.62 -13.59 -3.95
N ASN A 83 -1.93 -14.87 -3.74
CA ASN A 83 -0.93 -15.81 -3.23
C ASN A 83 -0.25 -16.64 -4.30
N VAL A 84 -0.72 -16.52 -5.53
CA VAL A 84 -0.15 -17.28 -6.66
C VAL A 84 1.37 -17.11 -6.77
N SER A 85 1.84 -15.87 -6.73
CA SER A 85 3.27 -15.59 -6.86
C SER A 85 4.13 -16.32 -5.84
N THR A 86 3.61 -16.45 -4.62
CA THR A 86 4.36 -17.08 -3.55
C THR A 86 4.65 -18.56 -3.87
N PHE A 87 3.78 -19.18 -4.66
CA PHE A 87 3.94 -20.59 -4.99
C PHE A 87 4.79 -20.84 -6.26
N ILE A 88 4.92 -19.84 -7.13
CA ILE A 88 5.63 -20.06 -8.41
C ILE A 88 6.88 -19.20 -8.61
N ASN A 89 7.13 -18.29 -7.67
CA ASN A 89 8.35 -17.48 -7.70
C ASN A 89 9.18 -17.72 -6.45
N ARG A 90 9.98 -18.77 -6.42
CA ARG A 90 10.74 -19.07 -5.21
C ARG A 90 12.06 -18.31 -5.17
N PRO A 91 12.23 -17.49 -4.12
CA PRO A 91 13.41 -16.62 -4.02
C PRO A 91 14.61 -17.29 -3.36
N ALA A 92 15.79 -16.78 -3.69
CA ALA A 92 16.98 -17.05 -2.91
C ALA A 92 16.86 -16.16 -1.68
N LEU A 93 16.27 -16.70 -0.62
CA LEU A 93 15.85 -15.90 0.54
C LEU A 93 16.98 -15.16 1.24
N GLY A 94 18.20 -15.70 1.14
CA GLY A 94 19.34 -15.09 1.79
C GLY A 94 19.77 -13.78 1.15
N ILE A 95 19.43 -13.58 -0.11
CA ILE A 95 19.87 -12.38 -0.80
C ILE A 95 18.74 -11.53 -1.35
N LEU A 96 17.61 -12.15 -1.69
CA LEU A 96 16.51 -11.43 -2.33
C LEU A 96 15.14 -11.79 -1.75
N PRO A 97 14.93 -11.47 -0.46
CA PRO A 97 13.66 -11.82 0.20
C PRO A 97 12.48 -11.04 -0.35
N PRO A 98 11.26 -11.62 -0.28
CA PRO A 98 10.04 -10.92 -0.71
C PRO A 98 9.70 -9.81 0.27
N GLU A 99 8.93 -8.84 -0.20
CA GLU A 99 8.55 -7.68 0.61
C GLU A 99 7.95 -8.06 1.97
N ASN A 100 7.17 -9.13 2.00
CA ASN A 100 6.42 -9.48 3.20
C ASN A 100 7.16 -10.47 4.10
N PHE A 101 8.45 -10.68 3.82
CA PHE A 101 9.22 -11.74 4.49
C PHE A 101 9.21 -11.58 6.02
N VAL A 102 9.52 -10.37 6.50
CA VAL A 102 9.59 -10.14 7.93
C VAL A 102 8.21 -10.21 8.59
N GLU A 103 7.22 -9.62 7.93
CA GLU A 103 5.88 -9.59 8.49
C GLU A 103 5.28 -10.98 8.59
N LYS A 104 5.50 -11.82 7.58
CA LYS A 104 4.99 -13.18 7.61
C LYS A 104 5.71 -13.99 8.70
N LEU A 105 6.98 -13.68 8.95
CA LEU A 105 7.69 -14.29 10.08
C LEU A 105 7.08 -13.85 11.41
N ARG A 106 6.70 -12.57 11.52
CA ARG A 106 6.04 -12.09 12.73
C ARG A 106 4.70 -12.79 12.96
N GLU A 107 3.99 -13.08 11.88
CA GLU A 107 2.72 -13.78 11.95
C GLU A 107 2.89 -15.26 12.28
N SER A 108 4.08 -15.81 12.03
CA SER A 108 4.27 -17.24 12.20
C SER A 108 5.33 -17.55 13.25
N LEU A 109 6.53 -17.92 12.81
CA LEU A 109 7.59 -18.40 13.70
C LEU A 109 7.91 -17.46 14.85
N LEU A 110 7.99 -16.16 14.58
CA LEU A 110 8.37 -15.24 15.65
C LEU A 110 7.30 -15.17 16.74
N SER A 111 6.05 -15.47 16.39
CA SER A 111 4.98 -15.42 17.38
C SER A 111 5.02 -16.60 18.36
N VAL A 112 5.89 -17.59 18.08
CA VAL A 112 6.05 -18.72 19.01
C VAL A 112 7.51 -18.95 19.39
N ALA A 113 8.30 -17.88 19.38
CA ALA A 113 9.72 -17.99 19.71
C ALA A 113 9.91 -18.48 21.12
N PRO A 114 10.88 -19.41 21.31
CA PRO A 114 11.21 -19.89 22.65
C PRO A 114 11.81 -18.79 23.53
N LYS A 115 11.68 -18.94 24.84
CA LYS A 115 12.23 -17.97 25.77
C LYS A 115 13.72 -17.76 25.59
N GLY A 116 14.13 -16.49 25.54
CA GLY A 116 15.54 -16.15 25.52
C GLY A 116 16.22 -16.27 24.17
N MET A 117 15.46 -16.60 23.12
CA MET A 117 16.04 -16.73 21.79
C MET A 117 15.51 -15.69 20.81
N SER A 118 16.27 -14.62 20.61
CA SER A 118 15.82 -13.51 19.77
C SER A 118 16.12 -13.73 18.29
N GLN A 119 16.94 -14.73 18.00
CA GLN A 119 17.41 -14.94 16.62
C GLN A 119 16.66 -16.06 15.94
N LEU A 120 16.53 -15.96 14.62
CA LEU A 120 15.87 -16.99 13.83
C LEU A 120 16.45 -17.08 12.43
N ILE A 121 16.79 -18.29 12.01
CA ILE A 121 17.19 -18.55 10.63
C ILE A 121 16.32 -19.69 10.12
N THR A 122 15.85 -19.60 8.88
CA THR A 122 14.98 -20.64 8.33
C THR A 122 15.77 -21.61 7.45
N MET A 123 15.30 -22.86 7.43
CA MET A 123 15.91 -23.93 6.64
C MET A 123 14.77 -24.75 6.05
N ALA A 124 15.06 -25.58 5.04
CA ALA A 124 14.00 -26.33 4.36
C ALA A 124 13.64 -27.67 5.01
N CYS A 125 14.50 -28.22 5.86
CA CYS A 125 14.18 -29.49 6.52
C CYS A 125 14.89 -29.64 7.85
N GLY A 126 14.59 -30.72 8.56
CA GLY A 126 15.17 -30.99 9.86
C GLY A 126 16.65 -31.25 9.82
N SER A 127 17.12 -31.92 8.76
CA SER A 127 18.54 -32.24 8.64
C SER A 127 19.40 -30.99 8.46
N CYS A 128 19.04 -30.13 7.51
CA CYS A 128 19.85 -28.92 7.32
C CYS A 128 19.62 -27.94 8.49
N SER A 129 18.52 -28.06 9.19
CA SER A 129 18.35 -27.29 10.42
C SER A 129 19.43 -27.68 11.44
N ASN A 130 19.54 -28.97 11.70
CA ASN A 130 20.53 -29.45 12.66
C ASN A 130 21.97 -29.23 12.18
N GLU A 131 22.21 -29.43 10.89
CA GLU A 131 23.55 -29.21 10.33
C GLU A 131 24.00 -27.77 10.55
N ASN A 132 23.12 -26.83 10.23
CA ASN A 132 23.49 -25.44 10.38
C ASN A 132 23.50 -24.99 11.83
N ALA A 133 22.71 -25.65 12.68
CA ALA A 133 22.83 -25.44 14.12
C ALA A 133 24.22 -25.85 14.61
N PHE A 134 24.69 -27.01 14.19
CA PHE A 134 26.06 -27.46 14.49
C PHE A 134 27.09 -26.42 14.08
N LYS A 135 26.96 -25.91 12.86
CA LYS A 135 27.95 -24.98 12.32
C LYS A 135 27.93 -23.68 13.09
N THR A 136 26.72 -23.18 13.38
CA THR A 136 26.55 -21.99 14.21
C THR A 136 27.25 -22.16 15.56
N ILE A 137 27.13 -23.35 16.13
CA ILE A 137 27.74 -23.66 17.41
C ILE A 137 29.28 -23.73 17.31
N PHE A 138 29.79 -24.35 16.26
CA PHE A 138 31.24 -24.43 16.05
C PHE A 138 31.88 -23.05 15.91
N MET A 139 31.24 -22.18 15.12
CA MET A 139 31.73 -20.82 14.87
CA MET A 139 31.83 -20.87 14.90
C MET A 139 31.70 -20.00 16.16
N TRP A 140 30.64 -20.19 16.93
CA TRP A 140 30.51 -19.52 18.22
C TRP A 140 31.61 -19.95 19.18
N TYR A 141 31.87 -21.25 19.25
CA TYR A 141 32.90 -21.76 20.14
C TYR A 141 34.28 -21.25 19.75
N ARG A 142 34.58 -21.25 18.45
CA ARG A 142 35.85 -20.73 17.96
C ARG A 142 35.98 -19.25 18.27
N SER A 143 34.86 -18.55 18.14
CA SER A 143 34.82 -17.11 18.41
C SER A 143 35.15 -16.82 19.87
N LYS A 144 34.68 -17.69 20.76
CA LYS A 144 35.02 -17.61 22.18
C LYS A 144 36.53 -17.74 22.39
N GLU A 145 37.16 -18.65 21.66
CA GLU A 145 38.56 -18.97 21.89
C GLU A 145 39.51 -17.93 21.32
N ARG A 146 39.18 -17.34 20.18
CA ARG A 146 40.07 -16.35 19.59
C ARG A 146 39.72 -14.92 20.04
N GLY A 147 38.66 -14.78 20.82
CA GLY A 147 38.26 -13.48 21.34
C GLY A 147 38.07 -12.43 20.26
N GLU A 148 38.91 -11.40 20.30
CA GLU A 148 38.83 -10.31 19.32
C GLU A 148 39.85 -10.49 18.19
N SER A 149 40.66 -11.53 18.28
CA SER A 149 41.64 -11.81 17.22
C SER A 149 40.92 -12.11 15.93
N ALA A 150 41.50 -11.70 14.81
CA ALA A 150 40.96 -12.02 13.49
C ALA A 150 41.30 -13.45 13.12
N PHE A 151 40.71 -13.93 12.04
CA PHE A 151 41.11 -15.21 11.46
C PHE A 151 42.61 -15.17 11.19
N SER A 152 43.35 -16.13 11.74
CA SER A 152 44.78 -16.18 11.50
C SER A 152 45.06 -16.59 10.06
N LYS A 153 46.27 -16.30 9.59
CA LYS A 153 46.67 -16.66 8.24
C LYS A 153 46.67 -18.17 8.04
N GLU A 154 47.07 -18.91 9.06
CA GLU A 154 47.14 -20.35 8.96
C GLU A 154 45.74 -20.96 8.91
N GLU A 155 44.84 -20.41 9.72
CA GLU A 155 43.44 -20.84 9.72
C GLU A 155 42.79 -20.66 8.34
N LEU A 156 42.98 -19.50 7.75
CA LEU A 156 42.40 -19.21 6.44
C LEU A 156 42.96 -20.14 5.35
N GLU A 157 44.22 -20.53 5.50
CA GLU A 157 44.89 -21.40 4.54
C GLU A 157 44.47 -22.86 4.71
N THR A 158 44.52 -23.35 5.94
CA THR A 158 44.25 -24.75 6.22
C THR A 158 42.78 -25.13 6.02
N CYS A 159 41.86 -24.20 6.27
CA CYS A 159 40.44 -24.52 6.19
C CYS A 159 40.02 -24.87 4.77
N MET A 160 40.72 -24.30 3.78
CA MET A 160 40.41 -24.59 2.38
C MET A 160 40.79 -26.01 1.98
N ILE A 161 41.72 -26.63 2.71
CA ILE A 161 42.13 -28.00 2.43
C ILE A 161 41.80 -28.95 3.57
N ASN A 162 40.71 -28.68 4.28
CA ASN A 162 40.15 -29.60 5.27
C ASN A 162 41.10 -29.93 6.43
N GLN A 163 42.00 -29.01 6.77
CA GLN A 163 42.97 -29.24 7.83
C GLN A 163 42.82 -28.29 9.01
N ALA A 164 43.21 -28.75 10.19
CA ALA A 164 43.35 -27.89 11.35
C ALA A 164 44.55 -26.96 11.11
N PRO A 165 44.57 -25.77 11.74
CA PRO A 165 43.58 -25.23 12.69
C PRO A 165 42.35 -24.61 12.03
N GLY A 166 42.38 -24.46 10.70
CA GLY A 166 41.26 -23.88 9.98
C GLY A 166 39.99 -24.69 10.16
N CYS A 167 40.15 -26.02 10.17
CA CYS A 167 39.05 -26.94 10.45
C CYS A 167 39.32 -27.62 11.78
N PRO A 168 38.70 -27.13 12.86
CA PRO A 168 38.98 -27.66 14.20
C PRO A 168 38.46 -29.08 14.36
N ASP A 169 38.99 -29.79 15.35
CA ASP A 169 38.55 -31.15 15.62
C ASP A 169 37.54 -31.14 16.76
N TYR A 170 36.58 -30.22 16.69
CA TYR A 170 35.60 -30.16 17.76
CA TYR A 170 35.49 -30.06 17.67
C TYR A 170 34.46 -31.16 17.53
N SER A 171 33.71 -31.40 18.60
CA SER A 171 32.68 -32.44 18.57
C SER A 171 31.33 -31.95 19.08
N ILE A 172 30.28 -32.66 18.69
CA ILE A 172 28.95 -32.50 19.27
C ILE A 172 28.64 -33.76 20.05
N LEU A 173 28.27 -33.62 21.32
CA LEU A 173 27.87 -34.78 22.12
C LEU A 173 26.40 -35.12 21.84
N SER A 174 26.14 -36.41 21.61
CA SER A 174 24.78 -36.88 21.36
C SER A 174 24.49 -38.10 22.24
N PHE A 175 23.25 -38.60 22.18
CA PHE A 175 22.82 -39.67 23.06
C PHE A 175 22.48 -40.95 22.30
N MET A 176 22.78 -42.10 22.90
CA MET A 176 22.34 -43.37 22.35
C MET A 176 20.81 -43.32 22.19
N GLY A 177 20.31 -43.85 21.08
CA GLY A 177 18.89 -43.83 20.81
C GLY A 177 18.41 -42.59 20.06
N ALA A 178 19.30 -41.61 19.90
CA ALA A 178 18.91 -40.34 19.28
C ALA A 178 18.68 -40.44 17.78
N PHE A 179 17.87 -39.53 17.25
CA PHE A 179 17.76 -39.37 15.81
C PHE A 179 17.70 -37.90 15.48
N HIS A 180 18.64 -37.43 14.67
CA HIS A 180 18.76 -36.01 14.36
C HIS A 180 18.86 -35.72 12.86
N GLY A 181 18.70 -36.75 12.03
CA GLY A 181 18.77 -36.59 10.59
C GLY A 181 19.81 -37.49 9.97
N ARG A 182 19.91 -37.49 8.64
CA ARG A 182 20.76 -38.47 7.97
C ARG A 182 21.83 -37.93 7.03
N THR A 183 21.93 -36.60 6.90
CA THR A 183 23.09 -36.02 6.26
C THR A 183 24.29 -36.31 7.16
N MET A 184 25.50 -36.27 6.62
CA MET A 184 26.63 -36.91 7.30
C MET A 184 27.00 -36.27 8.64
N GLY A 185 26.71 -34.98 8.81
CA GLY A 185 26.90 -34.36 10.11
C GLY A 185 25.85 -34.83 11.11
N CYS A 186 24.59 -34.65 10.73
CA CYS A 186 23.46 -35.17 11.52
C CYS A 186 23.61 -36.63 11.90
N LEU A 187 24.02 -37.42 10.91
CA LEU A 187 24.06 -38.86 11.07
C LEU A 187 25.02 -39.26 12.18
N ALA A 188 26.13 -38.54 12.31
CA ALA A 188 27.10 -38.83 13.37
C ALA A 188 26.48 -38.70 14.77
N THR A 189 25.45 -37.87 14.90
CA THR A 189 24.77 -37.70 16.19
C THR A 189 23.53 -38.59 16.29
N THR A 190 23.25 -39.33 15.22
CA THR A 190 22.10 -40.25 15.21
C THR A 190 22.54 -41.65 15.66
N HIS A 191 21.75 -42.27 16.52
CA HIS A 191 22.07 -43.60 17.05
C HIS A 191 20.79 -44.40 17.25
N SER A 192 20.00 -44.46 16.19
CA SER A 192 18.67 -45.06 16.22
C SER A 192 18.68 -46.55 15.89
N LYS A 193 18.90 -46.88 14.62
CA LYS A 193 18.96 -48.26 14.15
C LYS A 193 20.23 -48.45 13.32
N ALA A 194 20.74 -49.67 13.28
CA ALA A 194 21.96 -49.95 12.51
C ALA A 194 21.78 -49.64 11.03
N ILE A 195 20.60 -49.93 10.49
CA ILE A 195 20.39 -49.79 9.05
C ILE A 195 20.51 -48.31 8.63
N HIS A 196 20.30 -47.39 9.57
CA HIS A 196 20.50 -45.96 9.30
C HIS A 196 21.97 -45.57 9.18
N LYS A 197 22.85 -46.33 9.83
CA LYS A 197 24.24 -45.92 10.04
C LYS A 197 25.26 -46.72 9.23
N ILE A 198 24.92 -47.97 8.93
CA ILE A 198 25.94 -48.90 8.46
C ILE A 198 26.48 -48.52 7.08
N ASP A 199 27.80 -48.66 6.94
CA ASP A 199 28.57 -48.39 5.72
C ASP A 199 28.80 -46.90 5.44
N ILE A 200 28.42 -46.02 6.37
CA ILE A 200 28.64 -44.58 6.17
C ILE A 200 29.74 -44.03 7.09
N PRO A 201 30.74 -43.34 6.49
CA PRO A 201 31.79 -42.70 7.29
C PRO A 201 31.21 -41.77 8.36
N SER A 202 31.86 -41.67 9.51
CA SER A 202 31.27 -40.94 10.63
C SER A 202 32.29 -40.04 11.31
N PHE A 203 31.90 -39.45 12.44
CA PHE A 203 32.79 -38.64 13.27
C PHE A 203 33.02 -39.31 14.62
N ASP A 204 34.24 -39.22 15.15
CA ASP A 204 34.50 -39.70 16.50
C ASP A 204 34.05 -38.64 17.51
N TRP A 205 32.75 -38.64 17.79
CA TRP A 205 32.14 -37.69 18.71
C TRP A 205 31.58 -38.43 19.93
N PRO A 206 31.53 -37.77 21.09
CA PRO A 206 31.08 -38.49 22.29
C PRO A 206 29.61 -38.90 22.24
N ILE A 207 29.34 -40.11 22.73
CA ILE A 207 27.98 -40.64 22.76
C ILE A 207 27.59 -41.07 24.17
N ALA A 208 26.61 -40.36 24.74
CA ALA A 208 26.20 -40.58 26.11
C ALA A 208 24.95 -41.46 26.17
N PRO A 209 24.77 -42.17 27.30
CA PRO A 209 23.54 -42.95 27.48
C PRO A 209 22.35 -42.05 27.79
N PHE A 210 21.22 -42.35 27.18
CA PHE A 210 19.98 -41.66 27.49
C PHE A 210 19.23 -42.50 28.51
N PRO A 211 18.67 -41.85 29.55
CA PRO A 211 17.98 -42.57 30.62
C PRO A 211 16.95 -43.57 30.09
N ARG A 212 16.97 -44.79 30.61
CA ARG A 212 15.90 -45.72 30.33
C ARG A 212 15.03 -45.83 31.57
N LEU A 213 13.88 -45.18 31.54
CA LEU A 213 12.97 -45.17 32.68
C LEU A 213 12.26 -46.50 32.84
N LYS A 214 11.93 -46.83 34.08
CA LYS A 214 11.21 -48.06 34.40
C LYS A 214 9.74 -47.75 34.73
N TYR A 215 8.84 -48.61 34.27
CA TYR A 215 7.40 -48.37 34.40
C TYR A 215 6.73 -49.47 35.20
N PRO A 216 5.70 -49.13 36.00
CA PRO A 216 5.09 -47.79 36.17
C PRO A 216 6.00 -46.82 36.93
N LEU A 217 5.92 -45.55 36.56
CA LEU A 217 6.83 -44.54 37.10
C LEU A 217 6.79 -44.44 38.63
N GLU A 218 5.59 -44.55 39.19
CA GLU A 218 5.42 -44.34 40.63
C GLU A 218 5.93 -45.52 41.46
N GLU A 219 6.31 -46.60 40.80
CA GLU A 219 6.87 -47.76 41.49
C GLU A 219 8.39 -47.84 41.34
N PHE A 220 8.96 -46.87 40.62
CA PHE A 220 10.40 -46.82 40.39
C PHE A 220 10.97 -45.43 40.60
N VAL A 221 10.45 -44.70 41.60
CA VAL A 221 10.86 -43.32 41.82
C VAL A 221 12.36 -43.21 42.12
N LYS A 222 12.85 -44.03 43.05
CA LYS A 222 14.25 -44.01 43.41
C LYS A 222 15.14 -44.50 42.26
N GLU A 223 14.74 -45.59 41.63
CA GLU A 223 15.53 -46.19 40.55
C GLU A 223 15.66 -45.24 39.36
N ASN A 224 14.57 -44.55 39.03
CA ASN A 224 14.58 -43.63 37.90
C ASN A 224 15.44 -42.40 38.21
N GLN A 225 15.39 -41.93 39.46
CA GLN A 225 16.28 -40.86 39.90
C GLN A 225 17.74 -41.23 39.72
N GLN A 226 18.07 -42.47 40.10
CA GLN A 226 19.45 -42.94 40.05
C GLN A 226 19.92 -43.16 38.63
N GLU A 227 19.01 -43.65 37.78
CA GLU A 227 19.30 -43.86 36.37
C GLU A 227 19.65 -42.53 35.69
N GLU A 228 18.83 -41.52 35.93
CA GLU A 228 19.07 -40.21 35.35
C GLU A 228 20.36 -39.59 35.88
N ALA A 229 20.61 -39.75 37.18
CA ALA A 229 21.84 -39.26 37.78
C ALA A 229 23.07 -39.93 37.15
N ARG A 230 22.96 -41.24 36.91
CA ARG A 230 24.03 -41.99 36.25
C ARG A 230 24.35 -41.43 34.87
N CYS A 231 23.31 -41.15 34.10
CA CYS A 231 23.52 -40.65 32.75
C CYS A 231 24.14 -39.26 32.74
N LEU A 232 23.68 -38.41 33.66
CA LEU A 232 24.23 -37.06 33.80
C LEU A 232 25.73 -37.10 34.13
N GLU A 233 26.11 -37.99 35.04
CA GLU A 233 27.52 -38.17 35.36
C GLU A 233 28.34 -38.58 34.13
N GLU A 234 27.82 -39.51 33.35
CA GLU A 234 28.54 -40.01 32.18
C GLU A 234 28.65 -38.95 31.11
N VAL A 235 27.63 -38.11 31.00
CA VAL A 235 27.69 -36.94 30.12
C VAL A 235 28.88 -36.07 30.50
N GLU A 236 28.97 -35.72 31.79
CA GLU A 236 30.03 -34.82 32.24
C GLU A 236 31.41 -35.46 32.06
N ASP A 237 31.51 -36.76 32.33
CA ASP A 237 32.77 -37.49 32.16
C ASP A 237 33.22 -37.47 30.70
N LEU A 238 32.26 -37.60 29.79
CA LEU A 238 32.58 -37.60 28.37
C LEU A 238 33.12 -36.26 27.89
N ILE A 239 32.52 -35.17 28.37
CA ILE A 239 32.98 -33.83 28.03
C ILE A 239 34.45 -33.65 28.45
N VAL A 240 34.76 -34.07 29.67
CA VAL A 240 36.11 -33.98 30.20
C VAL A 240 37.07 -34.87 29.41
N LYS A 241 36.63 -36.09 29.15
CA LYS A 241 37.42 -37.05 28.37
C LYS A 241 37.77 -36.50 27.00
N TYR A 242 36.79 -35.89 26.33
CA TYR A 242 37.00 -35.44 24.96
C TYR A 242 37.76 -34.13 24.91
N ARG A 243 37.78 -33.40 26.02
CA ARG A 243 38.62 -32.20 26.10
C ARG A 243 40.09 -32.62 26.10
N LYS A 244 40.39 -33.67 26.86
CA LYS A 244 41.76 -34.20 26.92
C LYS A 244 42.19 -34.82 25.60
N LYS A 245 41.22 -35.36 24.85
CA LYS A 245 41.49 -35.92 23.53
C LYS A 245 41.73 -34.82 22.50
N LYS A 246 41.61 -33.57 22.94
CA LYS A 246 41.69 -32.41 22.04
C LYS A 246 40.59 -32.48 20.98
N LYS A 247 39.47 -33.08 21.36
CA LYS A 247 38.28 -33.11 20.52
C LYS A 247 37.14 -32.42 21.30
N THR A 248 37.38 -31.17 21.64
CA THR A 248 36.54 -30.40 22.55
C THR A 248 35.06 -30.41 22.15
N VAL A 249 34.20 -30.72 23.12
CA VAL A 249 32.76 -30.69 22.91
C VAL A 249 32.25 -29.25 22.84
N ALA A 250 31.81 -28.84 21.65
CA ALA A 250 31.36 -27.47 21.42
C ALA A 250 29.88 -27.34 21.75
N GLY A 251 29.16 -28.46 21.68
CA GLY A 251 27.74 -28.47 21.92
C GLY A 251 27.20 -29.84 22.28
N ILE A 252 26.02 -29.83 22.91
CA ILE A 252 25.27 -31.04 23.24
C ILE A 252 23.92 -30.97 22.54
N ILE A 253 23.56 -32.02 21.80
CA ILE A 253 22.25 -32.06 21.16
C ILE A 253 21.38 -33.15 21.80
N VAL A 254 20.10 -32.85 21.99
CA VAL A 254 19.18 -33.81 22.57
C VAL A 254 17.73 -33.53 22.15
N GLU A 255 16.94 -34.59 22.02
CA GLU A 255 15.49 -34.49 21.82
C GLU A 255 14.78 -34.44 23.17
N PRO A 256 13.73 -33.61 23.31
CA PRO A 256 12.99 -33.63 24.58
C PRO A 256 12.34 -34.97 24.86
N ILE A 257 11.99 -35.68 23.78
CA ILE A 257 11.53 -37.06 23.84
C ILE A 257 12.18 -37.76 22.65
N GLN A 258 12.92 -38.84 22.89
CA GLN A 258 13.56 -39.54 21.77
C GLN A 258 12.50 -40.24 20.94
N SER A 259 12.45 -40.00 19.64
CA SER A 259 11.38 -40.57 18.81
C SER A 259 11.75 -41.89 18.11
N GLU A 260 12.55 -41.80 17.08
CA GLU A 260 12.90 -42.98 16.33
C GLU A 260 13.56 -44.08 17.13
N GLY A 261 14.29 -43.72 18.20
CA GLY A 261 14.98 -44.63 19.09
C GLY A 261 14.06 -45.47 19.93
N GLY A 262 12.78 -45.08 20.00
CA GLY A 262 11.80 -45.88 20.72
C GLY A 262 10.99 -45.12 21.78
N ASP A 263 10.65 -43.88 21.48
CA ASP A 263 9.88 -43.01 22.39
C ASP A 263 10.39 -43.10 23.81
N ASN A 264 11.63 -42.67 24.01
CA ASN A 264 12.24 -42.66 25.33
C ASN A 264 12.06 -41.31 26.01
N HIS A 265 11.45 -41.34 27.19
CA HIS A 265 11.20 -40.14 27.97
C HIS A 265 12.24 -39.97 29.08
N ALA A 266 12.33 -38.76 29.61
CA ALA A 266 13.11 -38.49 30.81
C ALA A 266 12.46 -37.35 31.58
N SER A 267 12.78 -37.21 32.85
CA SER A 267 12.11 -36.23 33.70
C SER A 267 12.48 -34.81 33.26
N ASP A 268 11.61 -33.86 33.58
CA ASP A 268 11.91 -32.45 33.33
C ASP A 268 13.17 -32.07 34.12
N ASP A 269 13.32 -32.68 35.29
CA ASP A 269 14.49 -32.44 36.13
C ASP A 269 15.79 -32.82 35.43
N PHE A 270 15.80 -33.96 34.75
CA PHE A 270 16.95 -34.42 33.98
C PHE A 270 17.40 -33.37 32.96
N PHE A 271 16.44 -32.82 32.22
CA PHE A 271 16.79 -31.87 31.19
C PHE A 271 17.28 -30.55 31.78
N ARG A 272 16.69 -30.12 32.89
CA ARG A 272 17.14 -28.92 33.57
C ARG A 272 18.60 -29.08 34.01
N LYS A 273 18.92 -30.24 34.57
CA LYS A 273 20.28 -30.52 35.03
C LYS A 273 21.25 -30.69 33.87
N LEU A 274 20.77 -31.27 32.77
CA LEU A 274 21.60 -31.41 31.58
C LEU A 274 21.95 -30.04 31.01
N ARG A 275 20.95 -29.16 30.96
CA ARG A 275 21.13 -27.76 30.56
C ARG A 275 22.24 -27.10 31.38
N ASP A 276 22.22 -27.36 32.69
CA ASP A 276 23.19 -26.77 33.60
C ASP A 276 24.60 -27.32 33.36
N ILE A 277 24.68 -28.61 33.06
CA ILE A 277 25.96 -29.23 32.72
C ILE A 277 26.55 -28.61 31.47
N SER A 278 25.70 -28.41 30.47
CA SER A 278 26.11 -27.80 29.22
C SER A 278 26.76 -26.43 29.46
N ARG A 279 26.04 -25.55 30.16
N ARG A 279 26.07 -25.54 30.17
CA ARG A 279 26.50 -24.21 30.48
CA ARG A 279 26.60 -24.19 30.38
C ARG A 279 27.82 -24.23 31.24
C ARG A 279 27.86 -24.22 31.25
N LYS A 280 27.89 -25.12 32.23
CA LYS A 280 29.06 -25.26 33.09
C LYS A 280 30.36 -25.53 32.32
N HIS A 281 30.27 -26.34 31.27
CA HIS A 281 31.46 -26.68 30.50
C HIS A 281 31.59 -25.85 29.23
N GLY A 282 30.75 -24.82 29.11
CA GLY A 282 30.81 -23.91 27.98
C GLY A 282 30.36 -24.54 26.67
N CYS A 283 29.56 -25.60 26.75
CA CYS A 283 28.96 -26.21 25.57
C CYS A 283 27.63 -25.54 25.27
N ALA A 284 27.35 -25.31 23.99
CA ALA A 284 26.03 -24.86 23.57
C ALA A 284 25.01 -25.98 23.82
N PHE A 285 23.84 -25.63 24.32
CA PHE A 285 22.77 -26.63 24.52
C PHE A 285 21.78 -26.53 23.37
N LEU A 286 21.77 -27.56 22.52
CA LEU A 286 20.96 -27.58 21.32
C LEU A 286 19.81 -28.57 21.47
N VAL A 287 18.58 -28.06 21.46
CA VAL A 287 17.41 -28.90 21.61
C VAL A 287 16.75 -29.13 20.26
N ASP A 288 16.61 -30.40 19.89
CA ASP A 288 16.02 -30.78 18.62
C ASP A 288 14.52 -31.00 18.82
N GLU A 289 13.71 -30.05 18.36
CA GLU A 289 12.27 -30.19 18.46
C GLU A 289 11.64 -30.46 17.11
N VAL A 290 12.42 -31.02 16.18
CA VAL A 290 11.86 -31.34 14.87
C VAL A 290 10.60 -32.23 14.97
N GLN A 291 10.61 -33.20 15.88
CA GLN A 291 9.43 -34.06 16.01
C GLN A 291 8.52 -33.69 17.19
N THR A 292 9.11 -33.21 18.29
CA THR A 292 8.30 -32.85 19.47
C THR A 292 7.63 -31.49 19.33
N GLY A 293 8.12 -30.66 18.43
CA GLY A 293 7.61 -29.31 18.27
C GLY A 293 6.30 -29.21 17.52
N GLY A 294 5.51 -28.18 17.84
CA GLY A 294 4.27 -27.94 17.12
C GLY A 294 3.01 -28.31 17.90
N GLY A 295 3.15 -28.65 19.17
CA GLY A 295 2.00 -28.72 20.06
C GLY A 295 1.44 -30.04 20.57
N SER A 296 1.88 -31.19 20.05
CA SER A 296 1.23 -32.45 20.41
CA SER A 296 1.27 -32.47 20.41
C SER A 296 1.46 -32.86 21.87
N THR A 297 2.48 -32.29 22.52
CA THR A 297 2.69 -32.63 23.93
C THR A 297 1.89 -31.75 24.88
N GLY A 298 1.07 -30.84 24.34
CA GLY A 298 0.24 -29.99 25.16
C GLY A 298 0.79 -28.57 25.31
N LYS A 299 2.06 -28.39 24.93
CA LYS A 299 2.67 -27.08 24.87
C LYS A 299 3.28 -26.95 23.49
N PHE A 300 3.44 -25.73 22.99
CA PHE A 300 3.88 -25.58 21.59
C PHE A 300 5.23 -26.27 21.38
N TRP A 301 6.20 -25.96 22.24
CA TRP A 301 7.47 -26.67 22.24
C TRP A 301 7.53 -27.57 23.46
N ALA A 302 8.00 -28.80 23.27
CA ALA A 302 8.05 -29.75 24.38
C ALA A 302 8.94 -29.26 25.52
N HIS A 303 9.97 -28.47 25.21
CA HIS A 303 10.89 -28.02 26.25
C HIS A 303 10.23 -27.04 27.20
N GLU A 304 9.08 -26.49 26.82
CA GLU A 304 8.35 -25.57 27.68
C GLU A 304 7.91 -26.23 28.98
N HIS A 305 7.75 -27.54 28.95
CA HIS A 305 7.36 -28.29 30.14
C HIS A 305 8.41 -28.19 31.25
N TRP A 306 9.65 -27.94 30.87
CA TRP A 306 10.77 -27.87 31.82
C TRP A 306 10.63 -26.66 32.74
N GLY A 307 9.99 -25.60 32.24
CA GLY A 307 9.75 -24.40 33.01
C GLY A 307 10.95 -23.48 33.20
N LEU A 308 11.82 -23.43 32.20
CA LEU A 308 13.03 -22.60 32.30
C LEU A 308 12.92 -21.30 31.51
N ASP A 309 13.44 -20.22 32.08
CA ASP A 309 13.52 -18.95 31.35
C ASP A 309 14.67 -19.00 30.35
N ASP A 310 15.63 -19.88 30.62
CA ASP A 310 16.78 -20.10 29.76
C ASP A 310 16.87 -21.59 29.43
N PRO A 311 15.99 -22.07 28.55
CA PRO A 311 15.87 -23.51 28.31
C PRO A 311 16.97 -24.08 27.41
N ALA A 312 17.53 -23.27 26.51
CA ALA A 312 18.55 -23.74 25.58
C ALA A 312 19.25 -22.59 24.88
N ASP A 313 20.31 -22.93 24.16
CA ASP A 313 21.03 -21.94 23.37
C ASP A 313 20.53 -21.92 21.93
N VAL A 314 20.19 -23.09 21.41
CA VAL A 314 19.70 -23.23 20.04
C VAL A 314 18.57 -24.26 20.04
N MET A 315 17.56 -24.05 19.21
CA MET A 315 16.45 -25.02 19.10
C MET A 315 16.02 -25.16 17.65
N THR A 316 16.08 -26.39 17.13
CA THR A 316 15.73 -26.66 15.75
C THR A 316 14.30 -27.18 15.63
N PHE A 317 13.73 -27.04 14.44
CA PHE A 317 12.35 -27.46 14.19
C PHE A 317 12.14 -27.78 12.72
N SER A 318 11.06 -28.48 12.40
CA SER A 318 10.62 -28.78 11.04
C SER A 318 9.28 -29.53 11.11
N LYS A 319 9.05 -30.44 10.17
CA LYS A 319 7.84 -31.28 10.18
CA LYS A 319 7.83 -31.28 10.16
C LYS A 319 6.53 -30.48 10.30
N LYS A 320 5.91 -30.53 11.48
CA LYS A 320 4.65 -29.80 11.71
C LYS A 320 4.76 -28.30 11.38
N MET A 321 5.97 -27.76 11.51
CA MET A 321 6.18 -26.33 11.30
C MET A 321 6.25 -25.98 9.80
N MET A 322 6.11 -27.02 8.96
CA MET A 322 6.06 -26.86 7.49
CA MET A 322 6.07 -26.90 7.50
C MET A 322 7.42 -26.45 6.91
N THR A 323 8.03 -25.45 7.53
CA THR A 323 9.40 -25.06 7.22
C THR A 323 10.31 -25.56 8.34
N GLY A 324 11.59 -25.64 8.06
CA GLY A 324 12.57 -25.90 9.10
C GLY A 324 13.23 -24.60 9.53
N GLY A 325 14.25 -24.71 10.37
CA GLY A 325 15.00 -23.56 10.83
C GLY A 325 15.47 -23.75 12.25
N PHE A 326 16.06 -22.71 12.83
CA PHE A 326 16.41 -22.79 14.23
C PHE A 326 16.38 -21.40 14.90
N PHE A 327 15.80 -21.37 16.09
CA PHE A 327 15.91 -20.21 16.96
C PHE A 327 17.24 -20.29 17.72
N HIS A 328 17.78 -19.15 18.11
CA HIS A 328 18.99 -19.17 18.93
C HIS A 328 19.21 -17.86 19.67
N LYS A 329 20.03 -17.91 20.71
CA LYS A 329 20.37 -16.73 21.47
C LYS A 329 21.16 -15.73 20.63
N GLU A 330 21.07 -14.46 20.99
CA GLU A 330 21.78 -13.41 20.28
C GLU A 330 23.28 -13.65 20.18
N GLU A 331 23.88 -14.19 21.24
CA GLU A 331 25.33 -14.37 21.26
C GLU A 331 25.79 -15.42 20.25
N PHE A 332 24.86 -16.22 19.74
CA PHE A 332 25.20 -17.22 18.73
C PHE A 332 25.05 -16.72 17.30
N ARG A 333 24.62 -15.47 17.16
CA ARG A 333 24.50 -14.84 15.85
C ARG A 333 25.84 -14.83 15.12
N PRO A 334 25.86 -15.35 13.87
CA PRO A 334 27.09 -15.37 13.05
C PRO A 334 27.66 -13.97 12.88
N ASN A 335 28.98 -13.85 12.97
CA ASN A 335 29.64 -12.56 12.91
C ASN A 335 29.64 -11.96 11.51
N ALA A 336 29.75 -12.83 10.51
CA ALA A 336 29.81 -12.41 9.11
C ALA A 336 28.77 -13.15 8.29
N PRO A 337 28.36 -12.58 7.15
CA PRO A 337 27.41 -13.28 6.28
C PRO A 337 28.09 -14.39 5.48
N TYR A 338 27.27 -15.22 4.84
CA TYR A 338 27.72 -16.32 3.97
C TYR A 338 28.44 -17.45 4.72
N ARG A 339 28.25 -17.51 6.03
CA ARG A 339 28.78 -18.64 6.81
C ARG A 339 27.66 -19.64 7.06
N ILE A 340 26.48 -19.11 7.39
CA ILE A 340 25.26 -19.90 7.45
C ILE A 340 24.40 -19.47 6.27
N PHE A 341 24.27 -20.34 5.28
CA PHE A 341 23.70 -19.94 3.99
C PHE A 341 23.40 -21.16 3.11
N ASN A 342 22.40 -21.04 2.25
CA ASN A 342 22.26 -21.93 1.10
C ASN A 342 21.30 -21.26 0.12
N THR A 343 20.98 -21.94 -0.98
CA THR A 343 20.23 -21.29 -2.05
C THR A 343 18.87 -20.78 -1.59
N TRP A 344 18.08 -21.63 -0.93
CA TRP A 344 16.68 -21.30 -0.67
C TRP A 344 16.36 -20.91 0.79
N LEU A 345 17.07 -21.50 1.75
CA LEU A 345 16.86 -21.21 3.17
C LEU A 345 15.40 -21.36 3.60
N GLY A 346 14.75 -22.41 3.12
CA GLY A 346 13.33 -22.58 3.36
C GLY A 346 12.54 -22.25 2.11
N ASP A 347 11.33 -21.71 2.29
CA ASP A 347 10.41 -21.45 1.19
C ASP A 347 9.26 -20.60 1.73
N PRO A 348 9.08 -19.39 1.16
CA PRO A 348 8.00 -18.49 1.62
C PRO A 348 6.61 -19.11 1.53
N SER A 349 6.41 -20.05 0.63
CA SER A 349 5.10 -20.70 0.53
C SER A 349 4.79 -21.51 1.79
N LYS A 350 5.82 -22.08 2.40
CA LYS A 350 5.62 -22.82 3.64
C LYS A 350 5.34 -21.84 4.78
N ASN A 351 5.99 -20.68 4.77
CA ASN A 351 5.72 -19.64 5.76
C ASN A 351 4.29 -19.12 5.67
N LEU A 352 3.80 -18.99 4.44
CA LEU A 352 2.42 -18.58 4.22
C LEU A 352 1.46 -19.56 4.87
N LEU A 353 1.66 -20.86 4.62
CA LEU A 353 0.83 -21.89 5.20
C LEU A 353 0.96 -21.92 6.73
N LEU A 354 2.19 -21.81 7.23
CA LEU A 354 2.43 -21.88 8.68
C LEU A 354 1.74 -20.77 9.47
N ALA A 355 1.71 -19.56 8.92
CA ALA A 355 1.01 -18.47 9.58
C ALA A 355 -0.45 -18.82 9.85
N GLU A 356 -1.09 -19.46 8.88
CA GLU A 356 -2.49 -19.85 9.04
C GLU A 356 -2.64 -21.05 9.97
N VAL A 357 -1.69 -21.98 9.91
CA VAL A 357 -1.68 -23.11 10.85
C VAL A 357 -1.64 -22.60 12.28
N ILE A 358 -0.73 -21.67 12.56
CA ILE A 358 -0.55 -21.15 13.91
C ILE A 358 -1.79 -20.37 14.36
N ASN A 359 -2.41 -19.65 13.43
CA ASN A 359 -3.68 -18.97 13.69
C ASN A 359 -4.76 -19.95 14.15
N ILE A 360 -4.88 -21.07 13.43
CA ILE A 360 -5.83 -22.11 13.77
C ILE A 360 -5.52 -22.77 15.11
N ILE A 361 -4.24 -23.06 15.36
CA ILE A 361 -3.83 -23.65 16.63
C ILE A 361 -4.26 -22.77 17.81
N LYS A 362 -4.10 -21.47 17.67
CA LYS A 362 -4.48 -20.54 18.73
C LYS A 362 -5.99 -20.38 18.84
N ARG A 363 -6.66 -20.17 17.71
CA ARG A 363 -8.10 -19.92 17.74
C ARG A 363 -8.91 -21.14 18.17
N GLU A 364 -8.43 -22.34 17.84
CA GLU A 364 -9.16 -23.56 18.17
C GLU A 364 -8.63 -24.21 19.44
N ASP A 365 -7.74 -23.52 20.14
CA ASP A 365 -7.23 -23.98 21.43
C ASP A 365 -6.65 -25.38 21.31
N LEU A 366 -5.82 -25.60 20.29
CA LEU A 366 -5.38 -26.97 19.98
C LEU A 366 -4.28 -27.50 20.89
N LEU A 367 -3.53 -26.61 21.54
CA LEU A 367 -2.56 -27.06 22.54
C LEU A 367 -3.25 -27.76 23.69
N SER A 368 -4.25 -27.10 24.26
CA SER A 368 -5.02 -27.70 25.35
C SER A 368 -5.78 -28.94 24.86
N ASN A 369 -6.27 -28.90 23.63
CA ASN A 369 -6.93 -30.07 23.09
C ASN A 369 -6.01 -31.28 23.05
N ALA A 370 -4.75 -31.08 22.66
CA ALA A 370 -3.79 -32.18 22.57
C ALA A 370 -3.55 -32.79 23.96
N ALA A 371 -3.48 -31.93 24.97
CA ALA A 371 -3.30 -32.42 26.34
C ALA A 371 -4.50 -33.26 26.76
N HIS A 372 -5.70 -32.81 26.41
CA HIS A 372 -6.93 -33.52 26.75
C HIS A 372 -7.10 -34.83 25.98
N ALA A 373 -6.99 -34.74 24.65
CA ALA A 373 -7.17 -35.93 23.81
C ALA A 373 -6.10 -36.96 24.14
N GLY A 374 -4.92 -36.46 24.47
CA GLY A 374 -3.80 -37.32 24.87
C GLY A 374 -4.05 -38.02 26.19
N LYS A 375 -4.64 -37.31 27.14
CA LYS A 375 -4.98 -37.94 28.42
C LYS A 375 -6.02 -39.05 28.24
N VAL A 376 -6.99 -38.81 27.38
CA VAL A 376 -8.01 -39.82 27.10
C VAL A 376 -7.35 -41.04 26.42
N LEU A 377 -6.49 -40.78 25.45
CA LEU A 377 -5.81 -41.86 24.75
C LEU A 377 -4.97 -42.69 25.71
N LEU A 378 -4.22 -42.02 26.57
CA LEU A 378 -3.31 -42.70 27.49
C LEU A 378 -4.08 -43.52 28.52
N THR A 379 -5.19 -42.97 29.01
CA THR A 379 -6.03 -43.68 29.98
C THR A 379 -6.54 -44.98 29.37
N GLY A 380 -6.93 -44.91 28.09
CA GLY A 380 -7.38 -46.10 27.37
C GLY A 380 -6.26 -47.11 27.15
N LEU A 381 -5.06 -46.62 26.86
CA LEU A 381 -3.91 -47.50 26.68
C LEU A 381 -3.56 -48.23 27.98
N LEU A 382 -3.63 -47.51 29.10
CA LEU A 382 -3.35 -48.10 30.39
C LEU A 382 -4.37 -49.20 30.72
N ASP A 383 -5.61 -49.01 30.27
CA ASP A 383 -6.65 -50.02 30.46
C ASP A 383 -6.33 -51.26 29.64
N LEU A 384 -5.96 -51.07 28.37
CA LEU A 384 -5.61 -52.19 27.52
C LEU A 384 -4.37 -52.91 28.05
N GLN A 385 -3.47 -52.15 28.67
CA GLN A 385 -2.27 -52.71 29.28
C GLN A 385 -2.65 -53.63 30.46
N ALA A 386 -3.59 -53.19 31.28
CA ALA A 386 -4.03 -54.02 32.39
C ALA A 386 -4.74 -55.28 31.91
N ARG A 387 -5.49 -55.16 30.81
CA ARG A 387 -6.27 -56.27 30.29
C ARG A 387 -5.45 -57.23 29.42
N TYR A 388 -4.36 -56.75 28.82
CA TYR A 388 -3.55 -57.61 27.95
C TYR A 388 -2.05 -57.55 28.21
N PRO A 389 -1.62 -57.95 29.43
CA PRO A 389 -0.20 -57.88 29.77
C PRO A 389 0.67 -58.80 28.93
N GLN A 390 0.08 -59.72 28.17
CA GLN A 390 0.88 -60.61 27.32
CA GLN A 390 0.87 -60.61 27.31
C GLN A 390 1.38 -59.86 26.08
N PHE A 391 0.71 -58.77 25.72
CA PHE A 391 1.08 -58.02 24.51
C PHE A 391 1.49 -56.56 24.73
N ILE A 392 1.07 -55.97 25.84
CA ILE A 392 1.25 -54.52 26.07
C ILE A 392 2.02 -54.21 27.34
N SER A 393 3.10 -53.45 27.20
CA SER A 393 3.85 -52.99 28.37
C SER A 393 4.41 -51.58 28.17
N ARG A 394 4.83 -50.96 29.28
CA ARG A 394 5.51 -49.67 29.28
C ARG A 394 4.73 -48.58 28.54
N VAL A 395 3.41 -48.59 28.69
CA VAL A 395 2.56 -47.52 28.19
C VAL A 395 3.07 -46.20 28.76
N ARG A 396 3.28 -45.23 27.89
CA ARG A 396 3.89 -43.96 28.29
C ARG A 396 3.51 -42.85 27.32
N GLY A 397 3.61 -41.61 27.76
CA GLY A 397 3.31 -40.50 26.88
C GLY A 397 3.24 -39.13 27.54
N ARG A 398 3.19 -38.12 26.69
CA ARG A 398 2.95 -36.75 27.12
C ARG A 398 2.14 -36.11 26.00
N GLY A 399 0.96 -35.59 26.34
CA GLY A 399 0.01 -35.18 25.31
C GLY A 399 -0.35 -36.37 24.44
N THR A 400 -0.46 -36.15 23.13
CA THR A 400 -0.80 -37.27 22.23
C THR A 400 0.45 -38.03 21.80
N PHE A 401 1.61 -37.57 22.29
CA PHE A 401 2.90 -38.19 22.01
C PHE A 401 3.02 -39.45 22.88
N CYS A 402 2.28 -40.49 22.50
CA CYS A 402 2.16 -41.70 23.29
C CYS A 402 2.78 -42.92 22.63
N SER A 403 3.04 -43.96 23.41
CA SER A 403 3.61 -45.19 22.89
CA SER A 403 3.66 -45.17 22.91
C SER A 403 3.52 -46.33 23.90
N PHE A 404 3.82 -47.53 23.43
CA PHE A 404 3.89 -48.69 24.32
C PHE A 404 4.74 -49.75 23.66
N ASP A 405 5.20 -50.72 24.44
CA ASP A 405 6.02 -51.80 23.87
C ASP A 405 5.21 -53.08 23.64
N THR A 406 5.64 -53.85 22.65
CA THR A 406 5.10 -55.18 22.39
C THR A 406 6.19 -56.20 22.69
N PRO A 407 5.87 -57.51 22.70
CA PRO A 407 6.92 -58.47 23.09
C PRO A 407 8.11 -58.56 22.13
N ASP A 408 7.87 -58.41 20.83
CA ASP A 408 8.94 -58.51 19.85
C ASP A 408 8.57 -57.80 18.56
N GLU A 409 9.56 -57.62 17.68
CA GLU A 409 9.35 -56.92 16.42
C GLU A 409 8.29 -57.61 15.56
N SER A 410 8.26 -58.93 15.62
CA SER A 410 7.30 -59.72 14.85
C SER A 410 5.86 -59.38 15.23
N ILE A 411 5.59 -59.37 16.53
CA ILE A 411 4.26 -59.04 17.03
C ILE A 411 3.92 -57.57 16.78
N ARG A 412 4.89 -56.69 16.98
CA ARG A 412 4.73 -55.26 16.70
C ARG A 412 4.24 -55.06 15.27
N ASN A 413 4.94 -55.67 14.32
CA ASN A 413 4.59 -55.50 12.91
C ASN A 413 3.24 -56.11 12.57
N LYS A 414 2.91 -57.23 13.21
CA LYS A 414 1.62 -57.89 12.97
C LYS A 414 0.46 -57.03 13.44
N LEU A 415 0.59 -56.49 14.65
CA LEU A 415 -0.44 -55.60 15.21
C LEU A 415 -0.67 -54.38 14.33
N ILE A 416 0.42 -53.77 13.86
CA ILE A 416 0.32 -52.61 12.97
C ILE A 416 -0.42 -52.99 11.69
N SER A 417 -0.06 -54.15 11.14
CA SER A 417 -0.69 -54.62 9.90
C SER A 417 -2.18 -54.90 10.07
N ILE A 418 -2.55 -55.52 11.19
CA ILE A 418 -3.96 -55.81 11.46
C ILE A 418 -4.76 -54.52 11.69
N ALA A 419 -4.19 -53.61 12.46
CA ALA A 419 -4.83 -52.33 12.75
C ALA A 419 -5.12 -51.56 11.46
N ARG A 420 -4.15 -51.56 10.55
CA ARG A 420 -4.30 -50.86 9.29
C ARG A 420 -5.46 -51.43 8.48
N ASN A 421 -5.54 -52.76 8.42
CA ASN A 421 -6.63 -53.42 7.73
C ASN A 421 -7.97 -53.18 8.42
N LYS A 422 -7.92 -52.84 9.71
CA LYS A 422 -9.13 -52.52 10.47
C LYS A 422 -9.39 -51.02 10.51
N GLY A 423 -8.63 -50.25 9.72
CA GLY A 423 -8.92 -48.84 9.55
C GLY A 423 -8.14 -47.85 10.38
N VAL A 424 -7.06 -48.29 11.00
CA VAL A 424 -6.22 -47.36 11.78
C VAL A 424 -4.74 -47.47 11.42
N MET A 425 -4.14 -46.34 11.07
CA MET A 425 -2.73 -46.29 10.72
CA MET A 425 -2.72 -46.28 10.72
C MET A 425 -1.87 -45.94 11.94
N LEU A 426 -0.98 -46.85 12.31
CA LEU A 426 -0.11 -46.67 13.45
C LEU A 426 1.35 -46.60 13.02
N GLY A 427 2.19 -46.02 13.87
CA GLY A 427 3.62 -45.98 13.59
C GLY A 427 4.38 -46.92 14.50
N GLY A 428 5.56 -47.33 14.06
CA GLY A 428 6.46 -48.09 14.90
C GLY A 428 7.69 -47.26 15.23
N CYS A 429 8.36 -47.61 16.31
CA CYS A 429 9.66 -47.01 16.62
C CYS A 429 10.44 -48.01 17.46
N GLY A 430 11.76 -47.87 17.45
CA GLY A 430 12.62 -48.80 18.18
C GLY A 430 12.45 -50.23 17.68
N ASP A 431 12.85 -51.17 18.54
CA ASP A 431 12.77 -52.59 18.22
C ASP A 431 11.33 -53.07 18.11
N LYS A 432 10.51 -52.73 19.11
CA LYS A 432 9.22 -53.38 19.26
C LYS A 432 8.14 -52.48 19.81
N SER A 433 8.29 -51.16 19.64
CA SER A 433 7.32 -50.22 20.16
C SER A 433 6.31 -49.78 19.10
N ILE A 434 5.12 -49.42 19.56
CA ILE A 434 4.11 -48.82 18.69
C ILE A 434 3.92 -47.39 19.18
N ARG A 435 3.92 -46.43 18.27
CA ARG A 435 3.83 -45.02 18.67
C ARG A 435 2.64 -44.32 18.03
N PHE A 436 2.24 -43.22 18.65
CA PHE A 436 1.12 -42.43 18.18
C PHE A 436 1.61 -41.02 17.86
N ARG A 437 1.28 -40.55 16.66
CA ARG A 437 1.57 -39.18 16.25
C ARG A 437 0.35 -38.61 15.55
N PRO A 438 -0.71 -38.38 16.32
CA PRO A 438 -1.92 -37.88 15.66
C PRO A 438 -1.75 -36.42 15.26
N THR A 439 -2.46 -35.98 14.23
CA THR A 439 -2.42 -34.57 13.89
C THR A 439 -3.12 -33.74 14.97
N LEU A 440 -3.03 -32.41 14.91
CA LEU A 440 -3.59 -31.60 16.02
C LEU A 440 -5.11 -31.47 16.03
N VAL A 441 -5.79 -32.02 15.02
CA VAL A 441 -7.25 -32.00 15.08
C VAL A 441 -7.78 -33.36 15.53
N PHE A 442 -6.89 -34.17 16.09
CA PHE A 442 -7.24 -35.42 16.77
C PHE A 442 -7.96 -35.10 18.08
N ARG A 443 -9.16 -35.64 18.25
CA ARG A 443 -10.02 -35.32 19.41
C ARG A 443 -10.22 -36.54 20.31
N ASP A 444 -10.78 -36.32 21.50
CA ASP A 444 -11.07 -37.43 22.40
C ASP A 444 -11.94 -38.50 21.72
N HIS A 445 -12.85 -38.12 20.82
CA HIS A 445 -13.68 -39.17 20.21
C HIS A 445 -12.89 -40.00 19.21
N HIS A 446 -11.85 -39.42 18.61
CA HIS A 446 -10.95 -40.22 17.76
C HIS A 446 -10.13 -41.21 18.59
N ALA A 447 -9.74 -40.79 19.79
CA ALA A 447 -9.05 -41.71 20.70
C ALA A 447 -9.93 -42.93 20.98
N HIS A 448 -11.23 -42.70 21.19
CA HIS A 448 -12.12 -43.81 21.48
C HIS A 448 -12.37 -44.70 20.26
N LEU A 449 -12.49 -44.10 19.07
CA LEU A 449 -12.57 -44.89 17.84
C LEU A 449 -11.42 -45.87 17.76
N PHE A 450 -10.20 -45.37 18.00
CA PHE A 450 -9.03 -46.24 17.98
C PHE A 450 -9.09 -47.31 19.07
N LEU A 451 -9.37 -46.89 20.29
CA LEU A 451 -9.33 -47.80 21.44
C LEU A 451 -10.29 -48.96 21.28
N ASN A 452 -11.47 -48.67 20.76
CA ASN A 452 -12.47 -49.71 20.52
C ASN A 452 -12.05 -50.67 19.40
N ILE A 453 -11.41 -50.14 18.36
CA ILE A 453 -10.89 -50.98 17.29
C ILE A 453 -9.76 -51.87 17.79
N PHE A 454 -8.86 -51.28 18.58
CA PHE A 454 -7.69 -52.02 19.03
C PHE A 454 -8.06 -53.05 20.09
N SER A 455 -9.10 -52.75 20.86
CA SER A 455 -9.59 -53.67 21.87
C SER A 455 -10.09 -54.96 21.23
N ASP A 456 -10.82 -54.83 20.12
CA ASP A 456 -11.31 -55.99 19.39
C ASP A 456 -10.15 -56.78 18.77
N ILE A 457 -9.15 -56.06 18.27
CA ILE A 457 -7.96 -56.71 17.72
C ILE A 457 -7.26 -57.56 18.76
N LEU A 458 -7.06 -57.01 19.95
CA LEU A 458 -6.34 -57.70 21.01
C LEU A 458 -7.12 -58.93 21.50
N ALA A 459 -8.45 -58.85 21.46
CA ALA A 459 -9.26 -59.97 21.92
C ALA A 459 -9.15 -61.17 20.99
N ASP A 460 -8.86 -60.91 19.72
CA ASP A 460 -8.77 -61.97 18.71
C ASP A 460 -7.34 -62.35 18.37
N PHE A 461 -6.37 -61.66 18.98
CA PHE A 461 -4.97 -61.86 18.64
C PHE A 461 -4.43 -63.13 19.29
N ASP B 2 7.70 -10.02 -22.50
CA ASP B 2 7.65 -9.41 -21.17
C ASP B 2 7.82 -7.90 -21.24
N TYR B 3 8.40 -7.28 -20.21
CA TYR B 3 8.62 -5.84 -20.22
C TYR B 3 9.58 -5.46 -21.35
N ASP B 4 9.50 -4.20 -21.79
CA ASP B 4 10.32 -3.73 -22.91
C ASP B 4 11.78 -3.58 -22.49
N GLY B 5 12.02 -3.06 -21.30
CA GLY B 5 13.37 -2.86 -20.81
C GLY B 5 13.35 -2.54 -19.33
N PRO B 6 14.52 -2.30 -18.75
CA PRO B 6 14.51 -1.95 -17.33
C PRO B 6 13.94 -0.56 -17.10
N LEU B 7 13.60 -0.26 -15.85
CA LEU B 7 13.07 1.04 -15.47
C LEU B 7 13.48 1.34 -14.03
N MET B 8 14.36 2.32 -13.86
CA MET B 8 14.89 2.63 -12.54
C MET B 8 14.28 3.90 -11.96
N LYS B 9 14.00 3.87 -10.66
CA LYS B 9 13.41 5.01 -9.95
C LYS B 9 14.35 5.52 -8.86
N THR B 10 15.06 4.61 -8.22
CA THR B 10 15.98 4.95 -7.15
C THR B 10 17.28 4.18 -7.28
N GLU B 11 18.25 4.52 -6.43
CA GLU B 11 19.43 3.69 -6.27
C GLU B 11 19.01 2.37 -5.62
N VAL B 12 19.81 1.32 -5.78
CA VAL B 12 19.48 0.03 -5.18
C VAL B 12 20.59 -0.41 -4.22
N PRO B 13 20.21 -0.74 -2.97
CA PRO B 13 18.85 -0.76 -2.42
C PRO B 13 18.29 0.64 -2.14
N GLY B 14 17.00 0.80 -2.40
CA GLY B 14 16.32 2.06 -2.14
C GLY B 14 15.89 2.16 -0.70
N PRO B 15 15.21 3.27 -0.35
CA PRO B 15 14.76 3.52 1.02
C PRO B 15 13.89 2.42 1.61
N ARG B 16 12.97 1.86 0.83
CA ARG B 16 12.07 0.84 1.36
C ARG B 16 12.81 -0.47 1.59
N SER B 17 13.72 -0.83 0.67
CA SER B 17 14.55 -2.01 0.89
C SER B 17 15.39 -1.82 2.15
N ARG B 18 15.98 -0.63 2.30
CA ARG B 18 16.87 -0.38 3.45
C ARG B 18 16.11 -0.46 4.77
N GLU B 19 14.86 -0.04 4.78
CA GLU B 19 14.04 -0.14 5.98
C GLU B 19 13.75 -1.59 6.35
N LEU B 20 13.41 -2.39 5.35
CA LEU B 20 13.13 -3.81 5.57
C LEU B 20 14.40 -4.56 5.99
N MET B 21 15.52 -4.18 5.39
CA MET B 21 16.81 -4.79 5.75
C MET B 21 17.15 -4.51 7.21
N LYS B 22 16.81 -3.31 7.67
CA LYS B 22 17.02 -2.93 9.06
C LYS B 22 16.16 -3.81 9.98
N GLN B 23 14.92 -4.05 9.58
CA GLN B 23 14.00 -4.86 10.36
C GLN B 23 14.46 -6.31 10.45
N LEU B 24 14.93 -6.84 9.33
CA LEU B 24 15.37 -8.23 9.27
C LEU B 24 16.66 -8.42 10.07
N ASN B 25 17.52 -7.41 10.07
CA ASN B 25 18.80 -7.52 10.74
C ASN B 25 18.65 -7.63 12.26
N ILE B 26 17.45 -7.33 12.77
CA ILE B 26 17.16 -7.54 14.18
C ILE B 26 17.13 -9.03 14.53
N ILE B 27 16.54 -9.84 13.65
CA ILE B 27 16.34 -11.25 14.00
C ILE B 27 17.42 -12.18 13.43
N GLN B 28 18.23 -11.68 12.50
CA GLN B 28 19.30 -12.48 11.92
C GLN B 28 20.33 -11.60 11.24
N ASN B 29 21.51 -12.15 11.00
CA ASN B 29 22.51 -11.44 10.19
C ASN B 29 21.96 -11.27 8.78
N ALA B 30 21.73 -10.03 8.38
CA ALA B 30 21.10 -9.75 7.09
C ALA B 30 22.06 -9.04 6.14
N GLU B 31 23.35 -9.10 6.44
CA GLU B 31 24.37 -8.42 5.63
C GLU B 31 24.42 -8.90 4.18
N ALA B 32 24.00 -10.14 3.92
CA ALA B 32 24.04 -10.69 2.57
C ALA B 32 22.92 -10.21 1.63
N VAL B 33 21.82 -9.75 2.22
CA VAL B 33 20.64 -9.30 1.46
C VAL B 33 21.01 -8.19 0.49
N HIS B 34 20.62 -8.24 -0.78
CA HIS B 34 21.07 -7.09 -1.54
C HIS B 34 19.89 -6.13 -1.69
N PHE B 35 18.65 -6.63 -1.81
CA PHE B 35 17.44 -5.83 -1.70
C PHE B 35 16.18 -6.68 -1.52
N PHE B 36 15.05 -6.04 -1.21
CA PHE B 36 13.77 -6.73 -1.05
C PHE B 36 12.95 -6.63 -2.33
N CYS B 37 12.18 -7.68 -2.62
CA CYS B 37 11.57 -7.82 -3.93
C CYS B 37 10.06 -7.87 -3.93
N ASN B 38 9.49 -7.31 -5.00
CA ASN B 38 8.07 -7.44 -5.32
C ASN B 38 7.88 -8.51 -6.40
N TYR B 39 7.79 -9.77 -5.99
CA TYR B 39 7.72 -10.86 -6.95
C TYR B 39 6.37 -10.89 -7.69
N GLU B 40 5.33 -10.35 -7.06
CA GLU B 40 4.02 -10.29 -7.70
C GLU B 40 4.07 -9.47 -9.00
N GLU B 41 4.90 -8.44 -9.02
CA GLU B 41 5.03 -7.55 -10.17
C GLU B 41 6.16 -7.97 -11.11
N SER B 42 6.94 -8.95 -10.69
CA SER B 42 8.06 -9.42 -11.51
C SER B 42 7.52 -10.32 -12.62
N ARG B 43 8.19 -10.29 -13.77
CA ARG B 43 7.70 -10.97 -14.96
C ARG B 43 8.84 -11.30 -15.92
N GLY B 44 8.91 -12.57 -16.34
CA GLY B 44 9.93 -12.99 -17.29
C GLY B 44 11.33 -12.77 -16.76
N ASN B 45 12.15 -12.04 -17.52
CA ASN B 45 13.52 -11.76 -17.11
C ASN B 45 13.64 -10.57 -16.16
N TYR B 46 12.53 -9.95 -15.81
CA TYR B 46 12.59 -8.70 -15.03
C TYR B 46 12.14 -8.85 -13.59
N LEU B 47 13.05 -8.49 -12.69
CA LEU B 47 12.79 -8.48 -11.27
C LEU B 47 12.43 -7.07 -10.80
N VAL B 48 11.33 -6.95 -10.06
CA VAL B 48 10.88 -5.65 -9.53
C VAL B 48 11.14 -5.60 -8.03
N ASP B 49 11.73 -4.51 -7.53
CA ASP B 49 12.01 -4.44 -6.10
C ASP B 49 10.93 -3.60 -5.40
N VAL B 50 11.08 -3.45 -4.08
CA VAL B 50 10.04 -2.79 -3.30
C VAL B 50 10.03 -1.28 -3.47
N ASP B 51 11.06 -0.75 -4.13
CA ASP B 51 11.11 0.68 -4.42
C ASP B 51 10.65 0.95 -5.85
N GLY B 52 10.14 -0.08 -6.51
CA GLY B 52 9.57 0.06 -7.84
C GLY B 52 10.58 0.02 -8.97
N ASN B 53 11.83 -0.28 -8.67
CA ASN B 53 12.85 -0.48 -9.70
C ASN B 53 12.60 -1.77 -10.45
N ARG B 54 12.71 -1.73 -11.77
CA ARG B 54 12.57 -2.93 -12.58
C ARG B 54 13.88 -3.26 -13.29
N MET B 55 14.54 -4.34 -12.87
CA MET B 55 15.86 -4.69 -13.38
C MET B 55 15.88 -5.95 -14.24
N LEU B 56 16.66 -5.92 -15.31
CA LEU B 56 16.94 -7.13 -16.09
C LEU B 56 17.77 -8.09 -15.24
N ASP B 57 17.19 -9.25 -14.91
CA ASP B 57 17.82 -10.18 -13.98
C ASP B 57 18.64 -11.24 -14.68
N LEU B 58 19.95 -11.07 -14.68
CA LEU B 58 20.86 -12.07 -15.27
C LEU B 58 21.53 -12.91 -14.19
N TYR B 59 20.90 -13.02 -13.03
CA TYR B 59 21.41 -13.82 -11.93
C TYR B 59 20.41 -14.91 -11.56
N SER B 60 19.13 -14.60 -11.77
CA SER B 60 17.99 -15.52 -11.63
C SER B 60 17.97 -16.31 -10.33
N GLN B 61 18.13 -15.61 -9.20
CA GLN B 61 18.10 -16.21 -7.87
C GLN B 61 19.15 -17.31 -7.72
N ILE B 62 20.39 -16.96 -8.06
CA ILE B 62 21.52 -17.90 -8.06
C ILE B 62 21.20 -19.09 -8.97
N SER B 63 20.76 -18.77 -10.19
CA SER B 63 20.53 -19.75 -11.25
C SER B 63 19.47 -20.81 -10.91
N SER B 64 18.37 -20.38 -10.28
CA SER B 64 17.36 -21.31 -9.82
C SER B 64 15.97 -21.06 -10.41
N ILE B 65 15.82 -19.96 -11.16
CA ILE B 65 14.54 -19.66 -11.79
C ILE B 65 14.58 -20.12 -13.26
N PRO B 66 13.84 -21.19 -13.59
CA PRO B 66 14.02 -21.81 -14.91
C PRO B 66 13.39 -21.04 -16.08
N ILE B 67 12.14 -20.62 -15.98
CA ILE B 67 11.49 -19.98 -17.12
C ILE B 67 10.93 -18.61 -16.78
N GLY B 68 11.64 -17.89 -15.93
CA GLY B 68 11.30 -16.51 -15.62
C GLY B 68 10.28 -16.35 -14.51
N TYR B 69 10.08 -15.11 -14.08
CA TYR B 69 9.13 -14.80 -13.01
C TYR B 69 7.69 -14.81 -13.49
N SER B 70 6.80 -15.27 -12.62
CA SER B 70 5.35 -15.24 -12.86
C SER B 70 4.97 -15.79 -14.24
N HIS B 71 5.55 -16.92 -14.61
CA HIS B 71 5.26 -17.50 -15.91
C HIS B 71 3.79 -17.89 -15.99
N PRO B 72 3.08 -17.45 -17.04
CA PRO B 72 1.64 -17.69 -17.16
C PRO B 72 1.25 -19.18 -17.09
N ALA B 73 2.11 -20.07 -17.57
CA ALA B 73 1.80 -21.50 -17.51
C ALA B 73 1.78 -22.01 -16.07
N LEU B 74 2.66 -21.47 -15.24
CA LEU B 74 2.72 -21.85 -13.84
C LEU B 74 1.59 -21.18 -13.04
N VAL B 75 1.25 -19.95 -13.40
CA VAL B 75 0.08 -19.29 -12.82
C VAL B 75 -1.17 -20.15 -13.00
N LYS B 76 -1.35 -20.67 -14.20
CA LYS B 76 -2.52 -21.50 -14.51
C LYS B 76 -2.55 -22.77 -13.67
N LEU B 77 -1.39 -23.33 -13.37
CA LEU B 77 -1.30 -24.54 -12.56
C LEU B 77 -1.86 -24.33 -11.17
N VAL B 78 -1.46 -23.24 -10.52
CA VAL B 78 -1.90 -22.92 -9.17
C VAL B 78 -3.39 -22.59 -9.16
N GLN B 79 -3.90 -22.09 -10.28
CA GLN B 79 -5.30 -21.69 -10.35
C GLN B 79 -6.26 -22.88 -10.49
N GLN B 80 -5.75 -24.04 -10.88
CA GLN B 80 -6.60 -25.22 -11.07
C GLN B 80 -7.03 -25.82 -9.75
N PRO B 81 -8.36 -25.94 -9.53
CA PRO B 81 -8.93 -26.47 -8.30
C PRO B 81 -8.39 -27.85 -7.92
N GLN B 82 -8.08 -28.67 -8.92
CA GLN B 82 -7.61 -30.03 -8.69
C GLN B 82 -6.18 -30.07 -8.14
N ASN B 83 -5.46 -28.96 -8.26
CA ASN B 83 -4.08 -28.91 -7.77
C ASN B 83 -3.93 -28.40 -6.35
N VAL B 84 -5.04 -27.98 -5.73
CA VAL B 84 -4.98 -27.44 -4.37
C VAL B 84 -4.36 -28.43 -3.39
N SER B 85 -4.82 -29.68 -3.44
CA SER B 85 -4.36 -30.72 -2.50
C SER B 85 -2.84 -30.87 -2.51
N THR B 86 -2.24 -30.77 -3.69
CA THR B 86 -0.80 -30.96 -3.83
C THR B 86 -0.02 -29.89 -3.05
N PHE B 87 -0.57 -28.68 -2.95
CA PHE B 87 0.08 -27.60 -2.22
C PHE B 87 -0.12 -27.61 -0.70
N ILE B 88 -1.17 -28.27 -0.22
CA ILE B 88 -1.49 -28.23 1.21
C ILE B 88 -1.44 -29.59 1.94
N ASN B 89 -1.22 -30.65 1.18
CA ASN B 89 -1.12 -32.00 1.76
C ASN B 89 0.24 -32.60 1.42
N ARG B 90 1.28 -32.23 2.15
CA ARG B 90 2.61 -32.72 1.80
C ARG B 90 2.87 -34.10 2.38
N PRO B 91 3.15 -35.07 1.51
CA PRO B 91 3.32 -36.46 1.94
C PRO B 91 4.74 -36.76 2.41
N ALA B 92 4.83 -37.77 3.26
CA ALA B 92 6.08 -38.46 3.53
C ALA B 92 6.30 -39.38 2.34
N LEU B 93 6.97 -38.87 1.33
CA LEU B 93 7.01 -39.51 0.01
C LEU B 93 7.59 -40.93 0.04
N GLY B 94 8.53 -41.18 0.94
CA GLY B 94 9.15 -42.49 1.04
C GLY B 94 8.19 -43.60 1.45
N ILE B 95 7.10 -43.25 2.13
CA ILE B 95 6.17 -44.27 2.62
C ILE B 95 4.73 -44.13 2.09
N LEU B 96 4.29 -42.91 1.78
CA LEU B 96 2.91 -42.70 1.39
C LEU B 96 2.77 -41.77 0.19
N PRO B 97 3.27 -42.21 -0.98
CA PRO B 97 3.24 -41.35 -2.16
C PRO B 97 1.83 -41.11 -2.68
N PRO B 98 1.60 -39.96 -3.32
CA PRO B 98 0.31 -39.67 -3.96
C PRO B 98 0.08 -40.56 -5.17
N GLU B 99 -1.18 -40.73 -5.57
CA GLU B 99 -1.56 -41.61 -6.66
C GLU B 99 -0.81 -41.32 -7.96
N ASN B 100 -0.57 -40.04 -8.22
CA ASN B 100 0.03 -39.63 -9.49
C ASN B 100 1.55 -39.50 -9.44
N PHE B 101 2.17 -40.01 -8.38
CA PHE B 101 3.59 -39.80 -8.14
C PHE B 101 4.44 -40.31 -9.30
N VAL B 102 4.17 -41.54 -9.76
CA VAL B 102 4.99 -42.12 -10.82
C VAL B 102 4.71 -41.41 -12.15
N GLU B 103 3.44 -41.16 -12.44
CA GLU B 103 3.08 -40.52 -13.71
C GLU B 103 3.63 -39.10 -13.81
N LYS B 104 3.62 -38.36 -12.70
CA LYS B 104 4.20 -37.02 -12.70
C LYS B 104 5.72 -37.09 -12.87
N LEU B 105 6.35 -38.13 -12.33
CA LEU B 105 7.79 -38.34 -12.54
C LEU B 105 8.07 -38.64 -14.02
N ARG B 106 7.18 -39.40 -14.65
CA ARG B 106 7.32 -39.69 -16.08
C ARG B 106 7.21 -38.41 -16.91
N GLU B 107 6.30 -37.52 -16.51
CA GLU B 107 6.08 -36.26 -17.22
C GLU B 107 7.24 -35.30 -17.04
N SER B 108 8.00 -35.50 -15.98
CA SER B 108 9.07 -34.56 -15.62
C SER B 108 10.44 -35.19 -15.68
N LEU B 109 10.97 -35.57 -14.52
CA LEU B 109 12.36 -35.98 -14.40
C LEU B 109 12.74 -37.18 -15.27
N LEU B 110 11.89 -38.19 -15.34
CA LEU B 110 12.24 -39.38 -16.10
C LEU B 110 12.35 -39.08 -17.61
N SER B 111 11.65 -38.05 -18.05
CA SER B 111 11.65 -37.67 -19.47
C SER B 111 12.96 -37.01 -19.89
N VAL B 112 13.82 -36.72 -18.93
CA VAL B 112 15.12 -36.12 -19.22
C VAL B 112 16.26 -36.86 -18.52
N ALA B 113 16.05 -38.14 -18.27
CA ALA B 113 17.07 -38.95 -17.62
C ALA B 113 18.35 -38.98 -18.45
N PRO B 114 19.51 -38.87 -17.80
CA PRO B 114 20.80 -38.99 -18.49
C PRO B 114 21.02 -40.41 -18.99
N LYS B 115 21.93 -40.57 -19.94
CA LYS B 115 22.21 -41.89 -20.50
C LYS B 115 22.77 -42.85 -19.46
N GLY B 116 22.26 -44.08 -19.46
CA GLY B 116 22.78 -45.14 -18.62
C GLY B 116 22.24 -45.18 -17.21
N MET B 117 21.43 -44.19 -16.84
CA MET B 117 20.92 -44.10 -15.47
C MET B 117 19.40 -44.30 -15.41
N SER B 118 18.99 -45.50 -15.00
CA SER B 118 17.57 -45.84 -14.98
C SER B 118 16.91 -45.53 -13.63
N GLN B 119 17.74 -45.25 -12.62
CA GLN B 119 17.23 -45.04 -11.26
C GLN B 119 17.11 -43.55 -10.93
N LEU B 120 16.16 -43.23 -10.04
CA LEU B 120 15.95 -41.84 -9.62
C LEU B 120 15.43 -41.78 -8.18
N ILE B 121 16.05 -40.96 -7.37
CA ILE B 121 15.55 -40.63 -6.03
C ILE B 121 15.42 -39.12 -5.96
N THR B 122 14.35 -38.64 -5.35
CA THR B 122 14.16 -37.19 -5.22
C THR B 122 14.62 -36.69 -3.84
N MET B 123 15.05 -35.43 -3.80
CA MET B 123 15.50 -34.77 -2.58
C MET B 123 15.04 -33.32 -2.64
N ALA B 124 15.07 -32.60 -1.52
CA ALA B 124 14.53 -31.24 -1.52
C ALA B 124 15.54 -30.15 -1.93
N CYS B 125 16.84 -30.41 -1.83
CA CYS B 125 17.81 -29.40 -2.26
C CYS B 125 19.10 -30.01 -2.77
N GLY B 126 20.02 -29.15 -3.20
CA GLY B 126 21.28 -29.61 -3.76
C GLY B 126 22.16 -30.30 -2.74
N SER B 127 22.11 -29.82 -1.50
CA SER B 127 22.97 -30.37 -0.46
C SER B 127 22.56 -31.79 -0.05
N CYS B 128 21.28 -32.03 0.19
CA CYS B 128 20.89 -33.39 0.55
C CYS B 128 20.93 -34.30 -0.69
N SER B 129 20.88 -33.72 -1.88
CA SER B 129 21.10 -34.50 -3.10
C SER B 129 22.51 -35.07 -3.08
N ASN B 130 23.49 -34.19 -2.89
CA ASN B 130 24.88 -34.63 -2.85
C ASN B 130 25.20 -35.52 -1.64
N GLU B 131 24.67 -35.18 -0.46
CA GLU B 131 24.91 -35.99 0.72
C GLU B 131 24.44 -37.42 0.50
N ASN B 132 23.26 -37.55 -0.07
CA ASN B 132 22.69 -38.87 -0.26
C ASN B 132 23.33 -39.59 -1.44
N ALA B 133 23.86 -38.82 -2.38
CA ALA B 133 24.66 -39.43 -3.45
C ALA B 133 25.94 -40.02 -2.87
N PHE B 134 26.56 -39.30 -1.93
CA PHE B 134 27.74 -39.82 -1.23
C PHE B 134 27.40 -41.14 -0.55
N LYS B 135 26.31 -41.14 0.21
CA LYS B 135 25.93 -42.35 0.94
C LYS B 135 25.62 -43.51 0.01
N THR B 136 24.96 -43.23 -1.11
CA THR B 136 24.65 -44.25 -2.11
C THR B 136 25.94 -44.87 -2.66
N ILE B 137 26.96 -44.04 -2.83
CA ILE B 137 28.25 -44.49 -3.32
C ILE B 137 28.99 -45.31 -2.26
N PHE B 138 28.95 -44.87 -1.01
CA PHE B 138 29.62 -45.60 0.06
C PHE B 138 29.01 -47.00 0.21
N MET B 139 27.68 -47.06 0.19
N MET B 139 27.69 -47.10 0.15
CA MET B 139 26.97 -48.32 0.30
CA MET B 139 27.05 -48.41 0.35
C MET B 139 27.31 -49.27 -0.85
C MET B 139 27.16 -49.30 -0.89
N TRP B 140 27.39 -48.70 -2.05
CA TRP B 140 27.70 -49.46 -3.26
C TRP B 140 29.11 -50.03 -3.17
N TYR B 141 30.03 -49.24 -2.64
CA TYR B 141 31.42 -49.68 -2.53
C TYR B 141 31.56 -50.80 -1.48
N ARG B 142 30.92 -50.66 -0.33
CA ARG B 142 30.94 -51.72 0.67
C ARG B 142 30.28 -52.98 0.11
N SER B 143 29.26 -52.80 -0.73
CA SER B 143 28.57 -53.93 -1.33
C SER B 143 29.52 -54.72 -2.23
N LYS B 144 30.32 -54.00 -3.01
CA LYS B 144 31.35 -54.63 -3.84
C LYS B 144 32.31 -55.45 -3.00
N GLU B 145 32.74 -54.88 -1.88
CA GLU B 145 33.72 -55.52 -1.02
C GLU B 145 33.17 -56.73 -0.26
N ARG B 146 31.93 -56.65 0.21
CA ARG B 146 31.39 -57.75 1.01
C ARG B 146 30.62 -58.76 0.17
N GLY B 147 30.32 -58.38 -1.08
CA GLY B 147 29.56 -59.23 -1.97
C GLY B 147 28.16 -59.51 -1.46
N GLU B 148 27.59 -60.62 -1.90
CA GLU B 148 26.26 -61.02 -1.47
C GLU B 148 26.31 -61.69 -0.11
N SER B 149 26.76 -60.94 0.89
CA SER B 149 26.88 -61.42 2.26
C SER B 149 26.08 -60.50 3.19
N ALA B 150 25.65 -61.05 4.32
CA ALA B 150 24.93 -60.23 5.30
C ALA B 150 25.89 -59.29 6.02
N PHE B 151 25.35 -58.24 6.63
CA PHE B 151 26.14 -57.40 7.53
C PHE B 151 26.69 -58.27 8.65
N SER B 152 27.94 -58.06 9.03
CA SER B 152 28.51 -58.81 10.15
C SER B 152 27.99 -58.25 11.47
N LYS B 153 28.06 -59.07 12.52
CA LYS B 153 27.60 -58.65 13.84
C LYS B 153 28.44 -57.49 14.33
N GLU B 154 29.74 -57.57 14.07
CA GLU B 154 30.68 -56.52 14.45
C GLU B 154 30.38 -55.19 13.75
N GLU B 155 30.00 -55.27 12.48
CA GLU B 155 29.64 -54.08 11.71
C GLU B 155 28.39 -53.43 12.27
N LEU B 156 27.40 -54.26 12.56
CA LEU B 156 26.12 -53.78 13.09
C LEU B 156 26.26 -53.16 14.46
N GLU B 157 27.24 -53.61 15.22
CA GLU B 157 27.45 -53.08 16.56
C GLU B 157 28.30 -51.82 16.56
N THR B 158 29.32 -51.79 15.71
CA THR B 158 30.22 -50.64 15.70
C THR B 158 29.63 -49.43 14.98
N CYS B 159 28.75 -49.66 14.00
CA CYS B 159 28.19 -48.53 13.26
C CYS B 159 27.32 -47.66 14.17
N MET B 160 26.70 -48.26 15.17
CA MET B 160 25.85 -47.55 16.11
C MET B 160 26.64 -46.59 17.00
N ILE B 161 27.95 -46.81 17.11
CA ILE B 161 28.77 -45.93 17.93
C ILE B 161 29.90 -45.28 17.11
N ASN B 162 29.64 -45.08 15.82
CA ASN B 162 30.50 -44.30 14.95
C ASN B 162 31.90 -44.89 14.78
N GLN B 163 32.00 -46.21 14.82
CA GLN B 163 33.30 -46.88 14.74
C GLN B 163 33.40 -47.81 13.54
N ALA B 164 34.62 -47.98 13.04
CA ALA B 164 34.90 -49.02 12.04
C ALA B 164 34.78 -50.40 12.68
N PRO B 165 34.47 -51.45 11.89
CA PRO B 165 34.25 -51.49 10.45
C PRO B 165 32.84 -51.08 10.01
N GLY B 166 31.93 -50.91 10.96
CA GLY B 166 30.57 -50.51 10.63
C GLY B 166 30.52 -49.18 9.91
N CYS B 167 31.37 -48.25 10.38
CA CYS B 167 31.54 -46.95 9.73
C CYS B 167 32.91 -46.91 9.07
N PRO B 168 32.96 -47.19 7.76
CA PRO B 168 34.26 -47.25 7.07
C PRO B 168 34.92 -45.88 6.96
N ASP B 169 36.24 -45.88 6.73
CA ASP B 169 36.98 -44.64 6.61
C ASP B 169 37.16 -44.27 5.13
N TYR B 170 36.11 -44.51 4.35
CA TYR B 170 36.26 -44.20 2.93
CA TYR B 170 36.03 -44.19 2.91
C TYR B 170 36.13 -42.70 2.66
N SER B 171 36.55 -42.32 1.47
CA SER B 171 36.62 -40.91 1.10
C SER B 171 35.97 -40.63 -0.25
N ILE B 172 35.63 -39.36 -0.46
CA ILE B 172 35.19 -38.86 -1.76
C ILE B 172 36.24 -37.87 -2.25
N LEU B 173 36.71 -38.05 -3.48
CA LEU B 173 37.70 -37.13 -4.04
C LEU B 173 36.99 -35.92 -4.67
N SER B 174 37.48 -34.72 -4.35
CA SER B 174 36.90 -33.49 -4.89
C SER B 174 38.00 -32.58 -5.41
N PHE B 175 37.61 -31.46 -6.01
CA PHE B 175 38.57 -30.57 -6.65
C PHE B 175 38.66 -29.20 -5.97
N MET B 176 39.85 -28.62 -5.98
CA MET B 176 40.01 -27.24 -5.54
C MET B 176 39.09 -26.36 -6.40
N GLY B 177 38.44 -25.38 -5.78
CA GLY B 177 37.52 -24.52 -6.49
C GLY B 177 36.09 -25.05 -6.53
N ALA B 178 35.89 -26.25 -6.03
CA ALA B 178 34.57 -26.88 -6.08
C ALA B 178 33.56 -26.26 -5.13
N PHE B 179 32.28 -26.36 -5.49
CA PHE B 179 31.21 -26.07 -4.55
C PHE B 179 30.11 -27.12 -4.68
N HIS B 180 29.82 -27.81 -3.59
CA HIS B 180 28.88 -28.92 -3.62
C HIS B 180 27.83 -28.84 -2.51
N GLY B 181 27.87 -27.77 -1.73
CA GLY B 181 26.93 -27.59 -0.64
C GLY B 181 27.61 -27.35 0.69
N ARG B 182 26.82 -27.11 1.74
CA ARG B 182 27.38 -26.64 3.00
C ARG B 182 27.03 -27.47 4.23
N THR B 183 26.22 -28.52 4.05
CA THR B 183 26.06 -29.49 5.13
C THR B 183 27.43 -30.20 5.27
N MET B 184 27.70 -30.81 6.42
CA MET B 184 29.09 -31.15 6.74
C MET B 184 29.75 -32.17 5.81
N GLY B 185 28.95 -33.04 5.19
CA GLY B 185 29.48 -33.95 4.18
C GLY B 185 29.85 -33.21 2.91
N CYS B 186 28.88 -32.49 2.35
CA CYS B 186 29.11 -31.61 1.19
C CYS B 186 30.28 -30.66 1.40
N LEU B 187 30.32 -30.05 2.57
CA LEU B 187 31.29 -29.00 2.84
C LEU B 187 32.70 -29.53 2.76
N ALA B 188 32.88 -30.81 3.09
CA ALA B 188 34.18 -31.44 2.99
C ALA B 188 34.68 -31.49 1.54
N THR B 189 33.77 -31.50 0.57
CA THR B 189 34.13 -31.57 -0.84
C THR B 189 34.06 -30.20 -1.51
N THR B 190 33.77 -29.18 -0.70
CA THR B 190 33.67 -27.81 -1.19
C THR B 190 34.97 -27.08 -0.91
N HIS B 191 35.47 -26.35 -1.90
CA HIS B 191 36.73 -25.62 -1.75
C HIS B 191 36.67 -24.32 -2.53
N SER B 192 35.67 -23.50 -2.18
CA SER B 192 35.37 -22.28 -2.92
C SER B 192 36.00 -21.04 -2.27
N LYS B 193 35.54 -20.72 -1.06
CA LYS B 193 36.02 -19.55 -0.32
C LYS B 193 36.24 -19.93 1.13
N ALA B 194 37.25 -19.32 1.76
CA ALA B 194 37.59 -19.64 3.15
C ALA B 194 36.42 -19.40 4.11
N ILE B 195 35.62 -18.37 3.83
CA ILE B 195 34.54 -18.01 4.75
C ILE B 195 33.45 -19.10 4.77
N HIS B 196 33.38 -19.89 3.70
CA HIS B 196 32.47 -21.04 3.66
C HIS B 196 32.92 -22.17 4.58
N LYS B 197 34.23 -22.25 4.81
CA LYS B 197 34.84 -23.45 5.41
C LYS B 197 35.35 -23.25 6.83
N ILE B 198 35.75 -22.03 7.18
CA ILE B 198 36.52 -21.82 8.39
C ILE B 198 35.71 -22.10 9.67
N ASP B 199 36.39 -22.73 10.63
CA ASP B 199 35.86 -23.10 11.95
C ASP B 199 34.92 -24.32 11.94
N ILE B 200 34.72 -24.94 10.77
CA ILE B 200 33.87 -26.13 10.69
C ILE B 200 34.69 -27.42 10.53
N PRO B 201 34.43 -28.41 11.40
CA PRO B 201 35.11 -29.70 11.31
C PRO B 201 34.91 -30.34 9.94
N SER B 202 35.90 -31.12 9.50
CA SER B 202 35.88 -31.63 8.13
C SER B 202 36.30 -33.10 8.06
N PHE B 203 36.52 -33.58 6.83
CA PHE B 203 37.00 -34.93 6.58
C PHE B 203 38.35 -34.87 5.86
N ASP B 204 39.29 -35.73 6.26
CA ASP B 204 40.53 -35.88 5.53
C ASP B 204 40.28 -36.68 4.26
N TRP B 205 39.77 -35.98 3.24
CA TRP B 205 39.50 -36.57 1.94
C TRP B 205 40.43 -35.94 0.90
N PRO B 206 40.75 -36.66 -0.19
CA PRO B 206 41.71 -36.10 -1.14
C PRO B 206 41.16 -34.94 -1.96
N ILE B 207 42.01 -33.94 -2.19
CA ILE B 207 41.62 -32.76 -2.94
C ILE B 207 42.55 -32.56 -4.14
N ALA B 208 42.01 -32.68 -5.34
CA ALA B 208 42.78 -32.58 -6.57
C ALA B 208 42.70 -31.18 -7.17
N PRO B 209 43.71 -30.78 -7.95
CA PRO B 209 43.63 -29.49 -8.65
C PRO B 209 42.69 -29.57 -9.85
N PHE B 210 41.89 -28.52 -10.04
CA PHE B 210 41.08 -28.39 -11.24
C PHE B 210 41.83 -27.51 -12.22
N PRO B 211 41.80 -27.85 -13.52
CA PRO B 211 42.55 -27.11 -14.54
C PRO B 211 42.26 -25.62 -14.55
N ARG B 212 43.32 -24.80 -14.57
CA ARG B 212 43.14 -23.37 -14.80
C ARG B 212 43.56 -23.04 -16.23
N LEU B 213 42.57 -22.93 -17.10
CA LEU B 213 42.84 -22.65 -18.51
C LEU B 213 43.38 -21.23 -18.70
N LYS B 214 44.21 -21.08 -19.74
CA LYS B 214 44.75 -19.76 -20.10
C LYS B 214 44.01 -19.25 -21.33
N TYR B 215 43.77 -17.94 -21.36
CA TYR B 215 42.98 -17.33 -22.43
C TYR B 215 43.78 -16.26 -23.18
N PRO B 216 43.46 -16.05 -24.47
CA PRO B 216 42.43 -16.75 -25.26
C PRO B 216 42.82 -18.19 -25.58
N LEU B 217 41.82 -19.05 -25.76
CA LEU B 217 42.03 -20.49 -25.85
C LEU B 217 42.89 -20.92 -27.03
N GLU B 218 42.73 -20.27 -28.18
CA GLU B 218 43.44 -20.69 -29.37
C GLU B 218 44.92 -20.26 -29.38
N GLU B 219 45.34 -19.51 -28.37
CA GLU B 219 46.74 -19.13 -28.27
C GLU B 219 47.46 -20.06 -27.28
N PHE B 220 46.69 -20.73 -26.44
CA PHE B 220 47.28 -21.60 -25.41
C PHE B 220 46.82 -23.06 -25.49
N VAL B 221 46.66 -23.59 -26.70
CA VAL B 221 46.19 -24.96 -26.89
C VAL B 221 47.08 -25.98 -26.19
N LYS B 222 48.39 -25.89 -26.41
CA LYS B 222 49.34 -26.84 -25.84
C LYS B 222 49.44 -26.69 -24.33
N GLU B 223 49.54 -25.46 -23.86
CA GLU B 223 49.64 -25.17 -22.44
C GLU B 223 48.44 -25.69 -21.67
N ASN B 224 47.25 -25.56 -22.27
CA ASN B 224 46.02 -25.99 -21.61
C ASN B 224 45.87 -27.51 -21.58
N GLN B 225 46.29 -28.18 -22.64
CA GLN B 225 46.25 -29.64 -22.64
C GLN B 225 47.24 -30.18 -21.61
N GLN B 226 48.37 -29.50 -21.45
CA GLN B 226 49.38 -29.90 -20.48
C GLN B 226 48.89 -29.66 -19.06
N GLU B 227 48.18 -28.55 -18.88
CA GLU B 227 47.57 -28.24 -17.60
C GLU B 227 46.54 -29.30 -17.21
N GLU B 228 45.69 -29.67 -18.16
CA GLU B 228 44.68 -30.70 -17.93
C GLU B 228 45.35 -32.05 -17.66
N ALA B 229 46.42 -32.35 -18.39
CA ALA B 229 47.13 -33.60 -18.22
C ALA B 229 47.75 -33.69 -16.83
N ARG B 230 48.34 -32.60 -16.37
CA ARG B 230 48.92 -32.53 -15.03
C ARG B 230 47.87 -32.80 -13.95
N CYS B 231 46.69 -32.24 -14.13
CA CYS B 231 45.65 -32.39 -13.12
C CYS B 231 45.15 -33.84 -13.07
N LEU B 232 44.96 -34.44 -14.25
CA LEU B 232 44.53 -35.83 -14.34
C LEU B 232 45.52 -36.78 -13.68
N GLU B 233 46.82 -36.49 -13.84
CA GLU B 233 47.84 -37.31 -13.21
C GLU B 233 47.74 -37.21 -11.69
N GLU B 234 47.51 -36.00 -11.19
CA GLU B 234 47.44 -35.79 -9.74
C GLU B 234 46.20 -36.45 -9.15
N VAL B 235 45.13 -36.54 -9.93
CA VAL B 235 43.94 -37.24 -9.46
C VAL B 235 44.28 -38.71 -9.23
N GLU B 236 44.94 -39.31 -10.21
CA GLU B 236 45.29 -40.72 -10.14
C GLU B 236 46.28 -40.99 -9.00
N ASP B 237 47.23 -40.08 -8.81
CA ASP B 237 48.18 -40.21 -7.70
C ASP B 237 47.48 -40.15 -6.34
N LEU B 238 46.47 -39.29 -6.25
CA LEU B 238 45.72 -39.13 -5.00
C LEU B 238 44.93 -40.38 -4.66
N ILE B 239 44.32 -40.98 -5.67
CA ILE B 239 43.53 -42.19 -5.50
C ILE B 239 44.43 -43.31 -4.94
N VAL B 240 45.62 -43.45 -5.51
CA VAL B 240 46.57 -44.46 -5.07
C VAL B 240 47.06 -44.15 -3.65
N LYS B 241 47.38 -42.89 -3.40
CA LYS B 241 47.87 -42.46 -2.10
C LYS B 241 46.87 -42.72 -0.98
N TYR B 242 45.58 -42.44 -1.24
CA TYR B 242 44.59 -42.59 -0.18
C TYR B 242 44.18 -44.05 0.02
N ARG B 243 44.34 -44.89 -1.00
CA ARG B 243 44.12 -46.31 -0.78
C ARG B 243 45.20 -46.86 0.16
N LYS B 244 46.43 -46.37 -0.01
CA LYS B 244 47.52 -46.77 0.87
C LYS B 244 47.28 -46.31 2.31
N LYS B 245 46.60 -45.18 2.46
CA LYS B 245 46.30 -44.63 3.78
C LYS B 245 45.10 -45.31 4.44
N LYS B 246 44.60 -46.37 3.81
CA LYS B 246 43.39 -47.06 4.26
C LYS B 246 42.20 -46.10 4.30
N LYS B 247 42.17 -45.17 3.36
CA LYS B 247 41.07 -44.22 3.22
C LYS B 247 40.55 -44.26 1.79
N THR B 248 40.20 -45.47 1.34
CA THR B 248 39.82 -45.74 -0.03
C THR B 248 38.85 -44.73 -0.63
N VAL B 249 39.21 -44.19 -1.79
CA VAL B 249 38.35 -43.29 -2.53
C VAL B 249 37.22 -44.09 -3.15
N ALA B 250 36.01 -43.92 -2.61
CA ALA B 250 34.85 -44.65 -3.11
C ALA B 250 34.22 -43.94 -4.30
N GLY B 251 34.47 -42.65 -4.41
CA GLY B 251 33.87 -41.87 -5.48
C GLY B 251 34.59 -40.56 -5.74
N ILE B 252 34.33 -40.02 -6.94
CA ILE B 252 34.85 -38.72 -7.35
C ILE B 252 33.68 -37.82 -7.73
N ILE B 253 33.64 -36.62 -7.14
CA ILE B 253 32.60 -35.65 -7.50
C ILE B 253 33.22 -34.47 -8.23
N VAL B 254 32.53 -33.99 -9.26
CA VAL B 254 32.98 -32.84 -10.02
C VAL B 254 31.80 -32.11 -10.67
N GLU B 255 31.93 -30.80 -10.82
CA GLU B 255 30.97 -30.01 -11.61
C GLU B 255 31.48 -29.95 -13.05
N PRO B 256 30.56 -30.02 -14.04
CA PRO B 256 30.97 -29.86 -15.44
C PRO B 256 31.58 -28.48 -15.73
N ILE B 257 31.12 -27.49 -14.98
CA ILE B 257 31.72 -26.16 -14.93
C ILE B 257 31.68 -25.72 -13.47
N GLN B 258 32.83 -25.39 -12.89
CA GLN B 258 32.86 -24.95 -11.49
C GLN B 258 32.25 -23.57 -11.35
N SER B 259 31.18 -23.43 -10.58
CA SER B 259 30.47 -22.16 -10.52
C SER B 259 30.95 -21.19 -9.43
N GLU B 260 30.59 -21.58 -8.23
CA GLU B 260 31.05 -20.63 -7.07
CA GLU B 260 31.07 -20.77 -7.16
C GLU B 260 32.60 -20.37 -6.94
N GLY B 261 33.33 -21.40 -7.39
CA GLY B 261 34.78 -21.29 -7.41
C GLY B 261 35.32 -20.27 -8.40
N GLY B 262 34.48 -19.80 -9.32
CA GLY B 262 34.88 -18.76 -10.26
C GLY B 262 34.75 -19.10 -11.73
N ASP B 263 33.66 -19.79 -12.07
CA ASP B 263 33.39 -20.24 -13.44
C ASP B 263 34.61 -20.82 -14.14
N ASN B 264 35.14 -21.90 -13.56
CA ASN B 264 36.30 -22.59 -14.12
C ASN B 264 35.89 -23.66 -15.11
N HIS B 265 36.39 -23.55 -16.33
CA HIS B 265 36.06 -24.49 -17.39
C HIS B 265 37.20 -25.48 -17.63
N ALA B 266 36.86 -26.60 -18.25
CA ALA B 266 37.85 -27.56 -18.74
C ALA B 266 37.29 -28.20 -20.00
N SER B 267 38.17 -28.78 -20.81
CA SER B 267 37.74 -29.37 -22.07
C SER B 267 36.88 -30.61 -21.84
N ASP B 268 36.06 -30.96 -22.84
CA ASP B 268 35.31 -32.20 -22.80
C ASP B 268 36.26 -33.39 -22.70
N ASP B 269 37.41 -33.28 -23.34
CA ASP B 269 38.43 -34.32 -23.30
C ASP B 269 38.89 -34.62 -21.88
N PHE B 270 39.05 -33.56 -21.08
CA PHE B 270 39.45 -33.70 -19.68
C PHE B 270 38.44 -34.54 -18.91
N PHE B 271 37.16 -34.26 -19.11
CA PHE B 271 36.11 -34.95 -18.37
C PHE B 271 35.94 -36.40 -18.83
N ARG B 272 36.11 -36.64 -20.13
CA ARG B 272 36.11 -38.02 -20.64
C ARG B 272 37.24 -38.83 -20.02
N LYS B 273 38.43 -38.23 -19.95
CA LYS B 273 39.58 -38.89 -19.36
C LYS B 273 39.43 -39.07 -17.85
N LEU B 274 38.75 -38.12 -17.21
CA LEU B 274 38.50 -38.22 -15.77
C LEU B 274 37.51 -39.35 -15.48
N ARG B 275 36.49 -39.45 -16.32
CA ARG B 275 35.50 -40.53 -16.25
C ARG B 275 36.20 -41.88 -16.33
N ASP B 276 37.15 -42.00 -17.24
CA ASP B 276 37.90 -43.24 -17.42
C ASP B 276 38.76 -43.57 -16.21
N ILE B 277 39.43 -42.55 -15.68
CA ILE B 277 40.23 -42.73 -14.47
C ILE B 277 39.37 -43.26 -13.33
N SER B 278 38.16 -42.71 -13.21
CA SER B 278 37.23 -43.13 -12.17
C SER B 278 36.89 -44.62 -12.32
N ARG B 279 36.49 -45.01 -13.52
N ARG B 279 36.51 -45.00 -13.54
CA ARG B 279 36.16 -46.40 -13.80
CA ARG B 279 36.15 -46.38 -13.85
C ARG B 279 37.35 -47.31 -13.52
C ARG B 279 37.32 -47.34 -13.64
N LYS B 280 38.52 -46.88 -13.99
CA LYS B 280 39.74 -47.68 -13.87
C LYS B 280 40.07 -48.05 -12.42
N HIS B 281 39.76 -47.16 -11.47
CA HIS B 281 40.10 -47.39 -10.07
C HIS B 281 38.91 -47.83 -9.21
N GLY B 282 37.79 -48.16 -9.85
CA GLY B 282 36.62 -48.62 -9.14
C GLY B 282 35.95 -47.51 -8.32
N CYS B 283 36.18 -46.27 -8.73
CA CYS B 283 35.54 -45.12 -8.11
C CYS B 283 34.24 -44.77 -8.82
N ALA B 284 33.19 -44.50 -8.05
CA ALA B 284 31.95 -44.03 -8.63
C ALA B 284 32.18 -42.61 -9.13
N PHE B 285 31.69 -42.30 -10.31
CA PHE B 285 31.83 -40.96 -10.87
C PHE B 285 30.55 -40.19 -10.63
N LEU B 286 30.63 -39.18 -9.76
CA LEU B 286 29.47 -38.38 -9.38
C LEU B 286 29.54 -36.99 -10.03
N VAL B 287 28.61 -36.70 -10.92
CA VAL B 287 28.59 -35.40 -11.59
C VAL B 287 27.53 -34.50 -10.95
N ASP B 288 27.96 -33.34 -10.48
CA ASP B 288 27.08 -32.38 -9.81
C ASP B 288 26.55 -31.38 -10.83
N GLU B 289 25.30 -31.57 -11.27
CA GLU B 289 24.68 -30.64 -12.21
C GLU B 289 23.64 -29.75 -11.53
N VAL B 290 23.84 -29.49 -10.24
CA VAL B 290 22.92 -28.64 -9.49
C VAL B 290 22.81 -27.26 -10.14
N GLN B 291 23.94 -26.72 -10.62
CA GLN B 291 23.92 -25.39 -11.23
C GLN B 291 23.98 -25.44 -12.76
N THR B 292 24.72 -26.41 -13.31
CA THR B 292 24.81 -26.50 -14.77
C THR B 292 23.57 -27.13 -15.41
N GLY B 293 22.82 -27.89 -14.63
CA GLY B 293 21.66 -28.60 -15.16
C GLY B 293 20.49 -27.69 -15.44
N GLY B 294 19.63 -28.09 -16.38
CA GLY B 294 18.45 -27.31 -16.67
C GLY B 294 18.48 -26.61 -18.01
N GLY B 295 19.59 -26.72 -18.73
CA GLY B 295 19.62 -26.32 -20.12
C GLY B 295 20.33 -25.04 -20.55
N SER B 296 20.92 -24.29 -19.62
CA SER B 296 21.52 -23.02 -19.99
CA SER B 296 21.54 -23.01 -19.98
C SER B 296 22.78 -23.18 -20.85
N THR B 297 23.43 -24.34 -20.77
CA THR B 297 24.62 -24.57 -21.59
C THR B 297 24.25 -24.97 -23.03
N GLY B 298 22.96 -25.07 -23.31
CA GLY B 298 22.52 -25.44 -24.65
C GLY B 298 22.07 -26.89 -24.78
N LYS B 299 22.44 -27.72 -23.80
CA LYS B 299 21.91 -29.06 -23.69
C LYS B 299 21.30 -29.18 -22.31
N PHE B 300 20.35 -30.10 -22.11
CA PHE B 300 19.64 -30.14 -20.83
C PHE B 300 20.61 -30.35 -19.67
N TRP B 301 21.45 -31.37 -19.77
CA TRP B 301 22.54 -31.54 -18.82
C TRP B 301 23.87 -31.18 -19.49
N ALA B 302 24.71 -30.45 -18.77
CA ALA B 302 25.98 -29.98 -19.35
C ALA B 302 26.91 -31.13 -19.74
N HIS B 303 26.84 -32.25 -19.01
CA HIS B 303 27.73 -33.38 -19.30
C HIS B 303 27.41 -33.99 -20.66
N GLU B 304 26.23 -33.66 -21.22
CA GLU B 304 25.84 -34.17 -22.53
C GLU B 304 26.83 -33.74 -23.61
N HIS B 305 27.52 -32.63 -23.38
CA HIS B 305 28.52 -32.13 -24.32
C HIS B 305 29.71 -33.09 -24.46
N TRP B 306 29.92 -33.95 -23.47
CA TRP B 306 31.07 -34.87 -23.48
C TRP B 306 30.87 -35.98 -24.51
N GLY B 307 29.62 -36.19 -24.92
CA GLY B 307 29.29 -37.20 -25.92
C GLY B 307 29.54 -38.63 -25.49
N LEU B 308 29.32 -38.93 -24.22
CA LEU B 308 29.55 -40.28 -23.69
C LEU B 308 28.26 -41.09 -23.49
N ASP B 309 28.29 -42.36 -23.87
CA ASP B 309 27.17 -43.25 -23.61
C ASP B 309 27.14 -43.65 -22.14
N ASP B 310 28.28 -43.53 -21.48
CA ASP B 310 28.42 -43.81 -20.05
C ASP B 310 29.10 -42.63 -19.36
N PRO B 311 28.37 -41.52 -19.19
CA PRO B 311 28.97 -40.27 -18.70
C PRO B 311 29.29 -40.29 -17.21
N ALA B 312 28.52 -41.06 -16.45
CA ALA B 312 28.66 -41.05 -15.00
C ALA B 312 27.86 -42.17 -14.35
N ASP B 313 28.10 -42.37 -13.06
CA ASP B 313 27.37 -43.37 -12.29
C ASP B 313 26.21 -42.74 -11.55
N VAL B 314 26.42 -41.52 -11.09
CA VAL B 314 25.42 -40.79 -10.32
C VAL B 314 25.43 -39.33 -10.80
N MET B 315 24.26 -38.70 -10.89
CA MET B 315 24.20 -37.28 -11.25
C MET B 315 23.17 -36.54 -10.39
N THR B 316 23.62 -35.51 -9.67
CA THR B 316 22.73 -34.74 -8.81
C THR B 316 22.21 -33.49 -9.52
N PHE B 317 21.11 -32.96 -9.01
CA PHE B 317 20.48 -31.78 -9.61
C PHE B 317 19.66 -31.06 -8.56
N SER B 318 19.32 -29.80 -8.84
CA SER B 318 18.43 -28.99 -8.02
C SER B 318 18.19 -27.65 -8.73
N LYS B 319 18.00 -26.58 -7.97
CA LYS B 319 17.85 -25.23 -8.50
C LYS B 319 16.81 -25.14 -9.62
N LYS B 320 17.24 -25.02 -10.87
CA LYS B 320 16.31 -24.91 -12.00
C LYS B 320 15.29 -26.04 -12.07
N MET B 321 15.66 -27.21 -11.56
CA MET B 321 14.78 -28.38 -11.60
C MET B 321 13.70 -28.33 -10.52
N MET B 322 13.70 -27.25 -9.73
CA MET B 322 12.66 -26.99 -8.72
CA MET B 322 12.73 -26.95 -8.68
C MET B 322 12.77 -27.95 -7.53
N THR B 323 12.86 -29.24 -7.84
CA THR B 323 13.14 -30.25 -6.83
C THR B 323 14.59 -30.66 -6.99
N GLY B 324 15.15 -31.28 -5.95
CA GLY B 324 16.45 -31.90 -6.05
C GLY B 324 16.32 -33.40 -6.25
N GLY B 325 17.44 -34.10 -6.23
CA GLY B 325 17.44 -35.55 -6.37
C GLY B 325 18.69 -36.00 -7.11
N PHE B 326 18.75 -37.27 -7.45
CA PHE B 326 19.84 -37.74 -8.30
C PHE B 326 19.43 -38.94 -9.12
N PHE B 327 19.88 -38.97 -10.37
CA PHE B 327 19.77 -40.16 -11.20
C PHE B 327 20.96 -41.05 -10.90
N HIS B 328 20.81 -42.36 -11.09
CA HIS B 328 21.98 -43.23 -10.95
C HIS B 328 21.81 -44.54 -11.70
N LYS B 329 22.92 -45.23 -11.92
CA LYS B 329 22.88 -46.53 -12.57
C LYS B 329 22.18 -47.55 -11.70
N GLU B 330 21.54 -48.51 -12.35
CA GLU B 330 20.86 -49.60 -11.67
C GLU B 330 21.74 -50.28 -10.61
N GLU B 331 23.03 -50.43 -10.88
CA GLU B 331 23.89 -51.15 -9.94
C GLU B 331 24.11 -50.37 -8.64
N PHE B 332 23.74 -49.10 -8.61
CA PHE B 332 23.89 -48.27 -7.41
C PHE B 332 22.63 -48.23 -6.55
N ARG B 333 21.59 -48.92 -7.00
CA ARG B 333 20.34 -49.01 -6.23
C ARG B 333 20.61 -49.59 -4.84
N PRO B 334 20.14 -48.89 -3.80
CA PRO B 334 20.32 -49.40 -2.43
C PRO B 334 19.69 -50.78 -2.29
N ASN B 335 20.34 -51.66 -1.53
CA ASN B 335 19.90 -53.05 -1.43
C ASN B 335 18.77 -53.26 -0.43
N ALA B 336 18.54 -52.27 0.43
CA ALA B 336 17.51 -52.36 1.45
C ALA B 336 16.85 -50.99 1.66
N PRO B 337 15.58 -50.97 2.08
CA PRO B 337 14.95 -49.67 2.31
C PRO B 337 15.50 -48.99 3.57
N TYR B 338 15.15 -47.73 3.75
CA TYR B 338 15.50 -46.95 4.93
C TYR B 338 17.00 -46.66 5.08
N ARG B 339 17.77 -46.82 3.99
CA ARG B 339 19.18 -46.43 4.02
C ARG B 339 19.35 -45.07 3.39
N ILE B 340 18.67 -44.86 2.26
CA ILE B 340 18.55 -43.54 1.64
C ILE B 340 17.12 -43.08 1.86
N PHE B 341 16.92 -42.14 2.77
CA PHE B 341 15.59 -41.82 3.26
C PHE B 341 15.58 -40.49 4.02
N ASN B 342 14.47 -39.77 3.99
CA ASN B 342 14.19 -38.72 4.98
C ASN B 342 12.69 -38.44 4.94
N THR B 343 12.22 -37.49 5.74
CA THR B 343 10.78 -37.29 5.89
C THR B 343 10.05 -37.01 4.57
N TRP B 344 10.55 -36.07 3.79
CA TRP B 344 9.81 -35.54 2.65
C TRP B 344 10.33 -35.97 1.27
N LEU B 345 11.64 -36.17 1.16
CA LEU B 345 12.26 -36.60 -0.10
C LEU B 345 11.83 -35.76 -1.30
N GLY B 346 11.87 -34.45 -1.12
CA GLY B 346 11.36 -33.54 -2.13
C GLY B 346 9.97 -33.04 -1.74
N ASP B 347 9.15 -32.78 -2.75
CA ASP B 347 7.83 -32.20 -2.56
C ASP B 347 7.06 -32.33 -3.87
N PRO B 348 5.92 -33.04 -3.85
CA PRO B 348 5.12 -33.25 -5.06
C PRO B 348 4.68 -31.94 -5.74
N SER B 349 4.58 -30.85 -4.97
CA SER B 349 4.20 -29.58 -5.57
C SER B 349 5.30 -29.08 -6.49
N LYS B 350 6.56 -29.36 -6.14
CA LYS B 350 7.67 -28.97 -6.99
C LYS B 350 7.68 -29.82 -8.28
N ASN B 351 7.30 -31.08 -8.16
CA ASN B 351 7.21 -31.95 -9.33
C ASN B 351 6.11 -31.50 -10.28
N LEU B 352 5.01 -31.02 -9.70
CA LEU B 352 3.91 -30.47 -10.48
C LEU B 352 4.38 -29.30 -11.34
N LEU B 353 5.10 -28.38 -10.72
CA LEU B 353 5.64 -27.22 -11.42
C LEU B 353 6.70 -27.65 -12.44
N LEU B 354 7.59 -28.55 -12.04
CA LEU B 354 8.66 -29.00 -12.92
C LEU B 354 8.12 -29.63 -14.21
N ALA B 355 7.05 -30.40 -14.10
CA ALA B 355 6.49 -31.05 -15.28
C ALA B 355 6.07 -30.01 -16.32
N GLU B 356 5.50 -28.91 -15.84
CA GLU B 356 5.08 -27.84 -16.74
C GLU B 356 6.30 -27.08 -17.27
N VAL B 357 7.32 -26.91 -16.43
CA VAL B 357 8.54 -26.26 -16.87
C VAL B 357 9.20 -27.03 -18.00
N ILE B 358 9.30 -28.35 -17.82
CA ILE B 358 9.90 -29.20 -18.85
C ILE B 358 9.06 -29.20 -20.12
N ASN B 359 7.73 -29.14 -19.99
CA ASN B 359 6.86 -29.03 -21.14
C ASN B 359 7.12 -27.74 -21.93
N ILE B 360 7.30 -26.63 -21.21
CA ILE B 360 7.57 -25.34 -21.83
C ILE B 360 8.92 -25.34 -22.53
N ILE B 361 9.95 -25.86 -21.85
CA ILE B 361 11.29 -25.94 -22.42
C ILE B 361 11.26 -26.71 -23.74
N LYS B 362 10.50 -27.80 -23.78
CA LYS B 362 10.42 -28.60 -25.00
C LYS B 362 9.58 -27.90 -26.08
N ARG B 363 8.37 -27.46 -25.72
CA ARG B 363 7.48 -26.83 -26.68
C ARG B 363 8.07 -25.59 -27.33
N GLU B 364 8.85 -24.82 -26.57
CA GLU B 364 9.35 -23.55 -27.07
C GLU B 364 10.82 -23.60 -27.47
N ASP B 365 11.38 -24.81 -27.53
CA ASP B 365 12.73 -25.03 -28.04
C ASP B 365 13.75 -24.18 -27.28
N LEU B 366 13.65 -24.18 -25.95
CA LEU B 366 14.47 -23.29 -25.15
C LEU B 366 15.93 -23.72 -25.01
N LEU B 367 16.23 -24.99 -25.30
CA LEU B 367 17.62 -25.46 -25.30
C LEU B 367 18.39 -24.83 -26.46
N SER B 368 17.77 -24.86 -27.64
CA SER B 368 18.35 -24.22 -28.82
C SER B 368 18.49 -22.73 -28.59
N ASN B 369 17.49 -22.14 -27.93
CA ASN B 369 17.50 -20.71 -27.66
C ASN B 369 18.67 -20.32 -26.75
N ALA B 370 18.95 -21.17 -25.76
CA ALA B 370 20.08 -20.93 -24.87
C ALA B 370 21.39 -20.89 -25.64
N ALA B 371 21.58 -21.85 -26.54
CA ALA B 371 22.76 -21.89 -27.39
C ALA B 371 22.87 -20.62 -28.23
N HIS B 372 21.75 -20.21 -28.81
CA HIS B 372 21.73 -19.05 -29.72
C HIS B 372 21.94 -17.74 -28.98
N ALA B 373 21.16 -17.52 -27.92
CA ALA B 373 21.25 -16.29 -27.13
C ALA B 373 22.58 -16.22 -26.43
N GLY B 374 23.11 -17.38 -26.04
CA GLY B 374 24.39 -17.44 -25.37
C GLY B 374 25.53 -17.05 -26.28
N LYS B 375 25.42 -17.42 -27.55
CA LYS B 375 26.46 -17.06 -28.52
C LYS B 375 26.45 -15.54 -28.77
N VAL B 376 25.25 -14.97 -28.88
CA VAL B 376 25.11 -13.52 -28.99
C VAL B 376 25.79 -12.83 -27.81
N LEU B 377 25.51 -13.33 -26.60
CA LEU B 377 26.11 -12.79 -25.39
C LEU B 377 27.63 -12.93 -25.38
N LEU B 378 28.12 -14.13 -25.69
CA LEU B 378 29.56 -14.40 -25.63
C LEU B 378 30.32 -13.61 -26.68
N THR B 379 29.74 -13.51 -27.88
CA THR B 379 30.35 -12.73 -28.96
C THR B 379 30.49 -11.27 -28.53
N GLY B 380 29.44 -10.74 -27.92
CA GLY B 380 29.45 -9.37 -27.42
C GLY B 380 30.48 -9.16 -26.33
N LEU B 381 30.60 -10.14 -25.44
CA LEU B 381 31.59 -10.05 -24.36
C LEU B 381 33.01 -10.05 -24.92
N LEU B 382 33.24 -10.83 -25.97
CA LEU B 382 34.54 -10.88 -26.62
C LEU B 382 34.88 -9.53 -27.27
N ASP B 383 33.87 -8.86 -27.80
CA ASP B 383 34.05 -7.55 -28.40
C ASP B 383 34.44 -6.51 -27.35
N LEU B 384 33.74 -6.51 -26.23
CA LEU B 384 34.04 -5.59 -25.14
C LEU B 384 35.41 -5.90 -24.52
N GLN B 385 35.80 -7.18 -24.56
CA GLN B 385 37.11 -7.59 -24.06
C GLN B 385 38.21 -7.02 -24.95
N ALA B 386 37.97 -7.03 -26.25
CA ALA B 386 38.90 -6.44 -27.22
C ALA B 386 39.00 -4.94 -26.99
N ARG B 387 37.86 -4.31 -26.75
CA ARG B 387 37.79 -2.86 -26.63
C ARG B 387 38.22 -2.35 -25.25
N TYR B 388 38.04 -3.15 -24.22
CA TYR B 388 38.41 -2.74 -22.87
C TYR B 388 39.29 -3.75 -22.13
N PRO B 389 40.49 -4.02 -22.64
CA PRO B 389 41.37 -5.03 -22.03
C PRO B 389 41.83 -4.66 -20.61
N GLN B 390 41.72 -3.39 -20.25
CA GLN B 390 42.12 -2.95 -18.91
C GLN B 390 41.07 -3.29 -17.87
N PHE B 391 39.90 -3.74 -18.32
CA PHE B 391 38.80 -4.08 -17.41
C PHE B 391 38.32 -5.52 -17.58
N ILE B 392 38.38 -6.02 -18.80
CA ILE B 392 37.83 -7.32 -19.13
C ILE B 392 38.91 -8.31 -19.55
N SER B 393 38.86 -9.52 -19.00
CA SER B 393 39.78 -10.58 -19.41
C SER B 393 39.18 -11.96 -19.16
N ARG B 394 39.76 -12.96 -19.82
CA ARG B 394 39.37 -14.36 -19.68
C ARG B 394 37.88 -14.56 -19.91
N VAL B 395 37.35 -13.89 -20.94
CA VAL B 395 35.96 -14.09 -21.35
C VAL B 395 35.75 -15.55 -21.76
N ARG B 396 34.76 -16.19 -21.16
CA ARG B 396 34.56 -17.62 -21.34
C ARG B 396 33.09 -17.98 -21.16
N GLY B 397 32.68 -19.12 -21.71
CA GLY B 397 31.32 -19.59 -21.52
C GLY B 397 30.88 -20.72 -22.42
N ARG B 398 29.67 -21.20 -22.14
CA ARG B 398 29.03 -22.23 -22.94
C ARG B 398 27.52 -22.01 -22.80
N GLY B 399 26.83 -21.79 -23.91
CA GLY B 399 25.45 -21.35 -23.83
C GLY B 399 25.43 -19.98 -23.16
N THR B 400 24.45 -19.76 -22.28
CA THR B 400 24.36 -18.49 -21.55
C THR B 400 25.21 -18.49 -20.27
N PHE B 401 25.81 -19.65 -19.99
CA PHE B 401 26.66 -19.86 -18.84
C PHE B 401 28.01 -19.16 -19.04
N CYS B 402 28.01 -17.84 -19.03
CA CYS B 402 29.20 -17.06 -19.39
C CYS B 402 29.80 -16.32 -18.21
N SER B 403 31.03 -15.84 -18.39
CA SER B 403 31.72 -15.11 -17.33
CA SER B 403 31.73 -15.13 -17.33
C SER B 403 32.97 -14.41 -17.86
N PHE B 404 33.51 -13.51 -17.05
CA PHE B 404 34.78 -12.85 -17.36
C PHE B 404 35.39 -12.36 -16.06
N ASP B 405 36.67 -11.99 -16.12
CA ASP B 405 37.39 -11.52 -14.95
C ASP B 405 37.64 -10.01 -15.03
N THR B 406 37.72 -9.38 -13.87
CA THR B 406 38.11 -7.98 -13.75
C THR B 406 39.48 -7.94 -13.07
N PRO B 407 40.18 -6.79 -13.12
CA PRO B 407 41.53 -6.75 -12.53
C PRO B 407 41.57 -7.08 -11.05
N ASP B 408 40.54 -6.71 -10.30
CA ASP B 408 40.51 -7.00 -8.87
C ASP B 408 39.09 -6.99 -8.32
N GLU B 409 38.98 -7.25 -7.03
CA GLU B 409 37.69 -7.43 -6.37
C GLU B 409 36.89 -6.14 -6.30
N SER B 410 37.56 -5.04 -6.00
CA SER B 410 36.90 -3.74 -5.87
C SER B 410 36.28 -3.30 -7.20
N ILE B 411 37.01 -3.48 -8.29
CA ILE B 411 36.49 -3.16 -9.62
C ILE B 411 35.29 -4.05 -9.97
N ARG B 412 35.41 -5.32 -9.65
CA ARG B 412 34.33 -6.28 -9.85
C ARG B 412 33.07 -5.82 -9.14
N ASN B 413 33.23 -5.44 -7.87
CA ASN B 413 32.10 -5.01 -7.06
C ASN B 413 31.53 -3.69 -7.54
N LYS B 414 32.41 -2.78 -7.94
CA LYS B 414 31.98 -1.49 -8.46
C LYS B 414 31.17 -1.63 -9.75
N LEU B 415 31.63 -2.50 -10.64
CA LEU B 415 30.92 -2.73 -11.90
C LEU B 415 29.54 -3.34 -11.65
N ILE B 416 29.45 -4.28 -10.71
CA ILE B 416 28.18 -4.90 -10.37
C ILE B 416 27.22 -3.86 -9.77
N SER B 417 27.77 -3.01 -8.91
CA SER B 417 26.97 -1.97 -8.28
C SER B 417 26.45 -0.95 -9.30
N ILE B 418 27.32 -0.56 -10.23
CA ILE B 418 26.94 0.39 -11.26
C ILE B 418 25.89 -0.19 -12.19
N ALA B 419 26.11 -1.46 -12.59
CA ALA B 419 25.19 -2.11 -13.50
C ALA B 419 23.80 -2.24 -12.88
N ARG B 420 23.76 -2.55 -11.60
CA ARG B 420 22.49 -2.73 -10.90
C ARG B 420 21.67 -1.45 -10.91
N ASN B 421 22.32 -0.32 -10.62
CA ASN B 421 21.63 0.97 -10.63
C ASN B 421 21.19 1.37 -12.04
N LYS B 422 21.84 0.79 -13.05
CA LYS B 422 21.50 1.02 -14.45
C LYS B 422 20.45 0.04 -14.97
N GLY B 423 19.99 -0.85 -14.09
CA GLY B 423 18.89 -1.73 -14.44
C GLY B 423 19.26 -3.14 -14.85
N VAL B 424 20.47 -3.56 -14.52
CA VAL B 424 20.92 -4.93 -14.82
C VAL B 424 21.55 -5.61 -13.60
N MET B 425 20.97 -6.74 -13.21
CA MET B 425 21.49 -7.49 -12.07
C MET B 425 22.50 -8.53 -12.53
N LEU B 426 23.71 -8.44 -11.99
CA LEU B 426 24.77 -9.37 -12.31
C LEU B 426 25.23 -10.09 -11.06
N GLY B 427 25.79 -11.28 -11.22
CA GLY B 427 26.34 -12.01 -10.09
C GLY B 427 27.85 -12.02 -10.13
N GLY B 428 28.45 -12.17 -8.96
CA GLY B 428 29.89 -12.36 -8.87
C GLY B 428 30.21 -13.80 -8.53
N CYS B 429 31.40 -14.23 -8.88
CA CYS B 429 31.92 -15.51 -8.42
C CYS B 429 33.44 -15.38 -8.32
N GLY B 430 34.05 -16.16 -7.44
CA GLY B 430 35.48 -16.04 -7.20
C GLY B 430 35.84 -14.67 -6.67
N ASP B 431 37.13 -14.31 -6.78
CA ASP B 431 37.62 -13.04 -6.29
C ASP B 431 37.10 -11.87 -7.11
N LYS B 432 37.20 -11.99 -8.43
CA LYS B 432 37.05 -10.85 -9.30
C LYS B 432 36.34 -11.19 -10.61
N SER B 433 35.54 -12.24 -10.60
CA SER B 433 34.79 -12.61 -11.79
C SER B 433 33.35 -12.11 -11.75
N ILE B 434 32.81 -11.85 -12.92
CA ILE B 434 31.40 -11.52 -13.08
C ILE B 434 30.78 -12.63 -13.92
N ARG B 435 29.64 -13.15 -13.47
CA ARG B 435 29.05 -14.29 -14.16
C ARG B 435 27.62 -14.03 -14.60
N PHE B 436 27.19 -14.78 -15.60
CA PHE B 436 25.83 -14.66 -16.12
C PHE B 436 25.07 -15.95 -15.90
N ARG B 437 23.91 -15.85 -15.24
CA ARG B 437 22.99 -16.98 -15.14
C ARG B 437 21.60 -16.53 -15.52
N PRO B 438 21.36 -16.28 -16.82
CA PRO B 438 20.03 -15.83 -17.24
C PRO B 438 19.03 -16.95 -17.18
N THR B 439 17.76 -16.64 -17.01
CA THR B 439 16.73 -17.65 -17.07
C THR B 439 16.59 -18.16 -18.50
N LEU B 440 15.81 -19.22 -18.71
CA LEU B 440 15.73 -19.83 -20.03
C LEU B 440 14.84 -19.07 -21.01
N VAL B 441 14.20 -17.99 -20.55
CA VAL B 441 13.45 -17.15 -21.50
C VAL B 441 14.25 -15.89 -21.82
N PHE B 442 15.54 -15.92 -21.50
CA PHE B 442 16.51 -14.92 -21.94
C PHE B 442 16.77 -15.09 -23.44
N ARG B 443 16.45 -14.07 -24.22
CA ARG B 443 16.58 -14.15 -25.68
C ARG B 443 17.63 -13.19 -26.25
N ASP B 444 17.84 -13.27 -27.56
CA ASP B 444 18.80 -12.42 -28.27
C ASP B 444 18.73 -10.96 -27.86
N HIS B 445 17.53 -10.40 -27.85
CA HIS B 445 17.39 -8.96 -27.62
C HIS B 445 17.72 -8.59 -26.19
N HIS B 446 17.54 -9.51 -25.25
CA HIS B 446 17.99 -9.29 -23.88
C HIS B 446 19.51 -9.23 -23.82
N ALA B 447 20.15 -10.09 -24.61
CA ALA B 447 21.61 -10.10 -24.69
C ALA B 447 22.10 -8.77 -25.27
N HIS B 448 21.45 -8.32 -26.35
CA HIS B 448 21.80 -7.04 -26.97
C HIS B 448 21.56 -5.88 -26.01
N LEU B 449 20.46 -5.94 -25.27
CA LEU B 449 20.16 -4.92 -24.28
C LEU B 449 21.26 -4.82 -23.23
N PHE B 450 21.65 -5.94 -22.64
CA PHE B 450 22.74 -5.93 -21.68
C PHE B 450 24.01 -5.35 -22.26
N LEU B 451 24.39 -5.85 -23.43
CA LEU B 451 25.65 -5.48 -24.08
C LEU B 451 25.72 -3.98 -24.31
N ASN B 452 24.60 -3.39 -24.72
CA ASN B 452 24.59 -1.97 -25.03
C ASN B 452 24.63 -1.11 -23.76
N ILE B 453 23.96 -1.58 -22.71
CA ILE B 453 24.01 -0.92 -21.42
C ILE B 453 25.42 -1.00 -20.82
N PHE B 454 26.01 -2.20 -20.84
CA PHE B 454 27.33 -2.41 -20.25
C PHE B 454 28.42 -1.69 -21.04
N SER B 455 28.21 -1.55 -22.35
CA SER B 455 29.15 -0.83 -23.19
C SER B 455 29.25 0.62 -22.77
N ASP B 456 28.09 1.22 -22.47
CA ASP B 456 28.05 2.60 -21.99
C ASP B 456 28.70 2.73 -20.62
N ILE B 457 28.51 1.71 -19.78
CA ILE B 457 29.12 1.67 -18.46
C ILE B 457 30.64 1.69 -18.55
N LEU B 458 31.19 0.85 -19.45
CA LEU B 458 32.63 0.77 -19.61
C LEU B 458 33.22 2.07 -20.14
N ALA B 459 32.51 2.70 -21.08
CA ALA B 459 32.96 3.96 -21.67
C ALA B 459 33.02 5.06 -20.62
N ASP B 460 32.10 5.02 -19.65
CA ASP B 460 32.05 6.02 -18.60
C ASP B 460 32.88 5.64 -17.38
N PHE B 461 33.42 4.43 -17.37
CA PHE B 461 34.07 3.92 -16.17
C PHE B 461 35.42 4.61 -15.90
N PHE C 1 -24.30 -0.71 -2.58
CA PHE C 1 -25.49 -0.13 -1.95
C PHE C 1 -25.28 0.14 -0.46
N ASP C 2 -25.01 -0.90 0.32
CA ASP C 2 -24.81 -0.74 1.76
C ASP C 2 -24.15 -1.98 2.38
N TYR C 3 -23.48 -1.78 3.51
CA TYR C 3 -23.05 -2.89 4.35
C TYR C 3 -24.22 -3.25 5.29
N ASP C 4 -24.04 -4.23 6.16
CA ASP C 4 -25.13 -4.64 7.03
C ASP C 4 -25.01 -4.09 8.45
N GLY C 5 -23.83 -3.61 8.78
CA GLY C 5 -23.56 -3.02 10.08
C GLY C 5 -22.12 -2.55 10.13
N PRO C 6 -21.72 -1.89 11.21
CA PRO C 6 -20.34 -1.41 11.32
C PRO C 6 -19.37 -2.55 11.61
N LEU C 7 -18.08 -2.26 11.51
CA LEU C 7 -17.05 -3.24 11.80
C LEU C 7 -15.78 -2.49 12.14
N MET C 8 -15.39 -2.52 13.41
CA MET C 8 -14.26 -1.73 13.88
C MET C 8 -12.98 -2.56 14.01
N LYS C 9 -11.84 -1.92 13.75
CA LYS C 9 -10.55 -2.58 13.79
C LYS C 9 -9.60 -1.92 14.79
N THR C 10 -9.62 -0.59 14.82
CA THR C 10 -8.77 0.17 15.72
C THR C 10 -9.55 1.28 16.38
N GLU C 11 -8.91 1.99 17.30
CA GLU C 11 -9.44 3.23 17.83
C GLU C 11 -9.40 4.26 16.71
N VAL C 12 -10.22 5.31 16.83
CA VAL C 12 -10.29 6.33 15.80
C VAL C 12 -9.99 7.71 16.40
N PRO C 13 -9.02 8.44 15.83
CA PRO C 13 -8.21 8.10 14.65
C PRO C 13 -7.18 7.01 14.91
N GLY C 14 -6.99 6.12 13.96
CA GLY C 14 -6.00 5.07 14.07
C GLY C 14 -4.63 5.54 13.64
N PRO C 15 -3.64 4.64 13.66
CA PRO C 15 -2.25 5.06 13.38
C PRO C 15 -2.06 5.63 11.97
N ARG C 16 -2.74 5.08 10.96
CA ARG C 16 -2.58 5.60 9.60
C ARG C 16 -3.16 7.01 9.48
N SER C 17 -4.33 7.24 10.06
CA SER C 17 -4.89 8.60 10.14
C SER C 17 -3.97 9.54 10.88
N ARG C 18 -3.45 9.10 12.02
CA ARG C 18 -2.64 10.00 12.82
C ARG C 18 -1.37 10.41 12.06
N GLU C 19 -0.85 9.49 11.24
CA GLU C 19 0.30 9.79 10.41
C GLU C 19 -0.03 10.81 9.32
N LEU C 20 -1.18 10.67 8.68
CA LEU C 20 -1.60 11.61 7.63
C LEU C 20 -1.93 12.98 8.22
N MET C 21 -2.49 12.99 9.42
CA MET C 21 -2.82 14.25 10.09
C MET C 21 -1.55 15.02 10.43
N LYS C 22 -0.49 14.29 10.75
CA LYS C 22 0.80 14.91 11.05
C LYS C 22 1.41 15.54 9.79
N GLN C 23 1.27 14.85 8.65
CA GLN C 23 1.74 15.39 7.38
C GLN C 23 0.98 16.66 6.98
N LEU C 24 -0.33 16.62 7.13
CA LEU C 24 -1.17 17.76 6.73
C LEU C 24 -0.93 18.95 7.64
N ASN C 25 -0.62 18.68 8.91
CA ASN C 25 -0.42 19.76 9.87
C ASN C 25 0.81 20.61 9.55
N ILE C 26 1.68 20.10 8.68
CA ILE C 26 2.83 20.86 8.25
C ILE C 26 2.41 22.04 7.38
N ILE C 27 1.42 21.83 6.53
CA ILE C 27 1.07 22.86 5.56
C ILE C 27 -0.10 23.73 5.98
N GLN C 28 -0.84 23.29 7.00
CA GLN C 28 -2.00 24.06 7.49
C GLN C 28 -2.38 23.60 8.89
N ASN C 29 -3.19 24.41 9.58
CA ASN C 29 -3.74 23.98 10.85
C ASN C 29 -4.71 22.83 10.59
N ALA C 30 -4.37 21.64 11.08
CA ALA C 30 -5.17 20.46 10.81
C ALA C 30 -5.85 19.94 12.08
N GLU C 31 -5.99 20.79 13.08
CA GLU C 31 -6.60 20.40 14.35
C GLU C 31 -8.07 19.98 14.23
N ALA C 32 -8.77 20.46 13.21
CA ALA C 32 -10.18 20.12 13.04
C ALA C 32 -10.39 18.70 12.49
N VAL C 33 -9.34 18.13 11.90
CA VAL C 33 -9.48 16.84 11.25
C VAL C 33 -9.87 15.73 12.21
N HIS C 34 -10.95 15.03 11.89
CA HIS C 34 -11.38 13.89 12.70
C HIS C 34 -10.53 12.67 12.41
N PHE C 35 -10.47 12.31 11.13
CA PHE C 35 -9.63 11.22 10.64
C PHE C 35 -9.58 11.26 9.12
N PHE C 36 -8.75 10.42 8.51
CA PHE C 36 -8.66 10.35 7.05
C PHE C 36 -9.50 9.18 6.53
N CYS C 37 -10.07 9.34 5.33
CA CYS C 37 -11.08 8.41 4.84
C CYS C 37 -10.74 7.69 3.54
N ASN C 38 -11.26 6.48 3.43
CA ASN C 38 -11.20 5.67 2.22
C ASN C 38 -12.56 5.71 1.54
N TYR C 39 -12.81 6.73 0.73
CA TYR C 39 -14.14 6.89 0.14
C TYR C 39 -14.41 5.83 -0.91
N GLU C 40 -13.36 5.27 -1.50
CA GLU C 40 -13.52 4.21 -2.49
C GLU C 40 -14.23 2.99 -1.92
N GLU C 41 -14.02 2.72 -0.62
CA GLU C 41 -14.60 1.57 0.05
C GLU C 41 -15.86 1.93 0.85
N SER C 42 -16.16 3.21 0.93
CA SER C 42 -17.34 3.65 1.65
C SER C 42 -18.59 3.39 0.80
N ARG C 43 -19.69 3.06 1.46
CA ARG C 43 -20.91 2.70 0.75
C ARG C 43 -22.15 2.96 1.58
N GLY C 44 -23.16 3.57 0.95
CA GLY C 44 -24.42 3.85 1.62
C GLY C 44 -24.23 4.67 2.88
N ASN C 45 -24.69 4.13 4.00
CA ASN C 45 -24.58 4.83 5.28
C ASN C 45 -23.24 4.64 5.99
N TYR C 46 -22.29 3.96 5.34
CA TYR C 46 -21.06 3.60 6.03
C TYR C 46 -19.80 4.25 5.47
N LEU C 47 -19.08 4.92 6.36
CA LEU C 47 -17.81 5.56 6.04
C LEU C 47 -16.66 4.68 6.49
N VAL C 48 -15.70 4.44 5.60
CA VAL C 48 -14.53 3.62 5.92
C VAL C 48 -13.31 4.53 6.04
N ASP C 49 -12.51 4.35 7.10
CA ASP C 49 -11.33 5.18 7.26
C ASP C 49 -10.08 4.46 6.75
N VAL C 50 -8.93 5.11 6.84
CA VAL C 50 -7.70 4.59 6.27
C VAL C 50 -7.10 3.48 7.11
N ASP C 51 -7.67 3.25 8.29
CA ASP C 51 -7.22 2.17 9.15
C ASP C 51 -8.15 0.95 9.05
N GLY C 52 -9.11 1.01 8.14
CA GLY C 52 -9.99 -0.12 7.90
C GLY C 52 -11.26 -0.15 8.73
N ASN C 53 -11.48 0.87 9.53
CA ASN C 53 -12.69 0.96 10.33
C ASN C 53 -13.89 1.30 9.47
N ARG C 54 -15.00 0.64 9.73
CA ARG C 54 -16.23 0.92 9.01
C ARG C 54 -17.30 1.40 9.98
N MET C 55 -17.69 2.66 9.84
CA MET C 55 -18.60 3.29 10.80
C MET C 55 -19.93 3.69 10.18
N LEU C 56 -21.01 3.50 10.95
CA LEU C 56 -22.30 4.05 10.59
C LEU C 56 -22.22 5.57 10.69
N ASP C 57 -22.39 6.24 9.56
CA ASP C 57 -22.18 7.69 9.49
C ASP C 57 -23.49 8.45 9.65
N LEU C 58 -23.69 9.03 10.83
CA LEU C 58 -24.89 9.79 11.09
C LEU C 58 -24.58 11.29 11.09
N TYR C 59 -23.50 11.68 10.41
CA TYR C 59 -23.13 13.10 10.29
C TYR C 59 -23.06 13.52 8.82
N SER C 60 -22.82 12.53 7.95
CA SER C 60 -22.79 12.68 6.48
C SER C 60 -22.07 13.93 5.94
N GLN C 61 -20.82 14.14 6.37
CA GLN C 61 -20.00 15.26 5.91
C GLN C 61 -20.66 16.60 6.17
N ILE C 62 -21.09 16.80 7.41
CA ILE C 62 -21.85 17.98 7.82
C ILE C 62 -23.12 18.13 6.98
N SER C 63 -23.87 17.03 6.89
CA SER C 63 -25.19 17.03 6.24
C SER C 63 -25.14 17.42 4.76
N SER C 64 -24.13 16.94 4.04
CA SER C 64 -23.98 17.33 2.65
C SER C 64 -24.00 16.17 1.65
N ILE C 65 -24.06 14.93 2.15
CA ILE C 65 -24.12 13.74 1.29
C ILE C 65 -25.57 13.28 1.19
N PRO C 66 -26.20 13.41 0.00
CA PRO C 66 -27.65 13.21 -0.01
C PRO C 66 -28.12 11.76 -0.02
N ILE C 67 -27.50 10.88 -0.82
CA ILE C 67 -28.00 9.51 -0.92
C ILE C 67 -26.91 8.48 -0.68
N GLY C 68 -26.02 8.81 0.25
CA GLY C 68 -25.02 7.85 0.72
C GLY C 68 -23.76 7.85 -0.11
N TYR C 69 -22.76 7.11 0.36
CA TYR C 69 -21.47 7.04 -0.30
C TYR C 69 -21.51 6.08 -1.49
N SER C 70 -20.75 6.42 -2.52
CA SER C 70 -20.61 5.58 -3.71
C SER C 70 -21.93 5.01 -4.24
N HIS C 71 -22.96 5.85 -4.35
CA HIS C 71 -24.25 5.37 -4.83
C HIS C 71 -24.12 4.86 -6.26
N PRO C 72 -24.64 3.64 -6.52
CA PRO C 72 -24.53 2.99 -7.83
C PRO C 72 -25.04 3.84 -8.99
N ALA C 73 -26.09 4.64 -8.76
CA ALA C 73 -26.65 5.47 -9.81
C ALA C 73 -25.69 6.59 -10.20
N LEU C 74 -24.91 7.05 -9.22
CA LEU C 74 -23.97 8.13 -9.49
C LEU C 74 -22.70 7.57 -10.11
N VAL C 75 -22.32 6.36 -9.71
CA VAL C 75 -21.22 5.64 -10.34
C VAL C 75 -21.47 5.52 -11.85
N LYS C 76 -22.70 5.18 -12.21
CA LYS C 76 -23.06 5.00 -13.61
C LYS C 76 -22.94 6.29 -14.42
N LEU C 77 -23.33 7.42 -13.82
CA LEU C 77 -23.19 8.71 -14.49
C LEU C 77 -21.75 9.01 -14.91
N VAL C 78 -20.81 8.79 -14.00
CA VAL C 78 -19.41 9.10 -14.27
C VAL C 78 -18.85 8.11 -15.29
N GLN C 79 -19.46 6.94 -15.37
CA GLN C 79 -19.02 5.90 -16.31
C GLN C 79 -19.44 6.16 -17.75
N GLN C 80 -20.44 7.00 -17.96
CA GLN C 80 -20.96 7.28 -19.29
C GLN C 80 -19.99 8.17 -20.08
N PRO C 81 -19.49 7.68 -21.23
CA PRO C 81 -18.59 8.46 -22.09
C PRO C 81 -19.14 9.84 -22.44
N GLN C 82 -20.47 9.94 -22.59
CA GLN C 82 -21.11 11.20 -22.97
C GLN C 82 -20.94 12.29 -21.90
N ASN C 83 -20.60 11.90 -20.68
CA ASN C 83 -20.54 12.85 -19.58
C ASN C 83 -19.13 13.34 -19.25
N VAL C 84 -18.13 12.86 -19.99
CA VAL C 84 -16.75 13.24 -19.73
C VAL C 84 -16.53 14.75 -19.87
N SER C 85 -17.12 15.33 -20.93
CA SER C 85 -16.95 16.76 -21.19
C SER C 85 -17.40 17.61 -20.01
N THR C 86 -18.50 17.21 -19.37
CA THR C 86 -19.07 17.95 -18.26
C THR C 86 -18.10 18.08 -17.09
N PHE C 87 -17.23 17.08 -16.93
CA PHE C 87 -16.30 17.06 -15.82
C PHE C 87 -14.97 17.77 -16.11
N ILE C 88 -14.62 17.95 -17.37
CA ILE C 88 -13.31 18.52 -17.70
C ILE C 88 -13.37 19.85 -18.45
N ASN C 89 -14.57 20.30 -18.81
CA ASN C 89 -14.75 21.58 -19.48
C ASN C 89 -15.68 22.46 -18.66
N ARG C 90 -15.16 23.12 -17.62
CA ARG C 90 -16.04 23.94 -16.77
C ARG C 90 -16.32 25.31 -17.40
N PRO C 91 -17.60 25.62 -17.61
CA PRO C 91 -17.95 26.87 -18.30
C PRO C 91 -18.09 28.05 -17.35
N ALA C 92 -17.88 29.26 -17.88
CA ALA C 92 -18.32 30.46 -17.18
C ALA C 92 -19.81 30.57 -17.43
N LEU C 93 -20.60 30.03 -16.51
CA LEU C 93 -22.03 29.78 -16.75
C LEU C 93 -22.86 31.04 -16.99
N GLY C 94 -22.38 32.18 -16.53
CA GLY C 94 -23.10 33.43 -16.74
C GLY C 94 -23.03 33.93 -18.16
N ILE C 95 -22.04 33.45 -18.92
CA ILE C 95 -21.89 33.93 -20.30
C ILE C 95 -21.90 32.83 -21.36
N LEU C 96 -21.44 31.63 -21.02
CA LEU C 96 -21.29 30.57 -22.02
C LEU C 96 -21.81 29.23 -21.52
N PRO C 97 -23.12 29.15 -21.27
CA PRO C 97 -23.72 27.92 -20.74
C PRO C 97 -23.68 26.78 -21.75
N PRO C 98 -23.64 25.53 -21.27
CA PRO C 98 -23.66 24.37 -22.15
C PRO C 98 -25.05 24.18 -22.76
N GLU C 99 -25.11 23.47 -23.87
CA GLU C 99 -26.37 23.25 -24.59
C GLU C 99 -27.52 22.75 -23.72
N ASN C 100 -27.21 21.82 -22.81
CA ASN C 100 -28.24 21.18 -21.99
C ASN C 100 -28.51 21.90 -20.66
N PHE C 101 -28.03 23.13 -20.52
CA PHE C 101 -28.08 23.82 -19.22
C PHE C 101 -29.50 23.96 -18.69
N VAL C 102 -30.40 24.44 -19.55
CA VAL C 102 -31.79 24.63 -19.15
C VAL C 102 -32.49 23.29 -18.89
N GLU C 103 -32.27 22.32 -19.76
CA GLU C 103 -32.91 21.00 -19.60
C GLU C 103 -32.48 20.29 -18.32
N LYS C 104 -31.19 20.37 -17.99
CA LYS C 104 -30.69 19.75 -16.77
C LYS C 104 -31.22 20.47 -15.52
N LEU C 105 -31.45 21.77 -15.63
CA LEU C 105 -32.12 22.50 -14.55
C LEU C 105 -33.57 22.05 -14.39
N ARG C 106 -34.25 21.79 -15.51
CA ARG C 106 -35.61 21.28 -15.48
C ARG C 106 -35.67 19.91 -14.79
N GLU C 107 -34.66 19.09 -15.04
CA GLU C 107 -34.58 17.75 -14.47
C GLU C 107 -34.26 17.78 -12.98
N SER C 108 -33.66 18.88 -12.52
CA SER C 108 -33.20 18.95 -11.14
C SER C 108 -33.92 20.06 -10.35
N LEU C 109 -33.26 21.19 -10.18
CA LEU C 109 -33.73 22.24 -9.28
C LEU C 109 -35.14 22.76 -9.58
N LEU C 110 -35.46 22.95 -10.85
CA LEU C 110 -36.76 23.51 -11.19
C LEU C 110 -37.88 22.53 -10.85
N SER C 111 -37.56 21.25 -10.79
CA SER C 111 -38.57 20.24 -10.48
C SER C 111 -38.94 20.24 -8.99
N VAL C 112 -38.15 20.95 -8.18
CA VAL C 112 -38.44 21.07 -6.76
C VAL C 112 -38.51 22.53 -6.29
N ALA C 113 -38.90 23.42 -7.19
CA ALA C 113 -38.97 24.83 -6.84
C ALA C 113 -40.01 25.07 -5.76
N PRO C 114 -39.69 25.93 -4.78
CA PRO C 114 -40.65 26.28 -3.72
C PRO C 114 -41.82 27.09 -4.27
N LYS C 115 -42.93 27.13 -3.55
CA LYS C 115 -44.10 27.85 -4.01
C LYS C 115 -43.83 29.33 -4.24
N GLY C 116 -44.29 29.83 -5.38
CA GLY C 116 -44.29 31.25 -5.65
C GLY C 116 -42.97 31.83 -6.14
N MET C 117 -41.96 30.97 -6.28
CA MET C 117 -40.65 31.45 -6.72
C MET C 117 -40.28 30.90 -8.10
N SER C 118 -40.44 31.72 -9.13
CA SER C 118 -40.24 31.27 -10.49
C SER C 118 -38.79 31.42 -10.94
N GLN C 119 -38.01 32.16 -10.17
CA GLN C 119 -36.64 32.50 -10.56
C GLN C 119 -35.63 31.61 -9.87
N LEU C 120 -34.52 31.37 -10.55
CA LEU C 120 -33.42 30.57 -10.01
C LEU C 120 -32.07 31.07 -10.50
N ILE C 121 -31.13 31.23 -9.58
CA ILE C 121 -29.74 31.50 -9.93
C ILE C 121 -28.89 30.48 -9.19
N THR C 122 -27.87 29.95 -9.85
CA THR C 122 -27.02 28.94 -9.21
C THR C 122 -25.72 29.56 -8.68
N MET C 123 -25.20 28.93 -7.63
CA MET C 123 -23.98 29.38 -6.94
C MET C 123 -23.23 28.13 -6.49
N ALA C 124 -21.95 28.27 -6.16
CA ALA C 124 -21.15 27.07 -5.86
C ALA C 124 -21.20 26.62 -4.41
N CYS C 125 -21.62 27.48 -3.48
CA CYS C 125 -21.70 27.07 -2.08
C CYS C 125 -22.75 27.86 -1.30
N GLY C 126 -22.90 27.55 -0.02
CA GLY C 126 -23.91 28.20 0.79
C GLY C 126 -23.65 29.65 1.07
N SER C 127 -22.37 30.00 1.24
CA SER C 127 -22.00 31.38 1.54
C SER C 127 -22.26 32.31 0.36
N CYS C 128 -21.84 31.95 -0.84
CA CYS C 128 -22.08 32.86 -1.95
C CYS C 128 -23.57 32.84 -2.34
N SER C 129 -24.28 31.77 -1.99
CA SER C 129 -25.73 31.77 -2.16
C SER C 129 -26.33 32.86 -1.29
N ASN C 130 -26.01 32.84 0.00
CA ASN C 130 -26.53 33.84 0.92
C ASN C 130 -26.05 35.26 0.61
N GLU C 131 -24.76 35.41 0.27
CA GLU C 131 -24.22 36.73 -0.09
C GLU C 131 -24.99 37.33 -1.25
N ASN C 132 -25.22 36.52 -2.28
CA ASN C 132 -25.90 37.04 -3.45
C ASN C 132 -27.40 37.19 -3.22
N ALA C 133 -27.96 36.44 -2.27
CA ALA C 133 -29.34 36.67 -1.88
C ALA C 133 -29.45 38.04 -1.21
N PHE C 134 -28.49 38.36 -0.33
CA PHE C 134 -28.45 39.69 0.31
C PHE C 134 -28.42 40.78 -0.76
N LYS C 135 -27.53 40.63 -1.74
CA LYS C 135 -27.36 41.67 -2.75
C LYS C 135 -28.63 41.82 -3.57
N THR C 136 -29.25 40.70 -3.91
CA THR C 136 -30.52 40.69 -4.62
C THR C 136 -31.60 41.45 -3.84
N ILE C 137 -31.63 41.25 -2.53
CA ILE C 137 -32.57 41.94 -1.67
C ILE C 137 -32.26 43.44 -1.60
N PHE C 138 -30.99 43.79 -1.45
CA PHE C 138 -30.59 45.20 -1.40
C PHE C 138 -30.97 45.92 -2.70
N MET C 139 -30.75 45.29 -3.84
CA MET C 139 -31.07 45.88 -5.14
CA MET C 139 -31.05 46.00 -5.07
C MET C 139 -32.58 46.07 -5.28
N TRP C 140 -33.32 45.07 -4.81
CA TRP C 140 -34.78 45.11 -4.87
C TRP C 140 -35.34 46.25 -4.01
N TYR C 141 -34.75 46.44 -2.84
CA TYR C 141 -35.24 47.46 -1.92
C TYR C 141 -34.95 48.85 -2.47
N ARG C 142 -33.75 49.06 -3.00
CA ARG C 142 -33.39 50.31 -3.64
C ARG C 142 -34.31 50.58 -4.81
N SER C 143 -34.68 49.53 -5.55
CA SER C 143 -35.55 49.68 -6.69
C SER C 143 -36.94 50.18 -6.29
N LYS C 144 -37.46 49.66 -5.18
CA LYS C 144 -38.74 50.12 -4.66
C LYS C 144 -38.68 51.61 -4.38
N GLU C 145 -37.60 52.02 -3.73
CA GLU C 145 -37.45 53.40 -3.28
C GLU C 145 -37.24 54.38 -4.42
N ARG C 146 -36.44 54.03 -5.43
CA ARG C 146 -36.17 54.99 -6.51
C ARG C 146 -37.23 54.92 -7.62
N GLY C 147 -38.04 53.86 -7.61
CA GLY C 147 -39.10 53.70 -8.58
C GLY C 147 -38.59 53.64 -10.02
N GLU C 148 -39.15 54.50 -10.87
CA GLU C 148 -38.78 54.51 -12.28
C GLU C 148 -37.53 55.36 -12.56
N SER C 149 -37.06 56.08 -11.55
CA SER C 149 -35.87 56.92 -11.70
C SER C 149 -34.65 56.08 -12.05
N ALA C 150 -33.77 56.66 -12.87
CA ALA C 150 -32.52 55.99 -13.20
C ALA C 150 -31.51 56.20 -12.08
N PHE C 151 -30.41 55.45 -12.12
CA PHE C 151 -29.28 55.70 -11.24
C PHE C 151 -28.86 57.16 -11.38
N SER C 152 -28.75 57.86 -10.25
CA SER C 152 -28.32 59.26 -10.29
C SER C 152 -26.82 59.32 -10.49
N LYS C 153 -26.34 60.48 -10.94
CA LYS C 153 -24.90 60.63 -11.14
C LYS C 153 -24.17 60.52 -9.82
N GLU C 154 -24.78 61.03 -8.76
CA GLU C 154 -24.17 60.96 -7.43
C GLU C 154 -24.06 59.52 -6.95
N GLU C 155 -25.09 58.72 -7.21
CA GLU C 155 -25.08 57.31 -6.82
C GLU C 155 -23.99 56.56 -7.57
N LEU C 156 -23.85 56.86 -8.86
CA LEU C 156 -22.86 56.19 -9.70
C LEU C 156 -21.43 56.53 -9.32
N GLU C 157 -21.22 57.77 -8.88
CA GLU C 157 -19.88 58.20 -8.48
C GLU C 157 -19.51 57.72 -7.08
N THR C 158 -20.46 57.81 -6.13
CA THR C 158 -20.13 57.45 -4.75
C THR C 158 -20.01 55.93 -4.55
N CYS C 159 -20.71 55.13 -5.34
CA CYS C 159 -20.65 53.67 -5.13
C CYS C 159 -19.27 53.11 -5.46
N MET C 160 -18.54 53.78 -6.34
CA MET C 160 -17.21 53.33 -6.73
C MET C 160 -16.17 53.56 -5.63
N ILE C 161 -16.49 54.48 -4.71
CA ILE C 161 -15.60 54.74 -3.59
C ILE C 161 -16.24 54.40 -2.25
N ASN C 162 -17.14 53.42 -2.26
CA ASN C 162 -17.72 52.85 -1.04
C ASN C 162 -18.51 53.84 -0.18
N GLN C 163 -19.13 54.83 -0.81
CA GLN C 163 -19.85 55.87 -0.08
C GLN C 163 -21.34 55.91 -0.42
N ALA C 164 -22.15 56.34 0.54
CA ALA C 164 -23.54 56.67 0.29
C ALA C 164 -23.60 57.92 -0.60
N PRO C 165 -24.67 58.07 -1.39
CA PRO C 165 -25.88 57.25 -1.50
C PRO C 165 -25.71 56.01 -2.38
N GLY C 166 -24.63 55.91 -3.15
CA GLY C 166 -24.42 54.78 -4.03
C GLY C 166 -24.40 53.47 -3.28
N CYS C 167 -23.68 53.47 -2.16
CA CYS C 167 -23.67 52.34 -1.22
C CYS C 167 -24.56 52.67 -0.04
N PRO C 168 -25.78 52.09 -0.02
CA PRO C 168 -26.72 52.45 1.05
C PRO C 168 -26.35 51.78 2.38
N ASP C 169 -26.95 52.27 3.46
CA ASP C 169 -26.66 51.73 4.78
C ASP C 169 -27.76 50.76 5.22
N TYR C 170 -28.31 50.02 4.27
CA TYR C 170 -29.34 49.01 4.58
C TYR C 170 -28.78 47.88 5.43
N SER C 171 -29.68 47.20 6.15
CA SER C 171 -29.28 46.08 7.00
C SER C 171 -30.05 44.82 6.64
N ILE C 172 -29.54 43.68 7.09
CA ILE C 172 -30.28 42.41 7.09
C ILE C 172 -30.48 42.00 8.54
N LEU C 173 -31.72 41.71 8.93
CA LEU C 173 -31.98 41.27 10.28
C LEU C 173 -31.71 39.77 10.38
N SER C 174 -31.00 39.36 11.43
CA SER C 174 -30.69 37.96 11.65
C SER C 174 -30.96 37.60 13.11
N PHE C 175 -30.81 36.33 13.45
CA PHE C 175 -31.17 35.86 14.78
C PHE C 175 -29.97 35.37 15.58
N MET C 176 -30.02 35.56 16.89
CA MET C 176 -29.04 34.93 17.77
C MET C 176 -29.11 33.42 17.57
N GLY C 177 -27.95 32.77 17.50
CA GLY C 177 -27.88 31.34 17.27
C GLY C 177 -27.77 30.95 15.79
N ALA C 178 -27.90 31.93 14.91
CA ALA C 178 -27.92 31.67 13.47
C ALA C 178 -26.57 31.26 12.91
N PHE C 179 -26.59 30.49 11.82
CA PHE C 179 -25.39 30.27 11.03
C PHE C 179 -25.74 30.34 9.56
N HIS C 180 -25.09 31.27 8.86
CA HIS C 180 -25.42 31.50 7.45
C HIS C 180 -24.18 31.54 6.56
N GLY C 181 -23.03 31.19 7.12
CA GLY C 181 -21.80 31.19 6.34
C GLY C 181 -20.75 32.11 6.91
N ARG C 182 -19.58 32.14 6.28
CA ARG C 182 -18.45 32.80 6.92
C ARG C 182 -17.73 33.86 6.10
N THR C 183 -18.18 34.10 4.87
CA THR C 183 -17.69 35.27 4.15
C THR C 183 -18.25 36.49 4.88
N MET C 184 -17.70 37.68 4.63
CA MET C 184 -17.92 38.78 5.58
C MET C 184 -19.35 39.35 5.60
N GLY C 185 -20.11 39.16 4.53
CA GLY C 185 -21.52 39.50 4.58
C GLY C 185 -22.30 38.47 5.37
N CYS C 186 -22.18 37.21 4.98
CA CYS C 186 -22.75 36.09 5.73
C CYS C 186 -22.43 36.13 7.20
N LEU C 187 -21.16 36.41 7.49
CA LEU C 187 -20.67 36.32 8.86
C LEU C 187 -21.40 37.32 9.75
N ALA C 188 -21.75 38.47 9.20
CA ALA C 188 -22.48 39.47 9.97
C ALA C 188 -23.85 38.95 10.44
N THR C 189 -24.44 38.03 9.68
CA THR C 189 -25.74 37.45 10.06
C THR C 189 -25.58 36.17 10.88
N THR C 190 -24.34 35.75 11.11
CA THR C 190 -24.04 34.52 11.83
C THR C 190 -23.77 34.84 13.30
N HIS C 191 -24.36 34.06 14.21
CA HIS C 191 -24.21 34.29 15.65
C HIS C 191 -24.22 32.95 16.37
N SER C 192 -23.30 32.09 15.96
CA SER C 192 -23.24 30.71 16.41
C SER C 192 -22.29 30.52 17.59
N LYS C 193 -21.00 30.75 17.34
CA LYS C 193 -19.95 30.59 18.33
C LYS C 193 -18.98 31.74 18.22
N ALA C 194 -18.41 32.18 19.34
CA ALA C 194 -17.49 33.32 19.33
C ALA C 194 -16.27 33.08 18.42
N ILE C 195 -15.80 31.83 18.38
CA ILE C 195 -14.61 31.52 17.59
C ILE C 195 -14.86 31.72 16.08
N HIS C 196 -16.12 31.68 15.66
CA HIS C 196 -16.48 31.97 14.27
C HIS C 196 -16.37 33.45 13.94
N LYS C 197 -16.52 34.29 14.96
CA LYS C 197 -16.76 35.72 14.77
C LYS C 197 -15.58 36.60 15.16
N ILE C 198 -14.81 36.15 16.14
CA ILE C 198 -13.88 37.06 16.80
C ILE C 198 -12.75 37.52 15.87
N ASP C 199 -12.44 38.81 15.98
CA ASP C 199 -11.36 39.53 15.26
C ASP C 199 -11.71 39.90 13.81
N ILE C 200 -12.94 39.64 13.38
CA ILE C 200 -13.36 39.95 12.01
C ILE C 200 -14.29 41.17 12.01
N PRO C 201 -13.97 42.18 11.20
CA PRO C 201 -14.88 43.35 11.10
C PRO C 201 -16.28 42.92 10.67
N SER C 202 -17.29 43.65 11.12
CA SER C 202 -18.68 43.25 10.92
C SER C 202 -19.55 44.40 10.45
N PHE C 203 -20.86 44.16 10.42
CA PHE C 203 -21.85 45.20 10.11
C PHE C 203 -22.76 45.44 11.32
N ASP C 204 -23.11 46.70 11.59
CA ASP C 204 -24.11 47.01 12.60
C ASP C 204 -25.51 46.73 12.03
N TRP C 205 -25.91 45.47 12.09
CA TRP C 205 -27.23 45.03 11.63
C TRP C 205 -28.01 44.48 12.83
N PRO C 206 -29.35 44.55 12.78
CA PRO C 206 -30.12 44.12 13.96
C PRO C 206 -30.06 42.63 14.21
N ILE C 207 -30.05 42.24 15.48
CA ILE C 207 -29.94 40.83 15.86
C ILE C 207 -31.08 40.50 16.83
N ALA C 208 -32.01 39.65 16.41
CA ALA C 208 -33.17 39.31 17.21
C ALA C 208 -32.97 38.01 17.96
N PRO C 209 -33.70 37.82 19.08
CA PRO C 209 -33.65 36.54 19.77
C PRO C 209 -34.39 35.45 19.01
N PHE C 210 -33.83 34.25 18.96
CA PHE C 210 -34.54 33.09 18.45
C PHE C 210 -35.11 32.35 19.66
N PRO C 211 -36.36 31.86 19.55
CA PRO C 211 -37.01 31.19 20.67
C PRO C 211 -36.21 30.03 21.23
N ARG C 212 -36.13 29.95 22.56
CA ARG C 212 -35.58 28.77 23.19
C ARG C 212 -36.70 28.00 23.86
N LEU C 213 -37.10 26.91 23.22
CA LEU C 213 -38.21 26.11 23.71
C LEU C 213 -37.81 25.33 24.96
N LYS C 214 -38.79 25.10 25.82
CA LYS C 214 -38.59 24.25 26.99
C LYS C 214 -39.20 22.87 26.72
N TYR C 215 -38.54 21.84 27.23
CA TYR C 215 -38.92 20.46 26.99
C TYR C 215 -39.19 19.75 28.31
N PRO C 216 -40.15 18.81 28.33
CA PRO C 216 -41.00 18.34 27.22
C PRO C 216 -42.00 19.39 26.75
N LEU C 217 -42.28 19.40 25.45
CA LEU C 217 -43.15 20.40 24.85
C LEU C 217 -44.55 20.40 25.47
N GLU C 218 -45.02 19.22 25.85
CA GLU C 218 -46.36 19.08 26.43
C GLU C 218 -46.50 19.80 27.76
N GLU C 219 -45.40 19.86 28.52
CA GLU C 219 -45.42 20.45 29.85
C GLU C 219 -45.26 21.97 29.84
N PHE C 220 -44.90 22.52 28.69
CA PHE C 220 -44.58 23.95 28.62
C PHE C 220 -45.30 24.64 27.49
N VAL C 221 -46.56 24.28 27.28
CA VAL C 221 -47.37 24.87 26.22
C VAL C 221 -47.45 26.39 26.31
N LYS C 222 -47.82 26.90 27.48
CA LYS C 222 -47.99 28.35 27.65
C LYS C 222 -46.64 29.06 27.65
N GLU C 223 -45.65 28.47 28.32
CA GLU C 223 -44.32 29.06 28.42
C GLU C 223 -43.70 29.24 27.03
N ASN C 224 -43.88 28.23 26.17
CA ASN C 224 -43.29 28.29 24.84
C ASN C 224 -44.03 29.26 23.93
N GLN C 225 -45.34 29.37 24.12
CA GLN C 225 -46.16 30.34 23.40
C GLN C 225 -45.71 31.77 23.71
N GLN C 226 -45.47 32.04 25.00
CA GLN C 226 -45.05 33.36 25.44
C GLN C 226 -43.63 33.68 24.98
N GLU C 227 -42.77 32.66 24.93
CA GLU C 227 -41.40 32.82 24.46
C GLU C 227 -41.37 33.20 22.99
N GLU C 228 -42.19 32.55 22.19
CA GLU C 228 -42.25 32.85 20.76
C GLU C 228 -42.86 34.23 20.52
N ALA C 229 -43.90 34.57 21.28
CA ALA C 229 -44.51 35.88 21.18
C ALA C 229 -43.52 36.99 21.54
N ARG C 230 -42.70 36.74 22.56
CA ARG C 230 -41.68 37.70 22.98
C ARG C 230 -40.69 37.98 21.85
N CYS C 231 -40.22 36.91 21.22
CA CYS C 231 -39.22 37.04 20.17
C CYS C 231 -39.80 37.78 18.96
N LEU C 232 -41.04 37.46 18.61
CA LEU C 232 -41.71 38.12 17.49
C LEU C 232 -41.85 39.61 17.77
N GLU C 233 -42.20 39.96 19.00
CA GLU C 233 -42.25 41.36 19.40
C GLU C 233 -40.90 42.03 19.21
N GLU C 234 -39.83 41.36 19.62
CA GLU C 234 -38.52 41.99 19.59
C GLU C 234 -38.04 42.16 18.16
N VAL C 235 -38.44 41.26 17.27
CA VAL C 235 -38.14 41.40 15.85
C VAL C 235 -38.76 42.70 15.31
N GLU C 236 -40.04 42.90 15.62
CA GLU C 236 -40.73 44.08 15.12
C GLU C 236 -40.11 45.35 15.71
N ASP C 237 -39.77 45.31 16.99
CA ASP C 237 -39.15 46.47 17.64
C ASP C 237 -37.79 46.82 17.00
N LEU C 238 -37.04 45.81 16.60
CA LEU C 238 -35.74 46.01 15.98
C LEU C 238 -35.86 46.64 14.60
N ILE C 239 -36.88 46.24 13.84
CA ILE C 239 -37.10 46.79 12.51
C ILE C 239 -37.42 48.27 12.62
N VAL C 240 -38.33 48.61 13.52
CA VAL C 240 -38.67 50.01 13.78
C VAL C 240 -37.47 50.83 14.24
N LYS C 241 -36.69 50.27 15.16
CA LYS C 241 -35.51 50.93 15.70
C LYS C 241 -34.46 51.22 14.62
N TYR C 242 -34.22 50.27 13.72
CA TYR C 242 -33.20 50.46 12.70
C TYR C 242 -33.67 51.34 11.55
N ARG C 243 -34.98 51.43 11.36
CA ARG C 243 -35.52 52.40 10.41
C ARG C 243 -35.23 53.80 10.94
N LYS C 244 -35.46 54.01 12.23
CA LYS C 244 -35.17 55.29 12.87
C LYS C 244 -33.68 55.64 12.76
N LYS C 245 -32.83 54.62 12.87
CA LYS C 245 -31.38 54.81 12.78
C LYS C 245 -30.89 55.07 11.36
N LYS C 246 -31.80 55.08 10.40
CA LYS C 246 -31.48 55.18 8.97
C LYS C 246 -30.61 54.00 8.51
N LYS C 247 -30.82 52.85 9.12
CA LYS C 247 -30.18 51.61 8.69
C LYS C 247 -31.27 50.59 8.35
N THR C 248 -32.14 51.00 7.43
CA THR C 248 -33.37 50.29 7.13
C THR C 248 -33.18 48.79 6.88
N VAL C 249 -34.00 47.98 7.53
CA VAL C 249 -33.97 46.53 7.34
C VAL C 249 -34.57 46.17 5.98
N ALA C 250 -33.69 45.77 5.06
CA ALA C 250 -34.12 45.42 3.71
C ALA C 250 -34.61 43.97 3.66
N GLY C 251 -34.14 43.14 4.58
CA GLY C 251 -34.50 41.75 4.60
C GLY C 251 -34.29 41.07 5.94
N ILE C 252 -34.96 39.95 6.11
CA ILE C 252 -34.84 39.10 7.29
C ILE C 252 -34.37 37.72 6.86
N ILE C 253 -33.29 37.21 7.46
CA ILE C 253 -32.84 35.86 7.12
C ILE C 253 -33.04 34.93 8.33
N VAL C 254 -33.54 33.72 8.07
CA VAL C 254 -33.70 32.73 9.15
C VAL C 254 -33.54 31.30 8.60
N GLU C 255 -33.05 30.40 9.45
CA GLU C 255 -33.10 28.96 9.22
C GLU C 255 -34.40 28.37 9.75
N PRO C 256 -35.01 27.42 9.02
CA PRO C 256 -36.23 26.80 9.57
C PRO C 256 -35.97 26.03 10.86
N ILE C 257 -34.74 25.54 10.99
CA ILE C 257 -34.19 24.94 12.22
C ILE C 257 -32.74 25.44 12.32
N GLN C 258 -32.37 26.05 13.44
CA GLN C 258 -30.99 26.54 13.57
C GLN C 258 -30.06 25.36 13.79
N SER C 259 -29.06 25.20 12.93
CA SER C 259 -28.21 24.00 13.05
C SER C 259 -26.95 24.22 13.88
N GLU C 260 -26.02 24.99 13.35
CA GLU C 260 -24.75 25.20 14.05
C GLU C 260 -24.99 25.73 15.46
N GLY C 261 -25.96 26.62 15.59
CA GLY C 261 -26.24 27.28 16.85
C GLY C 261 -26.83 26.41 17.94
N GLY C 262 -27.05 25.13 17.65
CA GLY C 262 -27.49 24.19 18.67
C GLY C 262 -28.83 23.51 18.44
N ASP C 263 -29.17 23.24 17.18
CA ASP C 263 -30.45 22.65 16.80
C ASP C 263 -31.64 23.25 17.54
N ASN C 264 -31.82 24.55 17.34
CA ASN C 264 -32.96 25.25 17.94
C ASN C 264 -34.18 25.21 17.03
N HIS C 265 -35.28 24.72 17.58
CA HIS C 265 -36.55 24.62 16.86
C HIS C 265 -37.50 25.72 17.29
N ALA C 266 -38.48 26.02 16.43
CA ALA C 266 -39.61 26.87 16.77
C ALA C 266 -40.86 26.32 16.10
N SER C 267 -42.03 26.70 16.59
CA SER C 267 -43.28 26.19 16.00
C SER C 267 -43.48 26.69 14.58
N ASP C 268 -44.26 25.96 13.80
CA ASP C 268 -44.65 26.41 12.47
C ASP C 268 -45.39 27.75 12.58
N ASP C 269 -46.16 27.93 13.65
CA ASP C 269 -46.88 29.17 13.90
C ASP C 269 -45.94 30.37 13.98
N PHE C 270 -44.80 30.17 14.66
CA PHE C 270 -43.79 31.22 14.77
C PHE C 270 -43.32 31.71 13.40
N PHE C 271 -42.99 30.77 12.51
CA PHE C 271 -42.49 31.15 11.20
C PHE C 271 -43.58 31.78 10.33
N ARG C 272 -44.81 31.30 10.45
CA ARG C 272 -45.91 31.93 9.73
C ARG C 272 -46.08 33.39 10.19
N LYS C 273 -46.00 33.63 11.49
CA LYS C 273 -46.11 34.98 12.01
C LYS C 273 -44.90 35.85 11.62
N LEU C 274 -43.72 35.23 11.58
CA LEU C 274 -42.53 35.96 11.17
C LEU C 274 -42.63 36.38 9.70
N ARG C 275 -43.16 35.49 8.88
CA ARG C 275 -43.41 35.77 7.46
C ARG C 275 -44.33 36.98 7.31
N ASP C 276 -45.35 37.06 8.17
CA ASP C 276 -46.28 38.18 8.16
C ASP C 276 -45.60 39.48 8.56
N ILE C 277 -44.73 39.41 9.57
CA ILE C 277 -43.97 40.58 10.02
C ILE C 277 -43.14 41.12 8.86
N SER C 278 -42.49 40.21 8.13
CA SER C 278 -41.65 40.60 7.01
C SER C 278 -42.45 41.36 5.96
N ARG C 279 -43.60 40.82 5.57
N ARG C 279 -43.60 40.82 5.59
CA ARG C 279 -44.46 41.47 4.61
CA ARG C 279 -44.47 41.47 4.60
C ARG C 279 -44.94 42.82 5.10
C ARG C 279 -44.99 42.82 5.09
N LYS C 280 -45.35 42.88 6.37
CA LYS C 280 -45.88 44.09 6.97
C LYS C 280 -44.92 45.28 6.89
N HIS C 281 -43.62 45.00 7.01
CA HIS C 281 -42.63 46.07 7.06
C HIS C 281 -41.86 46.26 5.76
N GLY C 282 -42.26 45.54 4.71
CA GLY C 282 -41.62 45.68 3.42
C GLY C 282 -40.23 45.07 3.37
N CYS C 283 -39.97 44.13 4.28
CA CYS C 283 -38.73 43.36 4.28
C CYS C 283 -38.86 42.11 3.43
N ALA C 284 -37.82 41.79 2.66
CA ALA C 284 -37.77 40.50 1.98
C ALA C 284 -37.57 39.42 3.02
N PHE C 285 -38.27 38.30 2.87
CA PHE C 285 -38.10 37.17 3.77
C PHE C 285 -37.20 36.14 3.09
N LEU C 286 -36.01 35.96 3.64
CA LEU C 286 -35.00 35.06 3.10
C LEU C 286 -34.88 33.83 3.98
N VAL C 287 -35.23 32.67 3.42
CA VAL C 287 -35.18 31.43 4.19
C VAL C 287 -33.93 30.64 3.77
N ASP C 288 -33.07 30.36 4.74
CA ASP C 288 -31.81 29.64 4.49
C ASP C 288 -32.03 28.15 4.68
N GLU C 289 -32.14 27.40 3.59
CA GLU C 289 -32.31 25.94 3.65
C GLU C 289 -31.05 25.20 3.24
N VAL C 290 -29.90 25.83 3.41
CA VAL C 290 -28.64 25.17 3.07
C VAL C 290 -28.49 23.85 3.85
N GLN C 291 -28.90 23.83 5.11
CA GLN C 291 -28.76 22.59 5.89
C GLN C 291 -30.08 21.82 6.05
N THR C 292 -31.21 22.51 6.10
CA THR C 292 -32.50 21.83 6.24
C THR C 292 -33.06 21.28 4.92
N GLY C 293 -32.57 21.81 3.79
CA GLY C 293 -33.08 21.40 2.49
C GLY C 293 -32.59 20.03 2.04
N GLY C 294 -33.38 19.37 1.20
CA GLY C 294 -32.94 18.09 0.66
C GLY C 294 -33.63 16.89 1.28
N GLY C 295 -34.62 17.13 2.13
CA GLY C 295 -35.56 16.09 2.54
C GLY C 295 -35.48 15.45 3.90
N SER C 296 -34.45 15.74 4.68
CA SER C 296 -34.26 15.06 5.97
CA SER C 296 -34.26 15.07 5.97
C SER C 296 -35.40 15.29 6.95
N THR C 297 -36.12 16.41 6.82
CA THR C 297 -37.23 16.68 7.73
C THR C 297 -38.53 16.02 7.30
N GLY C 298 -38.49 15.30 6.17
CA GLY C 298 -39.68 14.59 5.68
C GLY C 298 -40.41 15.29 4.57
N LYS C 299 -40.03 16.54 4.32
CA LYS C 299 -40.45 17.26 3.13
C LYS C 299 -39.18 17.78 2.49
N PHE C 300 -39.21 18.03 1.17
CA PHE C 300 -37.99 18.38 0.47
C PHE C 300 -37.35 19.64 1.06
N TRP C 301 -38.15 20.69 1.19
CA TRP C 301 -37.72 21.89 1.90
C TRP C 301 -38.42 21.94 3.26
N ALA C 302 -37.67 22.23 4.31
CA ALA C 302 -38.25 22.25 5.67
C ALA C 302 -39.38 23.28 5.80
N HIS C 303 -39.33 24.38 5.06
CA HIS C 303 -40.37 25.40 5.16
C HIS C 303 -41.74 24.90 4.66
N GLU C 304 -41.74 23.78 3.93
CA GLU C 304 -43.00 23.22 3.42
C GLU C 304 -43.94 22.85 4.57
N HIS C 305 -43.34 22.56 5.73
CA HIS C 305 -44.12 22.22 6.93
C HIS C 305 -45.01 23.36 7.40
N TRP C 306 -44.65 24.59 7.05
CA TRP C 306 -45.39 25.77 7.47
C TRP C 306 -46.76 25.86 6.79
N GLY C 307 -46.84 25.29 5.59
CA GLY C 307 -48.08 25.25 4.83
C GLY C 307 -48.50 26.59 4.24
N LEU C 308 -47.53 27.42 3.89
CA LEU C 308 -47.84 28.75 3.33
C LEU C 308 -47.94 28.77 1.81
N ASP C 309 -48.88 29.55 1.28
CA ASP C 309 -48.95 29.82 -0.14
C ASP C 309 -47.71 30.59 -0.59
N ASP C 310 -47.28 31.49 0.29
CA ASP C 310 -46.17 32.41 0.04
C ASP C 310 -45.19 32.29 1.20
N PRO C 311 -44.33 31.26 1.18
CA PRO C 311 -43.45 30.99 2.32
C PRO C 311 -42.26 31.93 2.44
N ALA C 312 -41.85 32.55 1.34
CA ALA C 312 -40.66 33.39 1.34
C ALA C 312 -40.53 34.15 0.04
N ASP C 313 -39.63 35.13 0.03
CA ASP C 313 -39.31 35.87 -1.18
C ASP C 313 -38.08 35.28 -1.85
N VAL C 314 -37.15 34.80 -1.03
CA VAL C 314 -35.90 34.21 -1.50
C VAL C 314 -35.59 32.98 -0.65
N MET C 315 -35.06 31.93 -1.26
CA MET C 315 -34.66 30.72 -0.52
C MET C 315 -33.34 30.16 -1.03
N THR C 316 -32.36 30.06 -0.13
CA THR C 316 -31.04 29.58 -0.49
C THR C 316 -30.85 28.09 -0.15
N PHE C 317 -29.91 27.46 -0.84
CA PHE C 317 -29.66 26.03 -0.64
C PHE C 317 -28.22 25.69 -1.02
N SER C 318 -27.76 24.52 -0.57
CA SER C 318 -26.44 23.98 -0.93
C SER C 318 -26.34 22.58 -0.33
N LYS C 319 -25.14 22.20 0.08
CA LYS C 319 -24.88 20.90 0.74
C LYS C 319 -25.49 19.71 0.02
N LYS C 320 -26.59 19.16 0.54
CA LYS C 320 -27.24 18.00 -0.08
C LYS C 320 -27.62 18.24 -1.53
N MET C 321 -27.85 19.50 -1.89
CA MET C 321 -28.23 19.84 -3.27
C MET C 321 -27.05 19.82 -4.23
N MET C 322 -25.85 19.56 -3.67
CA MET C 322 -24.61 19.39 -4.46
CA MET C 322 -24.58 19.42 -4.39
C MET C 322 -24.09 20.72 -5.02
N THR C 323 -25.01 21.49 -5.61
CA THR C 323 -24.71 22.85 -6.03
C THR C 323 -25.44 23.79 -5.08
N GLY C 324 -25.03 25.06 -5.05
CA GLY C 324 -25.75 26.06 -4.29
C GLY C 324 -26.61 26.88 -5.22
N GLY C 325 -27.19 27.97 -4.69
CA GLY C 325 -28.01 28.87 -5.48
C GLY C 325 -29.15 29.41 -4.66
N PHE C 326 -30.07 30.11 -5.30
CA PHE C 326 -31.27 30.52 -4.59
C PHE C 326 -32.45 30.69 -5.54
N PHE C 327 -33.60 30.21 -5.09
CA PHE C 327 -34.87 30.50 -5.74
C PHE C 327 -35.34 31.87 -5.28
N HIS C 328 -36.07 32.58 -6.13
CA HIS C 328 -36.67 33.83 -5.70
C HIS C 328 -37.88 34.20 -6.54
N LYS C 329 -38.72 35.06 -5.98
CA LYS C 329 -39.88 35.57 -6.70
C LYS C 329 -39.48 36.40 -7.91
N GLU C 330 -40.36 36.46 -8.90
CA GLU C 330 -40.11 37.22 -10.12
C GLU C 330 -39.76 38.68 -9.83
N GLU C 331 -40.40 39.27 -8.83
CA GLU C 331 -40.16 40.68 -8.57
C GLU C 331 -38.77 40.97 -8.01
N PHE C 332 -38.03 39.92 -7.63
CA PHE C 332 -36.66 40.09 -7.14
C PHE C 332 -35.62 39.91 -8.24
N ARG C 333 -36.06 39.59 -9.44
CA ARG C 333 -35.18 39.47 -10.59
C ARG C 333 -34.37 40.76 -10.82
N PRO C 334 -33.04 40.65 -10.88
CA PRO C 334 -32.18 41.82 -11.17
C PRO C 334 -32.59 42.54 -12.45
N ASN C 335 -32.63 43.86 -12.40
CA ASN C 335 -33.08 44.66 -13.53
C ASN C 335 -32.05 44.71 -14.65
N ALA C 336 -30.79 44.45 -14.32
CA ALA C 336 -29.71 44.53 -15.27
C ALA C 336 -28.72 43.37 -15.09
N PRO C 337 -28.02 42.97 -16.15
CA PRO C 337 -27.01 41.92 -15.98
C PRO C 337 -25.76 42.41 -15.26
N TYR C 338 -24.94 41.46 -14.82
CA TYR C 338 -23.63 41.72 -14.20
C TYR C 338 -23.73 42.38 -12.83
N ARG C 339 -24.91 42.31 -12.20
CA ARG C 339 -25.06 42.75 -10.82
C ARG C 339 -24.95 41.54 -9.91
N ILE C 340 -25.60 40.44 -10.30
CA ILE C 340 -25.45 39.16 -9.62
C ILE C 340 -24.66 38.26 -10.56
N PHE C 341 -23.40 38.00 -10.23
CA PHE C 341 -22.49 37.38 -11.20
C PHE C 341 -21.22 36.88 -10.53
N ASN C 342 -20.61 35.83 -11.08
CA ASN C 342 -19.22 35.51 -10.79
C ASN C 342 -18.75 34.58 -11.87
N THR C 343 -17.50 34.13 -11.79
CA THR C 343 -16.92 33.36 -12.89
C THR C 343 -17.70 32.10 -13.21
N TRP C 344 -18.02 31.30 -12.19
CA TRP C 344 -18.50 29.94 -12.42
C TRP C 344 -20.00 29.75 -12.14
N LEU C 345 -20.53 30.48 -11.16
CA LEU C 345 -21.96 30.39 -10.83
C LEU C 345 -22.46 28.95 -10.64
N GLY C 346 -21.68 28.16 -9.91
CA GLY C 346 -21.99 26.75 -9.77
C GLY C 346 -21.07 25.90 -10.62
N ASP C 347 -21.59 24.77 -11.09
CA ASP C 347 -20.81 23.82 -11.88
C ASP C 347 -21.79 22.82 -12.48
N PRO C 348 -21.84 22.72 -13.81
CA PRO C 348 -22.75 21.79 -14.48
C PRO C 348 -22.55 20.34 -14.05
N SER C 349 -21.35 19.98 -13.63
CA SER C 349 -21.10 18.61 -13.18
C SER C 349 -21.90 18.31 -11.91
N LYS C 350 -22.10 19.32 -11.07
CA LYS C 350 -22.92 19.12 -9.87
C LYS C 350 -24.39 19.01 -10.25
N ASN C 351 -24.82 19.78 -11.24
CA ASN C 351 -26.20 19.68 -11.74
C ASN C 351 -26.48 18.29 -12.32
N LEU C 352 -25.51 17.75 -13.03
CA LEU C 352 -25.61 16.40 -13.58
C LEU C 352 -25.90 15.39 -12.47
N LEU C 353 -25.08 15.43 -11.43
CA LEU C 353 -25.27 14.53 -10.30
C LEU C 353 -26.61 14.77 -9.60
N LEU C 354 -26.95 16.04 -9.37
CA LEU C 354 -28.16 16.40 -8.65
C LEU C 354 -29.42 15.89 -9.35
N ALA C 355 -29.46 15.97 -10.68
CA ALA C 355 -30.61 15.47 -11.41
C ALA C 355 -30.87 14.00 -11.07
N GLU C 356 -29.81 13.22 -10.97
CA GLU C 356 -29.95 11.80 -10.65
C GLU C 356 -30.35 11.60 -9.19
N VAL C 357 -29.79 12.42 -8.31
CA VAL C 357 -30.14 12.37 -6.88
C VAL C 357 -31.63 12.60 -6.68
N ILE C 358 -32.15 13.64 -7.33
CA ILE C 358 -33.56 13.98 -7.17
C ILE C 358 -34.43 12.87 -7.75
N ASN C 359 -33.97 12.28 -8.86
CA ASN C 359 -34.65 11.12 -9.45
C ASN C 359 -34.76 9.97 -8.45
N ILE C 360 -33.67 9.68 -7.75
CA ILE C 360 -33.65 8.62 -6.74
C ILE C 360 -34.57 8.94 -5.57
N ILE C 361 -34.53 10.19 -5.10
CA ILE C 361 -35.37 10.61 -3.99
C ILE C 361 -36.87 10.42 -4.29
N LYS C 362 -37.29 10.79 -5.50
CA LYS C 362 -38.70 10.69 -5.85
C LYS C 362 -39.11 9.25 -6.11
N ARG C 363 -38.30 8.53 -6.88
CA ARG C 363 -38.66 7.17 -7.27
C ARG C 363 -38.54 6.16 -6.13
N GLU C 364 -37.67 6.43 -5.16
CA GLU C 364 -37.50 5.50 -4.05
C GLU C 364 -38.18 6.00 -2.77
N ASP C 365 -39.00 7.04 -2.89
CA ASP C 365 -39.85 7.50 -1.80
C ASP C 365 -39.06 7.91 -0.55
N LEU C 366 -37.95 8.62 -0.75
CA LEU C 366 -37.04 8.88 0.36
C LEU C 366 -37.51 9.96 1.32
N LEU C 367 -38.44 10.80 0.89
CA LEU C 367 -39.03 11.79 1.79
C LEU C 367 -39.84 11.08 2.87
N SER C 368 -40.73 10.18 2.43
CA SER C 368 -41.56 9.41 3.35
C SER C 368 -40.70 8.57 4.28
N ASN C 369 -39.62 8.02 3.73
CA ASN C 369 -38.70 7.21 4.52
C ASN C 369 -38.01 8.01 5.62
N ALA C 370 -37.61 9.25 5.30
CA ALA C 370 -36.98 10.11 6.29
C ALA C 370 -37.95 10.40 7.43
N ALA C 371 -39.21 10.61 7.10
CA ALA C 371 -40.22 10.85 8.11
C ALA C 371 -40.34 9.63 9.02
N HIS C 372 -40.27 8.46 8.41
CA HIS C 372 -40.49 7.22 9.14
C HIS C 372 -39.27 6.80 9.94
N ALA C 373 -38.09 6.82 9.32
CA ALA C 373 -36.86 6.47 10.00
C ALA C 373 -36.58 7.48 11.11
N GLY C 374 -36.95 8.73 10.87
CA GLY C 374 -36.79 9.77 11.85
C GLY C 374 -37.66 9.56 13.07
N LYS C 375 -38.90 9.12 12.85
CA LYS C 375 -39.81 8.84 13.97
C LYS C 375 -39.28 7.70 14.85
N VAL C 376 -38.75 6.66 14.21
CA VAL C 376 -38.12 5.56 14.93
C VAL C 376 -36.94 6.06 15.77
N LEU C 377 -36.10 6.89 15.16
CA LEU C 377 -34.95 7.47 15.87
C LEU C 377 -35.40 8.32 17.05
N LEU C 378 -36.36 9.22 16.82
CA LEU C 378 -36.79 10.14 17.87
C LEU C 378 -37.48 9.39 19.00
N THR C 379 -38.29 8.39 18.66
CA THR C 379 -38.93 7.56 19.67
C THR C 379 -37.88 6.86 20.51
N GLY C 380 -36.84 6.36 19.86
CA GLY C 380 -35.74 5.72 20.56
C GLY C 380 -35.01 6.66 21.48
N LEU C 381 -34.76 7.88 21.02
CA LEU C 381 -34.05 8.87 21.82
C LEU C 381 -34.89 9.30 23.03
N LEU C 382 -36.21 9.32 22.86
CA LEU C 382 -37.10 9.68 23.97
C LEU C 382 -37.05 8.60 25.05
N ASP C 383 -37.02 7.34 24.63
CA ASP C 383 -36.89 6.22 25.57
C ASP C 383 -35.58 6.30 26.33
N LEU C 384 -34.51 6.66 25.63
CA LEU C 384 -33.19 6.77 26.25
C LEU C 384 -33.15 7.95 27.22
N GLN C 385 -33.88 9.01 26.88
CA GLN C 385 -33.97 10.18 27.75
C GLN C 385 -34.66 9.82 29.05
N ALA C 386 -35.70 9.00 28.95
CA ALA C 386 -36.45 8.54 30.11
C ALA C 386 -35.59 7.65 31.01
N ARG C 387 -34.75 6.83 30.38
CA ARG C 387 -33.90 5.90 31.10
C ARG C 387 -32.60 6.52 31.62
N TYR C 388 -32.17 7.61 30.99
CA TYR C 388 -30.93 8.27 31.42
C TYR C 388 -31.05 9.79 31.50
N PRO C 389 -31.95 10.29 32.36
CA PRO C 389 -32.15 11.75 32.46
C PRO C 389 -30.93 12.50 32.96
N GLN C 390 -29.97 11.78 33.56
CA GLN C 390 -28.75 12.42 34.05
C GLN C 390 -27.74 12.68 32.92
N PHE C 391 -28.04 12.16 31.74
CA PHE C 391 -27.16 12.36 30.59
C PHE C 391 -27.87 13.00 29.41
N ILE C 392 -29.15 12.67 29.26
CA ILE C 392 -29.93 13.09 28.10
C ILE C 392 -31.06 14.04 28.47
N SER C 393 -31.12 15.18 27.78
CA SER C 393 -32.22 16.13 27.99
C SER C 393 -32.56 16.85 26.68
N ARG C 394 -33.76 17.41 26.63
CA ARG C 394 -34.25 18.22 25.51
C ARG C 394 -34.20 17.47 24.19
N VAL C 395 -34.56 16.19 24.21
CA VAL C 395 -34.65 15.42 22.96
C VAL C 395 -35.65 16.09 22.03
N ARG C 396 -35.21 16.37 20.80
CA ARG C 396 -36.03 17.12 19.85
C ARG C 396 -35.69 16.72 18.42
N GLY C 397 -36.63 16.95 17.51
CA GLY C 397 -36.34 16.64 16.12
C GLY C 397 -37.52 16.78 15.18
N ARG C 398 -37.20 16.83 13.90
CA ARG C 398 -38.19 16.72 12.83
C ARG C 398 -37.57 15.87 11.74
N GLY C 399 -38.26 14.81 11.34
CA GLY C 399 -37.65 13.83 10.44
C GLY C 399 -36.42 13.26 11.11
N THR C 400 -35.33 13.09 10.36
CA THR C 400 -34.09 12.56 10.94
C THR C 400 -33.22 13.67 11.51
N PHE C 401 -33.72 14.90 11.40
CA PHE C 401 -33.04 16.09 11.88
C PHE C 401 -33.19 16.20 13.40
N CYS C 402 -32.49 15.34 14.14
CA CYS C 402 -32.73 15.18 15.57
C CYS C 402 -31.53 15.60 16.41
N SER C 403 -31.77 15.80 17.70
CA SER C 403 -30.72 16.22 18.61
CA SER C 403 -30.72 16.23 18.60
C SER C 403 -31.13 16.05 20.07
N PHE C 404 -30.13 16.12 20.95
CA PHE C 404 -30.39 16.15 22.38
C PHE C 404 -29.24 16.84 23.09
N ASP C 405 -29.45 17.19 24.35
CA ASP C 405 -28.45 17.89 25.14
C ASP C 405 -27.81 16.95 26.15
N THR C 406 -26.55 17.21 26.47
CA THR C 406 -25.84 16.53 27.54
C THR C 406 -25.58 17.58 28.64
N PRO C 407 -25.15 17.14 29.84
CA PRO C 407 -24.98 18.16 30.90
C PRO C 407 -23.90 19.21 30.61
N ASP C 408 -22.83 18.82 29.91
CA ASP C 408 -21.79 19.78 29.57
C ASP C 408 -20.95 19.32 28.37
N GLU C 409 -20.04 20.19 27.95
CA GLU C 409 -19.25 19.97 26.75
C GLU C 409 -18.34 18.74 26.86
N SER C 410 -17.79 18.51 28.06
CA SER C 410 -16.86 17.39 28.24
C SER C 410 -17.58 16.06 28.13
N ILE C 411 -18.79 15.97 28.69
CA ILE C 411 -19.59 14.75 28.57
C ILE C 411 -20.03 14.57 27.11
N ARG C 412 -20.37 15.67 26.45
CA ARG C 412 -20.75 15.64 25.05
C ARG C 412 -19.63 15.03 24.20
N ASN C 413 -18.42 15.56 24.35
CA ASN C 413 -17.28 15.08 23.57
C ASN C 413 -16.89 13.64 23.89
N LYS C 414 -17.01 13.24 25.16
CA LYS C 414 -16.69 11.88 25.55
C LYS C 414 -17.66 10.89 24.91
N LEU C 415 -18.94 11.22 24.92
CA LEU C 415 -19.96 10.35 24.34
C LEU C 415 -19.76 10.18 22.83
N ILE C 416 -19.38 11.26 22.15
CA ILE C 416 -19.11 11.22 20.73
C ILE C 416 -17.89 10.33 20.43
N SER C 417 -16.85 10.49 21.23
CA SER C 417 -15.63 9.69 21.08
C SER C 417 -15.87 8.19 21.27
N ILE C 418 -16.61 7.84 22.32
CA ILE C 418 -16.90 6.44 22.60
C ILE C 418 -17.77 5.81 21.51
N ALA C 419 -18.79 6.54 21.07
CA ALA C 419 -19.69 6.03 20.04
C ALA C 419 -18.93 5.75 18.75
N ARG C 420 -18.00 6.64 18.43
CA ARG C 420 -17.19 6.51 17.23
C ARG C 420 -16.36 5.23 17.30
N ASN C 421 -15.74 4.99 18.45
CA ASN C 421 -14.92 3.80 18.62
C ASN C 421 -15.74 2.51 18.60
N LYS C 422 -17.02 2.62 18.95
CA LYS C 422 -17.93 1.47 18.89
C LYS C 422 -18.48 1.26 17.48
N GLY C 423 -18.39 2.29 16.65
CA GLY C 423 -18.77 2.17 15.25
C GLY C 423 -19.82 3.15 14.73
N VAL C 424 -20.08 4.21 15.48
CA VAL C 424 -21.08 5.18 15.07
C VAL C 424 -20.55 6.62 15.12
N MET C 425 -20.61 7.31 13.98
CA MET C 425 -20.14 8.68 13.91
CA MET C 425 -20.15 8.69 13.90
C MET C 425 -21.30 9.66 14.16
N LEU C 426 -21.14 10.46 15.22
CA LEU C 426 -22.14 11.45 15.59
C LEU C 426 -21.58 12.86 15.44
N GLY C 427 -22.48 13.84 15.32
CA GLY C 427 -22.06 15.22 15.22
C GLY C 427 -22.39 15.99 16.48
N GLY C 428 -21.71 17.11 16.68
CA GLY C 428 -22.01 17.99 17.79
C GLY C 428 -22.43 19.36 17.30
N CYS C 429 -23.23 20.05 18.10
CA CYS C 429 -23.60 21.43 17.82
C CYS C 429 -23.78 22.17 19.13
N GLY C 430 -23.60 23.48 19.12
CA GLY C 430 -23.69 24.27 20.34
C GLY C 430 -22.69 23.84 21.40
N ASP C 431 -22.98 24.17 22.65
CA ASP C 431 -22.11 23.86 23.78
C ASP C 431 -21.99 22.36 24.01
N LYS C 432 -23.15 21.72 24.11
CA LYS C 432 -23.25 20.40 24.71
C LYS C 432 -24.33 19.56 24.05
N SER C 433 -24.58 19.80 22.77
CA SER C 433 -25.60 19.03 22.06
C SER C 433 -24.97 17.98 21.14
N ILE C 434 -25.70 16.89 20.97
CA ILE C 434 -25.36 15.86 19.99
C ILE C 434 -26.45 15.93 18.94
N ARG C 435 -26.07 15.93 17.67
CA ARG C 435 -27.06 16.06 16.60
C ARG C 435 -26.93 14.92 15.59
N PHE C 436 -28.02 14.68 14.87
CA PHE C 436 -28.04 13.65 13.84
C PHE C 436 -28.31 14.26 12.47
N ARG C 437 -27.46 13.91 11.51
CA ARG C 437 -27.66 14.29 10.11
C ARG C 437 -27.42 13.09 9.21
N PRO C 438 -28.33 12.10 9.25
CA PRO C 438 -28.14 10.90 8.44
C PRO C 438 -28.42 11.18 6.97
N THR C 439 -27.77 10.44 6.08
CA THR C 439 -28.06 10.59 4.66
C THR C 439 -29.46 10.02 4.38
N LEU C 440 -29.99 10.22 3.17
CA LEU C 440 -31.39 9.87 2.91
C LEU C 440 -31.62 8.37 2.69
N VAL C 441 -30.56 7.58 2.69
CA VAL C 441 -30.73 6.13 2.61
C VAL C 441 -30.62 5.50 4.00
N PHE C 442 -30.68 6.35 5.02
CA PHE C 442 -30.82 5.95 6.43
C PHE C 442 -32.22 5.39 6.65
N ARG C 443 -32.30 4.18 7.22
CA ARG C 443 -33.61 3.53 7.43
C ARG C 443 -33.82 3.12 8.88
N ASP C 444 -35.03 2.62 9.18
CA ASP C 444 -35.37 2.10 10.51
C ASP C 444 -34.27 1.24 11.11
N HIS C 445 -33.75 0.31 10.32
CA HIS C 445 -32.71 -0.61 10.75
C HIS C 445 -31.48 0.12 11.28
N HIS C 446 -31.08 1.17 10.58
CA HIS C 446 -29.91 1.94 11.02
C HIS C 446 -30.21 2.72 12.30
N ALA C 447 -31.45 3.17 12.45
CA ALA C 447 -31.86 3.83 13.69
C ALA C 447 -31.68 2.88 14.87
N HIS C 448 -32.15 1.64 14.71
CA HIS C 448 -32.02 0.64 15.77
C HIS C 448 -30.57 0.27 16.04
N LEU C 449 -29.77 0.21 14.97
CA LEU C 449 -28.32 -0.01 15.12
C LEU C 449 -27.73 1.01 16.08
N PHE C 450 -28.01 2.28 15.83
CA PHE C 450 -27.49 3.33 16.68
C PHE C 450 -28.02 3.20 18.09
N LEU C 451 -29.34 3.06 18.21
CA LEU C 451 -29.99 3.04 19.51
C LEU C 451 -29.48 1.91 20.39
N ASN C 452 -29.27 0.73 19.79
CA ASN C 452 -28.71 -0.39 20.53
C ASN C 452 -27.30 -0.08 21.04
N ILE C 453 -26.45 0.39 20.13
CA ILE C 453 -25.06 0.65 20.47
C ILE C 453 -24.95 1.76 21.52
N PHE C 454 -25.79 2.79 21.40
CA PHE C 454 -25.70 3.91 22.32
C PHE C 454 -26.30 3.55 23.69
N SER C 455 -27.31 2.69 23.70
CA SER C 455 -27.90 2.24 24.95
C SER C 455 -26.87 1.49 25.78
N ASP C 456 -26.05 0.68 25.11
CA ASP C 456 -24.97 -0.05 25.78
C ASP C 456 -23.92 0.90 26.33
N ILE C 457 -23.61 1.96 25.58
CA ILE C 457 -22.64 2.96 26.02
C ILE C 457 -23.13 3.68 27.28
N LEU C 458 -24.40 4.05 27.29
CA LEU C 458 -24.98 4.77 28.44
C LEU C 458 -25.04 3.88 29.68
N ALA C 459 -25.26 2.58 29.47
CA ALA C 459 -25.41 1.62 30.57
C ALA C 459 -24.16 1.50 31.44
N ASP C 460 -23.00 1.86 30.89
CA ASP C 460 -21.77 1.78 31.66
C ASP C 460 -20.92 3.03 31.48
N PHE C 461 -21.58 4.16 31.26
CA PHE C 461 -20.87 5.43 31.08
C PHE C 461 -20.40 6.02 32.41
N ASP D 2 -5.82 21.06 -32.66
CA ASP D 2 -6.16 20.02 -33.63
C ASP D 2 -6.94 20.61 -34.82
N TYR D 3 -8.01 21.35 -34.54
CA TYR D 3 -8.70 22.08 -35.59
C TYR D 3 -7.69 23.04 -36.21
N ASP D 4 -7.82 23.30 -37.50
CA ASP D 4 -6.80 24.08 -38.20
C ASP D 4 -7.15 25.56 -38.34
N GLY D 5 -8.34 25.94 -37.89
CA GLY D 5 -8.78 27.31 -37.95
C GLY D 5 -10.25 27.40 -37.61
N PRO D 6 -10.75 28.63 -37.42
CA PRO D 6 -12.18 28.82 -37.17
C PRO D 6 -13.03 28.54 -38.39
N LEU D 7 -14.30 28.25 -38.18
CA LEU D 7 -15.24 27.97 -39.25
C LEU D 7 -16.65 28.40 -38.84
N MET D 8 -17.20 29.39 -39.54
CA MET D 8 -18.49 29.95 -39.16
C MET D 8 -19.63 29.47 -40.05
N LYS D 9 -20.74 29.10 -39.42
CA LYS D 9 -21.96 28.68 -40.11
C LYS D 9 -23.07 29.72 -40.03
N THR D 10 -23.11 30.45 -38.91
CA THR D 10 -24.11 31.49 -38.69
C THR D 10 -23.48 32.71 -38.03
N GLU D 11 -24.24 33.80 -37.93
CA GLU D 11 -23.84 34.90 -37.06
C GLU D 11 -24.04 34.42 -35.62
N VAL D 12 -23.35 35.06 -34.68
CA VAL D 12 -23.40 34.64 -33.29
C VAL D 12 -24.03 35.74 -32.43
N PRO D 13 -25.06 35.39 -31.63
CA PRO D 13 -25.68 34.07 -31.47
C PRO D 13 -26.56 33.65 -32.64
N GLY D 14 -26.49 32.37 -33.00
CA GLY D 14 -27.28 31.79 -34.08
C GLY D 14 -28.65 31.36 -33.59
N PRO D 15 -29.46 30.79 -34.49
CA PRO D 15 -30.85 30.49 -34.16
C PRO D 15 -31.04 29.57 -32.94
N ARG D 16 -30.21 28.54 -32.81
CA ARG D 16 -30.37 27.60 -31.69
C ARG D 16 -29.97 28.27 -30.38
N SER D 17 -28.87 29.03 -30.40
CA SER D 17 -28.50 29.82 -29.22
C SER D 17 -29.60 30.79 -28.82
N ARG D 18 -30.19 31.47 -29.79
CA ARG D 18 -31.23 32.45 -29.48
C ARG D 18 -32.46 31.78 -28.86
N GLU D 19 -32.77 30.57 -29.29
CA GLU D 19 -33.90 29.83 -28.74
C GLU D 19 -33.63 29.44 -27.28
N LEU D 20 -32.41 28.98 -27.01
CA LEU D 20 -32.02 28.58 -25.65
C LEU D 20 -31.94 29.77 -24.70
N MET D 21 -31.49 30.90 -25.24
CA MET D 21 -31.42 32.14 -24.47
C MET D 21 -32.83 32.60 -24.08
N LYS D 22 -33.77 32.41 -25.00
CA LYS D 22 -35.16 32.77 -24.71
C LYS D 22 -35.72 31.92 -23.56
N GLN D 23 -35.37 30.64 -23.57
CA GLN D 23 -35.79 29.70 -22.51
C GLN D 23 -35.15 30.05 -21.17
N LEU D 24 -33.86 30.32 -21.17
CA LEU D 24 -33.16 30.62 -19.93
C LEU D 24 -33.67 31.92 -19.33
N ASN D 25 -34.03 32.88 -20.18
CA ASN D 25 -34.49 34.17 -19.71
C ASN D 25 -35.82 34.11 -18.92
N ILE D 26 -36.54 33.00 -19.04
CA ILE D 26 -37.74 32.80 -18.24
C ILE D 26 -37.39 32.65 -16.76
N ILE D 27 -36.30 31.96 -16.46
CA ILE D 27 -35.99 31.62 -15.08
C ILE D 27 -34.96 32.55 -14.42
N GLN D 28 -34.26 33.35 -15.23
CA GLN D 28 -33.28 34.28 -14.68
C GLN D 28 -32.96 35.34 -15.72
N ASN D 29 -32.35 36.45 -15.29
CA ASN D 29 -31.84 37.43 -16.24
C ASN D 29 -30.72 36.80 -17.04
N ALA D 30 -30.92 36.62 -18.34
CA ALA D 30 -29.93 35.95 -19.17
C ALA D 30 -29.31 36.91 -20.18
N GLU D 31 -29.38 38.20 -19.90
CA GLU D 31 -28.90 39.20 -20.84
C GLU D 31 -27.37 39.22 -20.98
N ALA D 32 -26.67 38.59 -20.03
CA ALA D 32 -25.21 38.50 -20.10
C ALA D 32 -24.75 37.38 -21.02
N VAL D 33 -25.63 36.43 -21.31
CA VAL D 33 -25.25 35.26 -22.12
C VAL D 33 -24.81 35.66 -23.52
N HIS D 34 -23.63 35.19 -23.91
CA HIS D 34 -23.10 35.42 -25.26
C HIS D 34 -23.75 34.47 -26.26
N PHE D 35 -23.70 33.17 -25.95
CA PHE D 35 -24.30 32.13 -26.76
C PHE D 35 -24.19 30.81 -25.99
N PHE D 36 -24.86 29.78 -26.49
CA PHE D 36 -24.80 28.46 -25.85
C PHE D 36 -23.77 27.57 -26.57
N CYS D 37 -23.11 26.70 -25.80
CA CYS D 37 -21.94 25.98 -26.31
C CYS D 37 -22.07 24.47 -26.36
N ASN D 38 -21.42 23.89 -27.36
CA ASN D 38 -21.25 22.45 -27.47
C ASN D 38 -19.84 22.10 -27.00
N TYR D 39 -19.68 21.88 -25.70
CA TYR D 39 -18.35 21.62 -25.16
C TYR D 39 -17.82 20.25 -25.56
N GLU D 40 -18.72 19.30 -25.83
CA GLU D 40 -18.30 17.97 -26.28
C GLU D 40 -17.48 18.03 -27.58
N GLU D 41 -17.79 19.00 -28.43
CA GLU D 41 -17.11 19.15 -29.72
C GLU D 41 -16.01 20.22 -29.70
N SER D 42 -15.90 20.91 -28.57
CA SER D 42 -14.85 21.91 -28.41
C SER D 42 -13.52 21.22 -28.13
N ARG D 43 -12.44 21.74 -28.72
CA ARG D 43 -11.11 21.11 -28.60
C ARG D 43 -10.00 22.15 -28.64
N GLY D 44 -9.08 22.06 -27.67
CA GLY D 44 -7.93 22.95 -27.65
C GLY D 44 -8.35 24.41 -27.55
N ASN D 45 -7.93 25.20 -28.53
CA ASN D 45 -8.23 26.63 -28.53
C ASN D 45 -9.60 26.96 -29.11
N TYR D 46 -10.33 25.94 -29.56
CA TYR D 46 -11.57 26.19 -30.30
C TYR D 46 -12.83 25.85 -29.53
N LEU D 47 -13.71 26.84 -29.43
CA LEU D 47 -15.01 26.70 -28.79
C LEU D 47 -16.07 26.53 -29.88
N VAL D 48 -16.86 25.46 -29.78
CA VAL D 48 -17.93 25.20 -30.75
C VAL D 48 -19.27 25.54 -30.11
N ASP D 49 -20.13 26.28 -30.82
CA ASP D 49 -21.43 26.63 -30.22
C ASP D 49 -22.52 25.69 -30.71
N VAL D 50 -23.76 25.92 -30.27
CA VAL D 50 -24.83 24.99 -30.58
C VAL D 50 -25.31 25.12 -32.03
N ASP D 51 -24.83 26.15 -32.73
CA ASP D 51 -25.19 26.34 -34.13
C ASP D 51 -24.08 25.84 -35.07
N GLY D 52 -23.07 25.21 -34.48
CA GLY D 52 -22.00 24.61 -35.26
C GLY D 52 -20.85 25.54 -35.58
N ASN D 53 -20.93 26.78 -35.09
CA ASN D 53 -19.83 27.72 -35.28
C ASN D 53 -18.61 27.29 -34.50
N ARG D 54 -17.44 27.39 -35.12
CA ARG D 54 -16.20 27.02 -34.46
C ARG D 54 -15.30 28.24 -34.36
N MET D 55 -15.08 28.71 -33.13
CA MET D 55 -14.37 29.97 -32.92
C MET D 55 -13.04 29.79 -32.19
N LEU D 56 -12.04 30.55 -32.61
CA LEU D 56 -10.79 30.64 -31.85
C LEU D 56 -11.06 31.42 -30.57
N ASP D 57 -10.94 30.75 -29.43
CA ASP D 57 -11.34 31.34 -28.16
C ASP D 57 -10.16 32.01 -27.47
N LEU D 58 -10.13 33.34 -27.49
CA LEU D 58 -9.05 34.07 -26.86
C LEU D 58 -9.53 34.73 -25.56
N TYR D 59 -10.61 34.18 -25.00
CA TYR D 59 -11.15 34.69 -23.73
C TYR D 59 -11.16 33.59 -22.67
N SER D 60 -11.18 32.34 -23.13
CA SER D 60 -11.13 31.11 -22.31
C SER D 60 -11.95 31.11 -21.02
N GLN D 61 -13.25 31.36 -21.15
CA GLN D 61 -14.19 31.32 -20.01
C GLN D 61 -13.72 32.27 -18.91
N ILE D 62 -13.42 33.50 -19.32
CA ILE D 62 -12.93 34.53 -18.41
C ILE D 62 -11.62 34.06 -17.77
N SER D 63 -10.72 33.58 -18.62
CA SER D 63 -9.35 33.22 -18.24
C SER D 63 -9.30 32.07 -17.22
N SER D 64 -10.16 31.09 -17.40
CA SER D 64 -10.25 29.99 -16.42
C SER D 64 -10.00 28.59 -17.00
N ILE D 65 -9.81 28.48 -18.30
CA ILE D 65 -9.50 27.17 -18.92
C ILE D 65 -8.00 27.08 -19.15
N PRO D 66 -7.31 26.17 -18.42
CA PRO D 66 -5.84 26.21 -18.45
C PRO D 66 -5.21 25.60 -19.69
N ILE D 67 -5.62 24.41 -20.13
CA ILE D 67 -4.96 23.78 -21.27
C ILE D 67 -5.93 23.37 -22.37
N GLY D 68 -6.89 24.25 -22.63
CA GLY D 68 -7.81 24.08 -23.75
C GLY D 68 -8.97 23.15 -23.44
N TYR D 69 -9.91 23.09 -24.37
CA TYR D 69 -11.11 22.27 -24.21
C TYR D 69 -10.84 20.80 -24.53
N SER D 70 -11.54 19.92 -23.81
CA SER D 70 -11.45 18.47 -24.04
C SER D 70 -10.03 17.94 -24.17
N HIS D 71 -9.14 18.36 -23.27
CA HIS D 71 -7.77 17.90 -23.34
C HIS D 71 -7.73 16.39 -23.10
N PRO D 72 -7.06 15.65 -24.01
CA PRO D 72 -6.99 14.18 -23.95
C PRO D 72 -6.46 13.64 -22.61
N ALA D 73 -5.55 14.35 -21.96
CA ALA D 73 -5.02 13.88 -20.67
C ALA D 73 -6.06 13.98 -19.57
N LEU D 74 -6.95 14.96 -19.67
CA LEU D 74 -8.03 15.09 -18.69
C LEU D 74 -9.13 14.08 -18.98
N VAL D 75 -9.40 13.83 -20.27
CA VAL D 75 -10.34 12.79 -20.66
C VAL D 75 -9.94 11.48 -20.01
N LYS D 76 -8.65 11.15 -20.10
CA LYS D 76 -8.13 9.91 -19.55
C LYS D 76 -8.37 9.79 -18.06
N LEU D 77 -8.16 10.88 -17.31
CA LEU D 77 -8.40 10.87 -15.87
C LEU D 77 -9.82 10.44 -15.52
N VAL D 78 -10.81 10.98 -16.23
CA VAL D 78 -12.20 10.74 -15.93
C VAL D 78 -12.60 9.31 -16.33
N GLN D 79 -11.85 8.74 -17.27
CA GLN D 79 -12.13 7.38 -17.74
C GLN D 79 -11.61 6.31 -16.80
N GLN D 80 -10.68 6.67 -15.91
CA GLN D 80 -10.08 5.70 -15.00
C GLN D 80 -11.05 5.32 -13.87
N PRO D 81 -11.38 4.02 -13.76
CA PRO D 81 -12.37 3.57 -12.78
C PRO D 81 -11.97 3.93 -11.35
N GLN D 82 -10.67 4.04 -11.09
CA GLN D 82 -10.19 4.34 -9.75
C GLN D 82 -10.52 5.76 -9.32
N ASN D 83 -10.90 6.60 -10.28
CA ASN D 83 -11.18 8.01 -9.99
C ASN D 83 -12.66 8.32 -9.79
N VAL D 84 -13.53 7.33 -9.95
CA VAL D 84 -14.97 7.54 -9.87
C VAL D 84 -15.37 8.10 -8.50
N SER D 85 -14.79 7.55 -7.44
CA SER D 85 -15.12 7.96 -6.07
C SER D 85 -14.89 9.44 -5.86
N THR D 86 -13.81 9.95 -6.44
CA THR D 86 -13.45 11.35 -6.29
C THR D 86 -14.52 12.29 -6.83
N PHE D 87 -15.22 11.86 -7.88
CA PHE D 87 -16.23 12.69 -8.52
C PHE D 87 -17.61 12.60 -7.85
N ILE D 88 -17.85 11.55 -7.08
CA ILE D 88 -19.20 11.34 -6.54
C ILE D 88 -19.26 11.30 -5.01
N ASN D 89 -18.10 11.31 -4.36
CA ASN D 89 -18.02 11.36 -2.90
C ASN D 89 -17.31 12.62 -2.45
N ARG D 90 -18.01 13.75 -2.42
CA ARG D 90 -17.36 15.00 -2.03
C ARG D 90 -17.26 15.13 -0.52
N PRO D 91 -16.03 15.27 -0.01
CA PRO D 91 -15.84 15.29 1.43
C PRO D 91 -15.94 16.68 2.03
N ALA D 92 -16.29 16.74 3.31
CA ALA D 92 -16.09 17.94 4.09
C ALA D 92 -14.60 17.99 4.43
N LEU D 93 -13.82 18.63 3.56
CA LEU D 93 -12.36 18.50 3.58
C LEU D 93 -11.70 18.91 4.90
N GLY D 94 -12.34 19.80 5.64
CA GLY D 94 -11.73 20.32 6.85
C GLY D 94 -11.73 19.30 7.97
N ILE D 95 -12.61 18.32 7.88
CA ILE D 95 -12.73 17.33 8.95
C ILE D 95 -12.50 15.90 8.50
N LEU D 96 -12.81 15.57 7.24
CA LEU D 96 -12.75 14.19 6.78
C LEU D 96 -12.08 14.08 5.40
N PRO D 97 -10.80 14.45 5.34
CA PRO D 97 -10.08 14.44 4.05
C PRO D 97 -9.86 13.02 3.54
N PRO D 98 -9.80 12.85 2.22
CA PRO D 98 -9.51 11.54 1.62
C PRO D 98 -8.05 11.15 1.83
N GLU D 99 -7.78 9.84 1.78
CA GLU D 99 -6.44 9.32 2.04
C GLU D 99 -5.34 10.01 1.22
N ASN D 100 -5.63 10.31 -0.05
CA ASN D 100 -4.60 10.86 -0.93
C ASN D 100 -4.54 12.39 -0.91
N PHE D 101 -5.18 13.03 0.07
CA PHE D 101 -5.32 14.49 0.06
C PHE D 101 -3.96 15.19 0.04
N VAL D 102 -3.07 14.79 0.94
CA VAL D 102 -1.77 15.45 1.01
C VAL D 102 -0.91 15.11 -0.21
N GLU D 103 -0.95 13.87 -0.67
CA GLU D 103 -0.13 13.48 -1.82
C GLU D 103 -0.57 14.21 -3.10
N LYS D 104 -1.87 14.35 -3.30
CA LYS D 104 -2.38 15.07 -4.47
C LYS D 104 -2.01 16.56 -4.40
N LEU D 105 -2.01 17.14 -3.21
CA LEU D 105 -1.51 18.50 -3.04
C LEU D 105 -0.02 18.61 -3.38
N ARG D 106 0.75 17.59 -3.02
CA ARG D 106 2.17 17.57 -3.38
C ARG D 106 2.35 17.52 -4.89
N GLU D 107 1.46 16.82 -5.58
CA GLU D 107 1.51 16.67 -7.02
C GLU D 107 1.05 17.93 -7.76
N SER D 108 0.35 18.80 -7.05
CA SER D 108 -0.25 19.97 -7.69
C SER D 108 0.21 21.28 -7.03
N LEU D 109 -0.63 21.84 -6.17
CA LEU D 109 -0.41 23.19 -5.62
C LEU D 109 0.94 23.34 -4.90
N LEU D 110 1.34 22.34 -4.13
CA LEU D 110 2.58 22.50 -3.36
C LEU D 110 3.80 22.51 -4.28
N SER D 111 3.68 21.93 -5.46
CA SER D 111 4.81 21.89 -6.39
C SER D 111 5.03 23.24 -7.07
N VAL D 112 4.08 24.16 -6.95
CA VAL D 112 4.24 25.51 -7.49
C VAL D 112 4.09 26.61 -6.43
N ALA D 113 4.40 26.28 -5.17
CA ALA D 113 4.26 27.24 -4.10
C ALA D 113 5.17 28.45 -4.32
N PRO D 114 4.63 29.66 -4.08
CA PRO D 114 5.42 30.89 -4.18
C PRO D 114 6.54 30.92 -3.15
N LYS D 115 7.56 31.73 -3.39
CA LYS D 115 8.68 31.83 -2.47
C LYS D 115 8.25 32.36 -1.11
N GLY D 116 8.72 31.70 -0.05
CA GLY D 116 8.50 32.18 1.30
C GLY D 116 7.18 31.77 1.93
N MET D 117 6.34 31.06 1.18
CA MET D 117 5.03 30.68 1.70
C MET D 117 4.86 29.17 1.88
N SER D 118 4.99 28.72 3.13
CA SER D 118 4.95 27.29 3.43
C SER D 118 3.54 26.77 3.67
N GLN D 119 2.58 27.68 3.86
CA GLN D 119 1.21 27.30 4.21
C GLN D 119 0.26 27.37 3.02
N LEU D 120 -0.74 26.51 3.03
CA LEU D 120 -1.74 26.47 1.98
C LEU D 120 -3.09 26.05 2.53
N ILE D 121 -4.13 26.79 2.18
CA ILE D 121 -5.51 26.38 2.46
C ILE D 121 -6.26 26.45 1.14
N THR D 122 -7.13 25.48 0.88
CA THR D 122 -7.89 25.48 -0.37
C THR D 122 -9.30 26.06 -0.20
N MET D 123 -9.80 26.65 -1.28
CA MET D 123 -11.15 27.24 -1.34
C MET D 123 -11.77 26.93 -2.70
N ALA D 124 -13.08 27.09 -2.84
CA ALA D 124 -13.72 26.71 -4.11
C ALA D 124 -13.74 27.80 -5.18
N CYS D 125 -13.53 29.07 -4.82
CA CYS D 125 -13.51 30.12 -5.84
C CYS D 125 -12.64 31.30 -5.44
N GLY D 126 -12.56 32.30 -6.30
CA GLY D 126 -11.68 33.42 -6.07
C GLY D 126 -12.19 34.32 -4.95
N SER D 127 -13.52 34.42 -4.85
CA SER D 127 -14.12 35.30 -3.85
C SER D 127 -13.91 34.76 -2.42
N CYS D 128 -14.15 33.47 -2.20
CA CYS D 128 -13.97 32.99 -0.84
C CYS D 128 -12.48 32.84 -0.55
N SER D 129 -11.65 32.72 -1.58
CA SER D 129 -10.20 32.78 -1.39
C SER D 129 -9.80 34.15 -0.82
N ASN D 130 -10.25 35.22 -1.46
CA ASN D 130 -9.93 36.56 -0.99
C ASN D 130 -10.60 36.86 0.35
N GLU D 131 -11.84 36.44 0.53
CA GLU D 131 -12.54 36.68 1.81
C GLU D 131 -11.78 36.03 2.96
N ASN D 132 -11.34 34.79 2.75
CA ASN D 132 -10.65 34.09 3.83
C ASN D 132 -9.21 34.58 3.99
N ALA D 133 -8.62 35.11 2.92
CA ALA D 133 -7.34 35.78 3.04
C ALA D 133 -7.48 37.03 3.92
N PHE D 134 -8.54 37.80 3.69
CA PHE D 134 -8.84 38.96 4.54
C PHE D 134 -8.94 38.54 6.02
N LYS D 135 -9.73 37.49 6.27
CA LYS D 135 -9.95 37.06 7.66
C LYS D 135 -8.65 36.59 8.30
N THR D 136 -7.83 35.88 7.51
CA THR D 136 -6.53 35.43 7.98
C THR D 136 -5.66 36.61 8.39
N ILE D 137 -5.71 37.66 7.60
CA ILE D 137 -4.93 38.87 7.87
C ILE D 137 -5.46 39.59 9.12
N PHE D 138 -6.77 39.66 9.27
CA PHE D 138 -7.36 40.33 10.45
C PHE D 138 -6.99 39.60 11.74
N MET D 139 -7.04 38.27 11.71
CA MET D 139 -6.69 37.44 12.86
CA MET D 139 -6.73 37.55 12.95
C MET D 139 -5.22 37.57 13.21
N TRP D 140 -4.40 37.65 12.16
CA TRP D 140 -2.95 37.82 12.33
C TRP D 140 -2.65 39.16 12.98
N TYR D 141 -3.32 40.21 12.50
CA TYR D 141 -3.07 41.54 13.02
C TYR D 141 -3.48 41.63 14.50
N ARG D 142 -4.64 41.08 14.83
CA ARG D 142 -5.09 41.05 16.22
C ARG D 142 -4.14 40.21 17.09
N SER D 143 -3.60 39.14 16.52
CA SER D 143 -2.66 38.31 17.26
C SER D 143 -1.38 39.09 17.59
N LYS D 144 -0.91 39.91 16.66
CA LYS D 144 0.22 40.79 16.93
C LYS D 144 -0.06 41.70 18.11
N GLU D 145 -1.28 42.24 18.15
CA GLU D 145 -1.63 43.22 19.16
C GLU D 145 -1.82 42.61 20.55
N ARG D 146 -2.46 41.44 20.64
CA ARG D 146 -2.72 40.89 21.98
C ARG D 146 -1.59 39.98 22.45
N GLY D 147 -0.76 39.49 21.54
CA GLY D 147 0.38 38.68 21.91
C GLY D 147 -0.01 37.41 22.66
N GLU D 148 0.55 37.23 23.86
CA GLU D 148 0.28 36.04 24.67
C GLU D 148 -1.03 36.13 25.44
N SER D 149 -1.67 37.29 25.44
CA SER D 149 -2.99 37.44 26.06
C SER D 149 -4.01 36.60 25.31
N ALA D 150 -4.97 36.04 26.02
CA ALA D 150 -6.07 35.30 25.38
C ALA D 150 -7.18 36.26 24.95
N PHE D 151 -8.14 35.77 24.16
CA PHE D 151 -9.36 36.54 23.86
C PHE D 151 -9.93 37.08 25.16
N SER D 152 -10.21 38.37 25.24
CA SER D 152 -10.75 38.94 26.47
C SER D 152 -12.24 38.63 26.65
N LYS D 153 -12.74 38.77 27.87
CA LYS D 153 -14.16 38.60 28.14
C LYS D 153 -15.01 39.53 27.28
N GLU D 154 -14.59 40.78 27.20
CA GLU D 154 -15.32 41.79 26.44
C GLU D 154 -15.35 41.48 24.94
N GLU D 155 -14.22 41.01 24.43
CA GLU D 155 -14.10 40.64 23.02
C GLU D 155 -15.02 39.47 22.68
N LEU D 156 -15.04 38.47 23.56
CA LEU D 156 -15.86 37.29 23.35
C LEU D 156 -17.35 37.64 23.37
N GLU D 157 -17.73 38.56 24.23
CA GLU D 157 -19.12 38.97 24.30
C GLU D 157 -19.53 39.83 23.11
N THR D 158 -18.72 40.83 22.78
CA THR D 158 -19.12 41.77 21.74
C THR D 158 -19.05 41.20 20.33
N CYS D 159 -18.16 40.22 20.09
CA CYS D 159 -18.04 39.69 18.75
C CYS D 159 -19.32 38.96 18.33
N MET D 160 -20.05 38.41 19.28
CA MET D 160 -21.31 37.71 18.98
C MET D 160 -22.41 38.68 18.53
N ILE D 161 -22.29 39.95 18.88
CA ILE D 161 -23.31 40.92 18.51
C ILE D 161 -22.75 42.01 17.59
N ASN D 162 -21.76 41.64 16.79
CA ASN D 162 -21.20 42.51 15.75
C ASN D 162 -20.65 43.84 16.26
N GLN D 163 -20.06 43.82 17.46
CA GLN D 163 -19.54 45.04 18.06
C GLN D 163 -18.03 44.97 18.36
N ALA D 164 -17.37 46.11 18.26
CA ALA D 164 -16.02 46.24 18.79
C ALA D 164 -16.06 46.09 20.32
N PRO D 165 -14.95 45.62 20.92
CA PRO D 165 -13.65 45.28 20.31
C PRO D 165 -13.59 43.88 19.70
N GLY D 166 -14.60 43.06 19.95
CA GLY D 166 -14.63 41.70 19.42
C GLY D 166 -14.59 41.70 17.90
N CYS D 167 -15.37 42.59 17.30
CA CYS D 167 -15.31 42.85 15.86
C CYS D 167 -14.58 44.16 15.61
N PRO D 168 -13.28 44.10 15.31
CA PRO D 168 -12.49 45.33 15.18
C PRO D 168 -12.84 46.13 13.94
N ASP D 169 -12.50 47.42 13.96
CA ASP D 169 -12.80 48.29 12.83
C ASP D 169 -11.61 48.38 11.88
N TYR D 170 -10.96 47.25 11.64
CA TYR D 170 -9.79 47.29 10.79
CA TYR D 170 -9.80 47.11 10.76
C TYR D 170 -10.19 47.28 9.31
N SER D 171 -9.23 47.66 8.47
CA SER D 171 -9.50 47.82 7.05
C SER D 171 -8.51 47.05 6.18
N ILE D 172 -8.89 46.85 4.91
CA ILE D 172 -7.99 46.39 3.87
C ILE D 172 -7.86 47.52 2.86
N LEU D 173 -6.63 47.90 2.52
CA LEU D 173 -6.43 48.94 1.50
C LEU D 173 -6.47 48.30 0.11
N SER D 174 -7.18 48.95 -0.81
CA SER D 174 -7.30 48.44 -2.17
C SER D 174 -7.09 49.58 -3.17
N PHE D 175 -7.11 49.26 -4.46
CA PHE D 175 -6.79 50.27 -5.47
C PHE D 175 -7.97 50.58 -6.38
N MET D 176 -8.06 51.82 -6.83
CA MET D 176 -9.02 52.16 -7.89
C MET D 176 -8.72 51.28 -9.09
N GLY D 177 -9.76 50.79 -9.75
CA GLY D 177 -9.59 49.89 -10.88
C GLY D 177 -9.55 48.41 -10.51
N ALA D 178 -9.45 48.11 -9.23
CA ALA D 178 -9.25 46.73 -8.81
C ALA D 178 -10.50 45.87 -8.97
N PHE D 179 -10.28 44.56 -9.10
CA PHE D 179 -11.39 43.61 -9.02
C PHE D 179 -10.96 42.40 -8.19
N HIS D 180 -11.67 42.14 -7.10
CA HIS D 180 -11.29 41.06 -6.20
C HIS D 180 -12.46 40.14 -5.85
N GLY D 181 -13.59 40.30 -6.52
CA GLY D 181 -14.73 39.45 -6.25
C GLY D 181 -15.94 40.24 -5.82
N ARG D 182 -17.06 39.56 -5.61
CA ARG D 182 -18.33 40.28 -5.42
C ARG D 182 -19.12 39.92 -4.18
N THR D 183 -18.61 38.99 -3.37
CA THR D 183 -19.18 38.82 -2.03
C THR D 183 -18.86 40.11 -1.26
N MET D 184 -19.55 40.36 -0.16
CA MET D 184 -19.57 41.73 0.37
C MET D 184 -18.23 42.22 0.94
N GLY D 185 -17.38 41.30 1.40
CA GLY D 185 -16.03 41.70 1.79
C GLY D 185 -15.17 42.05 0.59
N CYS D 186 -15.08 41.11 -0.35
CA CYS D 186 -14.42 41.30 -1.64
C CYS D 186 -14.87 42.56 -2.34
N LEU D 187 -16.18 42.78 -2.37
CA LEU D 187 -16.75 43.87 -3.14
C LEU D 187 -16.26 45.21 -2.62
N ALA D 188 -16.02 45.31 -1.31
CA ALA D 188 -15.51 46.55 -0.74
C ALA D 188 -14.13 46.91 -1.28
N THR D 189 -13.36 45.91 -1.72
CA THR D 189 -12.03 46.19 -2.28
C THR D 189 -12.05 46.26 -3.80
N THR D 190 -13.23 46.06 -4.37
CA THR D 190 -13.43 46.07 -5.81
C THR D 190 -13.85 47.47 -6.26
N HIS D 191 -13.20 47.99 -7.31
CA HIS D 191 -13.49 49.33 -7.81
C HIS D 191 -13.39 49.36 -9.32
N SER D 192 -14.16 48.50 -9.95
CA SER D 192 -14.05 48.24 -11.39
C SER D 192 -15.06 49.03 -12.21
N LYS D 193 -16.35 48.78 -11.97
CA LYS D 193 -17.46 49.41 -12.69
C LYS D 193 -18.61 49.68 -11.73
N ALA D 194 -19.34 50.77 -11.95
CA ALA D 194 -20.41 51.14 -11.03
C ALA D 194 -21.48 50.06 -10.91
N ILE D 195 -21.74 49.34 -12.01
CA ILE D 195 -22.82 48.36 -12.00
C ILE D 195 -22.52 47.21 -11.04
N HIS D 196 -21.24 46.98 -10.76
CA HIS D 196 -20.81 45.95 -9.82
C HIS D 196 -21.12 46.34 -8.36
N LYS D 197 -21.13 47.65 -8.11
CA LYS D 197 -21.11 48.19 -6.75
C LYS D 197 -22.42 48.82 -6.27
N ILE D 198 -23.20 49.35 -7.20
CA ILE D 198 -24.32 50.19 -6.84
C ILE D 198 -25.41 49.45 -6.07
N ASP D 199 -25.92 50.11 -5.02
CA ASP D 199 -27.00 49.63 -4.14
C ASP D 199 -26.55 48.59 -3.11
N ILE D 200 -25.26 48.30 -3.03
CA ILE D 200 -24.77 47.33 -2.05
C ILE D 200 -24.02 48.02 -0.90
N PRO D 201 -24.41 47.73 0.35
CA PRO D 201 -23.65 48.25 1.50
C PRO D 201 -22.18 47.86 1.43
N SER D 202 -21.32 48.75 1.92
CA SER D 202 -19.88 48.58 1.77
C SER D 202 -19.14 48.85 3.08
N PHE D 203 -17.82 48.88 3.00
CA PHE D 203 -16.96 49.24 4.13
C PHE D 203 -16.20 50.54 3.86
N ASP D 204 -16.00 51.37 4.88
CA ASP D 204 -15.17 52.55 4.73
C ASP D 204 -13.70 52.14 4.89
N TRP D 205 -13.14 51.64 3.80
CA TRP D 205 -11.75 51.22 3.74
C TRP D 205 -10.98 52.11 2.76
N PRO D 206 -9.67 52.28 2.97
CA PRO D 206 -8.93 53.22 2.11
C PRO D 206 -8.79 52.72 0.66
N ILE D 207 -8.90 53.65 -0.28
CA ILE D 207 -8.80 53.35 -1.70
C ILE D 207 -7.73 54.22 -2.34
N ALA D 208 -6.65 53.58 -2.78
CA ALA D 208 -5.52 54.29 -3.37
C ALA D 208 -5.60 54.30 -4.89
N PRO D 209 -4.96 55.28 -5.54
CA PRO D 209 -4.86 55.26 -7.00
C PRO D 209 -3.86 54.24 -7.51
N PHE D 210 -4.21 53.57 -8.60
CA PHE D 210 -3.29 52.66 -9.28
C PHE D 210 -2.69 53.44 -10.44
N PRO D 211 -1.37 53.27 -10.68
CA PRO D 211 -0.71 54.05 -11.74
C PRO D 211 -1.40 53.92 -13.10
N ARG D 212 -1.55 55.04 -13.79
CA ARG D 212 -1.94 54.96 -15.20
C ARG D 212 -0.74 55.30 -16.07
N LEU D 213 -0.15 54.28 -16.65
CA LEU D 213 1.04 54.46 -17.47
C LEU D 213 0.67 55.12 -18.78
N LYS D 214 1.61 55.89 -19.32
CA LYS D 214 1.47 56.47 -20.65
C LYS D 214 2.28 55.66 -21.68
N TYR D 215 1.75 55.60 -22.90
CA TYR D 215 2.32 54.76 -23.94
C TYR D 215 2.64 55.61 -25.18
N PRO D 216 3.68 55.24 -25.92
CA PRO D 216 4.58 54.10 -25.73
C PRO D 216 5.48 54.31 -24.51
N LEU D 217 5.85 53.22 -23.85
CA LEU D 217 6.58 53.32 -22.60
C LEU D 217 7.94 54.00 -22.76
N GLU D 218 8.57 53.81 -23.91
CA GLU D 218 9.89 54.38 -24.15
C GLU D 218 9.87 55.91 -24.23
N GLU D 219 8.70 56.47 -24.55
CA GLU D 219 8.58 57.91 -24.72
C GLU D 219 8.18 58.62 -23.43
N PHE D 220 7.86 57.85 -22.38
CA PHE D 220 7.34 58.44 -21.16
C PHE D 220 7.97 57.86 -19.89
N VAL D 221 9.28 57.59 -19.96
CA VAL D 221 9.98 56.99 -18.83
C VAL D 221 9.88 57.85 -17.56
N LYS D 222 10.17 59.14 -17.68
CA LYS D 222 10.11 60.05 -16.54
C LYS D 222 8.69 60.22 -16.02
N GLU D 223 7.75 60.45 -16.93
CA GLU D 223 6.34 60.62 -16.58
C GLU D 223 5.81 59.40 -15.81
N ASN D 224 6.14 58.21 -16.29
CA ASN D 224 5.63 56.99 -15.68
C ASN D 224 6.29 56.75 -14.32
N GLN D 225 7.55 57.14 -14.20
CA GLN D 225 8.24 57.06 -12.91
C GLN D 225 7.58 57.97 -11.88
N GLN D 226 7.16 59.15 -12.30
CA GLN D 226 6.56 60.12 -11.41
C GLN D 226 5.14 59.72 -11.02
N GLU D 227 4.42 59.13 -11.97
CA GLU D 227 3.08 58.64 -11.71
C GLU D 227 3.11 57.52 -10.68
N GLU D 228 4.06 56.61 -10.82
CA GLU D 228 4.17 55.50 -9.88
C GLU D 228 4.60 56.02 -8.50
N ALA D 229 5.49 57.00 -8.49
CA ALA D 229 5.93 57.61 -7.23
C ALA D 229 4.77 58.29 -6.53
N ARG D 230 3.93 58.97 -7.30
CA ARG D 230 2.76 59.65 -6.75
C ARG D 230 1.80 58.66 -6.09
N CYS D 231 1.58 57.53 -6.74
CA CYS D 231 0.65 56.54 -6.21
C CYS D 231 1.19 55.90 -4.93
N LEU D 232 2.49 55.61 -4.92
CA LEU D 232 3.13 55.03 -3.75
C LEU D 232 3.03 55.95 -2.55
N GLU D 233 3.19 57.26 -2.78
CA GLU D 233 3.06 58.23 -1.70
C GLU D 233 1.63 58.31 -1.17
N GLU D 234 0.64 58.23 -2.06
CA GLU D 234 -0.75 58.28 -1.64
C GLU D 234 -1.14 57.05 -0.83
N VAL D 235 -0.56 55.89 -1.18
CA VAL D 235 -0.78 54.67 -0.41
C VAL D 235 -0.33 54.86 1.04
N GLU D 236 0.89 55.37 1.19
CA GLU D 236 1.47 55.54 2.52
C GLU D 236 0.69 56.57 3.33
N ASP D 237 0.26 57.63 2.67
CA ASP D 237 -0.55 58.66 3.34
C ASP D 237 -1.87 58.09 3.81
N LEU D 238 -2.47 57.23 3.01
CA LEU D 238 -3.75 56.61 3.38
C LEU D 238 -3.61 55.68 4.60
N ILE D 239 -2.51 54.94 4.65
CA ILE D 239 -2.27 54.03 5.78
C ILE D 239 -2.20 54.84 7.08
N VAL D 240 -1.42 55.92 7.05
CA VAL D 240 -1.27 56.78 8.20
C VAL D 240 -2.58 57.45 8.59
N LYS D 241 -3.33 57.91 7.59
CA LYS D 241 -4.62 58.55 7.81
C LYS D 241 -5.64 57.63 8.48
N TYR D 242 -5.68 56.37 8.04
CA TYR D 242 -6.68 55.44 8.56
C TYR D 242 -6.27 54.89 9.92
N ARG D 243 -4.97 54.88 10.20
CA ARG D 243 -4.50 54.56 11.54
C ARG D 243 -5.02 55.60 12.53
N LYS D 244 -4.88 56.87 12.16
CA LYS D 244 -5.37 57.96 13.00
C LYS D 244 -6.89 57.96 13.12
N LYS D 245 -7.57 57.35 12.14
CA LYS D 245 -9.02 57.23 12.19
C LYS D 245 -9.47 56.05 13.04
N LYS D 246 -8.50 55.33 13.61
CA LYS D 246 -8.75 54.10 14.36
C LYS D 246 -9.39 53.05 13.45
N LYS D 247 -9.02 53.08 12.18
CA LYS D 247 -9.48 52.10 11.21
C LYS D 247 -8.25 51.45 10.59
N THR D 248 -7.37 50.95 11.44
CA THR D 248 -6.04 50.46 11.08
C THR D 248 -6.04 49.56 9.85
N VAL D 249 -5.15 49.86 8.91
CA VAL D 249 -4.99 49.03 7.73
C VAL D 249 -4.23 47.77 8.11
N ALA D 250 -4.93 46.64 8.09
CA ALA D 250 -4.32 45.37 8.47
C ALA D 250 -3.61 44.75 7.27
N GLY D 251 -4.12 45.04 6.08
CA GLY D 251 -3.54 44.49 4.86
C GLY D 251 -3.75 45.35 3.63
N ILE D 252 -2.94 45.08 2.62
CA ILE D 252 -3.03 45.73 1.31
C ILE D 252 -3.28 44.63 0.29
N ILE D 253 -4.32 44.77 -0.54
CA ILE D 253 -4.53 43.79 -1.61
C ILE D 253 -4.30 44.44 -2.97
N VAL D 254 -3.66 43.70 -3.88
CA VAL D 254 -3.43 44.22 -5.23
C VAL D 254 -3.28 43.11 -6.26
N GLU D 255 -3.72 43.37 -7.50
CA GLU D 255 -3.45 42.47 -8.62
C GLU D 255 -2.11 42.84 -9.27
N PRO D 256 -1.32 41.84 -9.70
CA PRO D 256 -0.09 42.17 -10.42
C PRO D 256 -0.36 42.91 -11.73
N ILE D 257 -1.49 42.62 -12.34
CA ILE D 257 -2.04 43.34 -13.49
C ILE D 257 -3.53 43.47 -13.22
N GLN D 258 -4.06 44.69 -13.20
CA GLN D 258 -5.50 44.87 -12.96
C GLN D 258 -6.28 44.38 -14.18
N SER D 259 -7.20 43.46 -13.99
CA SER D 259 -7.89 42.87 -15.16
C SER D 259 -9.21 43.56 -15.51
N GLU D 260 -10.25 43.26 -14.76
CA GLU D 260 -11.54 43.84 -15.04
C GLU D 260 -11.58 45.35 -15.09
N GLY D 261 -10.68 46.04 -14.38
CA GLY D 261 -10.62 47.49 -14.40
C GLY D 261 -10.04 48.07 -15.69
N GLY D 262 -9.46 47.22 -16.53
CA GLY D 262 -8.99 47.65 -17.83
C GLY D 262 -7.56 47.31 -18.21
N ASP D 263 -7.08 46.16 -17.73
CA ASP D 263 -5.73 45.67 -17.97
C ASP D 263 -4.71 46.77 -17.69
N ASN D 264 -4.66 47.20 -16.43
CA ASN D 264 -3.73 48.24 -16.02
C ASN D 264 -2.45 47.64 -15.48
N HIS D 265 -1.34 48.08 -16.05
CA HIS D 265 -0.01 47.59 -15.68
C HIS D 265 0.74 48.63 -14.85
N ALA D 266 1.72 48.14 -14.10
CA ALA D 266 2.70 48.99 -13.42
C ALA D 266 4.04 48.27 -13.44
N SER D 267 5.13 49.02 -13.23
CA SER D 267 6.45 48.42 -13.32
C SER D 267 6.69 47.43 -12.18
N ASP D 268 7.63 46.52 -12.39
CA ASP D 268 8.08 45.63 -11.33
C ASP D 268 8.60 46.45 -10.15
N ASP D 269 9.23 47.58 -10.46
CA ASP D 269 9.76 48.48 -9.45
C ASP D 269 8.67 49.01 -8.52
N PHE D 270 7.53 49.37 -9.10
CA PHE D 270 6.37 49.83 -8.33
C PHE D 270 5.95 48.78 -7.29
N PHE D 271 5.85 47.53 -7.73
CA PHE D 271 5.36 46.48 -6.85
C PHE D 271 6.38 46.15 -5.76
N ARG D 272 7.67 46.22 -6.07
CA ARG D 272 8.70 45.97 -5.07
C ARG D 272 8.62 47.03 -3.99
N LYS D 273 8.44 48.28 -4.41
CA LYS D 273 8.33 49.38 -3.47
C LYS D 273 7.03 49.33 -2.67
N LEU D 274 5.95 48.88 -3.31
CA LEU D 274 4.68 48.71 -2.61
C LEU D 274 4.80 47.63 -1.53
N ARG D 275 5.49 46.55 -1.86
CA ARG D 275 5.77 45.46 -0.93
C ARG D 275 6.47 45.99 0.33
N ASP D 276 7.43 46.88 0.13
CA ASP D 276 8.20 47.45 1.23
C ASP D 276 7.37 48.41 2.10
N ILE D 277 6.51 49.19 1.45
CA ILE D 277 5.60 50.07 2.19
C ILE D 277 4.72 49.22 3.11
N SER D 278 4.24 48.11 2.57
CA SER D 278 3.39 47.20 3.33
C SER D 278 4.11 46.73 4.58
N ARG D 279 5.33 46.24 4.39
N ARG D 279 5.33 46.23 4.40
CA ARG D 279 6.13 45.73 5.49
CA ARG D 279 6.13 45.73 5.50
C ARG D 279 6.43 46.83 6.50
C ARG D 279 6.45 46.82 6.51
N LYS D 280 6.78 48.01 6.00
CA LYS D 280 7.13 49.15 6.85
C LYS D 280 6.01 49.53 7.82
N HIS D 281 4.77 49.39 7.38
CA HIS D 281 3.64 49.78 8.21
C HIS D 281 2.96 48.62 8.91
N GLY D 282 3.53 47.42 8.80
CA GLY D 282 2.99 46.25 9.44
C GLY D 282 1.71 45.74 8.80
N CYS D 283 1.49 46.09 7.54
CA CYS D 283 0.35 45.58 6.78
C CYS D 283 0.72 44.29 6.08
N ALA D 284 -0.17 43.30 6.12
CA ALA D 284 0.03 42.10 5.32
C ALA D 284 -0.07 42.46 3.84
N PHE D 285 0.83 41.93 3.02
CA PHE D 285 0.76 42.20 1.58
C PHE D 285 0.11 41.01 0.91
N LEU D 286 -1.08 41.23 0.35
CA LEU D 286 -1.91 40.19 -0.24
C LEU D 286 -1.94 40.39 -1.74
N VAL D 287 -1.38 39.44 -2.47
CA VAL D 287 -1.34 39.52 -3.92
C VAL D 287 -2.42 38.60 -4.50
N ASP D 288 -3.33 39.21 -5.25
CA ASP D 288 -4.43 38.48 -5.88
C ASP D 288 -4.01 37.98 -7.26
N GLU D 289 -3.75 36.68 -7.39
CA GLU D 289 -3.37 36.11 -8.68
C GLU D 289 -4.48 35.22 -9.25
N VAL D 290 -5.71 35.50 -8.87
CA VAL D 290 -6.84 34.71 -9.35
C VAL D 290 -6.86 34.74 -10.88
N GLN D 291 -6.56 35.90 -11.45
CA GLN D 291 -6.56 35.98 -12.92
C GLN D 291 -5.17 35.92 -13.56
N THR D 292 -4.16 36.46 -12.88
CA THR D 292 -2.81 36.48 -13.46
C THR D 292 -2.09 35.14 -13.28
N GLY D 293 -2.55 34.35 -12.33
CA GLY D 293 -1.86 33.10 -12.00
C GLY D 293 -2.15 32.00 -12.99
N GLY D 294 -1.22 31.05 -13.10
CA GLY D 294 -1.41 29.94 -13.99
C GLY D 294 -0.58 29.97 -15.25
N GLY D 295 0.28 30.99 -15.40
CA GLY D 295 1.34 30.94 -16.40
C GLY D 295 1.22 31.75 -17.67
N SER D 296 0.12 32.46 -17.87
CA SER D 296 -0.05 33.20 -19.12
CA SER D 296 -0.06 33.21 -19.12
C SER D 296 0.92 34.36 -19.26
N THR D 297 1.47 34.85 -18.14
CA THR D 297 2.44 35.96 -18.24
C THR D 297 3.86 35.46 -18.53
N GLY D 298 4.04 34.15 -18.67
CA GLY D 298 5.35 33.59 -18.95
C GLY D 298 6.07 33.04 -17.74
N LYS D 299 5.53 33.35 -16.57
CA LYS D 299 5.96 32.72 -15.33
C LYS D 299 4.72 32.19 -14.63
N PHE D 300 4.86 31.17 -13.78
CA PHE D 300 3.66 30.53 -13.26
C PHE D 300 2.80 31.55 -12.51
N TRP D 301 3.43 32.28 -11.60
CA TRP D 301 2.75 33.39 -10.92
C TRP D 301 3.33 34.69 -11.44
N ALA D 302 2.45 35.66 -11.73
CA ALA D 302 2.92 36.93 -12.32
C ALA D 302 3.87 37.67 -11.39
N HIS D 303 3.73 37.51 -10.08
CA HIS D 303 4.61 38.23 -9.15
C HIS D 303 6.05 37.73 -9.23
N GLU D 304 6.28 36.57 -9.83
CA GLU D 304 7.64 36.04 -9.97
C GLU D 304 8.52 36.99 -10.79
N HIS D 305 7.88 37.78 -11.65
CA HIS D 305 8.60 38.76 -12.47
C HIS D 305 9.29 39.83 -11.62
N TRP D 306 8.80 40.04 -10.40
CA TRP D 306 9.34 41.07 -9.52
C TRP D 306 10.72 40.69 -8.99
N GLY D 307 11.01 39.40 -9.00
CA GLY D 307 12.32 38.89 -8.62
C GLY D 307 12.62 38.91 -7.13
N LEU D 308 11.56 38.81 -6.32
CA LEU D 308 11.73 38.91 -4.86
C LEU D 308 11.76 37.56 -4.16
N ASP D 309 12.63 37.43 -3.17
CA ASP D 309 12.64 36.25 -2.30
C ASP D 309 11.47 36.30 -1.32
N ASP D 310 10.97 37.51 -1.07
CA ASP D 310 9.84 37.73 -0.15
C ASP D 310 8.79 38.57 -0.88
N PRO D 311 8.07 37.96 -1.83
CA PRO D 311 7.18 38.73 -2.70
C PRO D 311 5.89 39.16 -2.02
N ALA D 312 5.43 38.40 -1.03
CA ALA D 312 4.16 38.69 -0.38
C ALA D 312 3.98 37.86 0.88
N ASP D 313 2.95 38.21 1.64
CA ASP D 313 2.59 37.45 2.82
C ASP D 313 1.49 36.43 2.50
N VAL D 314 0.59 36.80 1.61
CA VAL D 314 -0.53 35.95 1.24
C VAL D 314 -0.75 36.08 -0.26
N MET D 315 -1.05 34.97 -0.94
CA MET D 315 -1.35 35.03 -2.37
C MET D 315 -2.53 34.14 -2.69
N THR D 316 -3.58 34.73 -3.27
CA THR D 316 -4.78 33.99 -3.65
C THR D 316 -4.76 33.57 -5.12
N PHE D 317 -5.52 32.52 -5.42
CA PHE D 317 -5.59 31.97 -6.78
C PHE D 317 -6.94 31.31 -7.00
N SER D 318 -7.27 31.06 -8.26
CA SER D 318 -8.44 30.31 -8.67
C SER D 318 -8.41 30.19 -10.20
N LYS D 319 -9.58 30.17 -10.83
CA LYS D 319 -9.71 30.12 -12.30
C LYS D 319 -8.88 29.01 -12.96
N LYS D 320 -7.77 29.37 -13.61
CA LYS D 320 -6.89 28.38 -14.25
C LYS D 320 -6.47 27.25 -13.30
N MET D 321 -6.38 27.56 -12.02
CA MET D 321 -5.93 26.57 -11.03
C MET D 321 -7.02 25.56 -10.68
N MET D 322 -8.19 25.72 -11.30
CA MET D 322 -9.33 24.79 -11.16
CA MET D 322 -9.35 24.83 -11.18
C MET D 322 -9.98 24.85 -9.78
N THR D 323 -9.13 24.82 -8.75
CA THR D 323 -9.57 25.08 -7.40
C THR D 323 -9.11 26.47 -7.00
N GLY D 324 -9.71 27.03 -5.95
CA GLY D 324 -9.19 28.26 -5.36
C GLY D 324 -8.36 27.93 -4.12
N GLY D 325 -7.98 28.98 -3.40
CA GLY D 325 -7.22 28.82 -2.17
C GLY D 325 -6.24 29.97 -2.00
N PHE D 326 -5.37 29.87 -1.00
CA PHE D 326 -4.31 30.83 -0.88
C PHE D 326 -3.09 30.25 -0.18
N PHE D 327 -1.93 30.62 -0.68
CA PHE D 327 -0.67 30.36 -0.01
C PHE D 327 -0.42 31.48 0.99
N HIS D 328 0.29 31.18 2.07
CA HIS D 328 0.69 32.25 2.97
C HIS D 328 1.89 31.86 3.82
N LYS D 329 2.56 32.87 4.37
CA LYS D 329 3.68 32.64 5.29
C LYS D 329 3.24 31.91 6.55
N GLU D 330 4.18 31.21 7.17
CA GLU D 330 3.87 30.44 8.36
C GLU D 330 3.34 31.30 9.50
N GLU D 331 3.78 32.56 9.59
CA GLU D 331 3.32 33.38 10.71
C GLU D 331 1.85 33.77 10.56
N PHE D 332 1.27 33.52 9.39
CA PHE D 332 -0.15 33.82 9.18
C PHE D 332 -1.05 32.61 9.45
N ARG D 333 -0.44 31.49 9.81
CA ARG D 333 -1.20 30.32 10.23
C ARG D 333 -2.13 30.64 11.41
N PRO D 334 -3.43 30.36 11.25
CA PRO D 334 -4.42 30.54 12.34
C PRO D 334 -4.04 29.74 13.59
N ASN D 335 -4.15 30.38 14.75
CA ASN D 335 -3.79 29.77 16.04
C ASN D 335 -4.72 28.65 16.46
N ALA D 336 -5.97 28.74 16.04
CA ALA D 336 -7.00 27.82 16.45
C ALA D 336 -7.76 27.32 15.24
N PRO D 337 -8.31 26.09 15.31
CA PRO D 337 -9.14 25.60 14.21
C PRO D 337 -10.52 26.26 14.19
N TYR D 338 -11.23 26.07 13.08
CA TYR D 338 -12.62 26.54 12.92
C TYR D 338 -12.74 28.06 12.81
N ARG D 339 -11.62 28.74 12.56
CA ARG D 339 -11.67 30.17 12.26
C ARG D 339 -11.69 30.41 10.75
N ILE D 340 -10.81 29.71 10.03
CA ILE D 340 -10.84 29.67 8.57
C ILE D 340 -11.38 28.30 8.19
N PHE D 341 -12.63 28.27 7.71
CA PHE D 341 -13.34 27.01 7.60
C PHE D 341 -14.59 27.19 6.75
N ASN D 342 -14.96 26.17 5.99
CA ASN D 342 -16.34 26.07 5.47
C ASN D 342 -16.59 24.61 5.12
N THR D 343 -17.76 24.29 4.57
CA THR D 343 -18.15 22.89 4.41
C THR D 343 -17.18 22.12 3.53
N TRP D 344 -16.87 22.68 2.37
CA TRP D 344 -16.15 21.91 1.35
C TRP D 344 -14.68 22.28 1.16
N LEU D 345 -14.35 23.56 1.37
CA LEU D 345 -12.96 24.02 1.25
C LEU D 345 -12.29 23.63 -0.07
N GLY D 346 -13.03 23.76 -1.16
CA GLY D 346 -12.56 23.28 -2.45
C GLY D 346 -13.26 21.99 -2.84
N ASP D 347 -12.54 21.11 -3.54
CA ASP D 347 -13.11 19.88 -4.06
C ASP D 347 -11.95 19.03 -4.56
N PRO D 348 -11.80 17.81 -4.02
CA PRO D 348 -10.68 16.94 -4.42
C PRO D 348 -10.67 16.61 -5.91
N SER D 349 -11.83 16.65 -6.55
CA SER D 349 -11.90 16.36 -7.98
C SER D 349 -11.15 17.42 -8.77
N LYS D 350 -11.21 18.66 -8.30
CA LYS D 350 -10.46 19.73 -8.95
C LYS D 350 -8.95 19.55 -8.76
N ASN D 351 -8.54 19.07 -7.58
CA ASN D 351 -7.12 18.81 -7.32
C ASN D 351 -6.60 17.71 -8.23
N LEU D 352 -7.44 16.69 -8.46
CA LEU D 352 -7.11 15.59 -9.36
C LEU D 352 -6.80 16.11 -10.75
N LEU D 353 -7.67 16.97 -11.25
CA LEU D 353 -7.49 17.55 -12.58
C LEU D 353 -6.28 18.47 -12.61
N LEU D 354 -6.12 19.28 -11.57
CA LEU D 354 -5.03 20.26 -11.52
C LEU D 354 -3.66 19.60 -11.54
N ALA D 355 -3.53 18.44 -10.88
CA ALA D 355 -2.24 17.75 -10.86
C ALA D 355 -1.83 17.41 -12.28
N GLU D 356 -2.78 16.94 -13.08
CA GLU D 356 -2.48 16.60 -14.47
C GLU D 356 -2.21 17.87 -15.29
N VAL D 357 -2.96 18.93 -15.03
CA VAL D 357 -2.73 20.20 -15.71
C VAL D 357 -1.31 20.69 -15.50
N ILE D 358 -0.85 20.66 -14.25
CA ILE D 358 0.48 21.13 -13.92
C ILE D 358 1.54 20.23 -14.57
N ASN D 359 1.26 18.93 -14.64
CA ASN D 359 2.16 18.01 -15.34
C ASN D 359 2.33 18.37 -16.81
N ILE D 360 1.20 18.69 -17.45
CA ILE D 360 1.21 19.09 -18.86
C ILE D 360 1.96 20.40 -19.04
N ILE D 361 1.71 21.38 -18.17
CA ILE D 361 2.39 22.67 -18.26
C ILE D 361 3.91 22.50 -18.19
N LYS D 362 4.35 21.62 -17.30
CA LYS D 362 5.78 21.37 -17.15
C LYS D 362 6.34 20.61 -18.36
N ARG D 363 5.69 19.51 -18.73
CA ARG D 363 6.21 18.63 -19.77
C ARG D 363 6.20 19.29 -21.15
N GLU D 364 5.16 20.09 -21.42
CA GLU D 364 5.03 20.76 -22.72
C GLU D 364 5.65 22.15 -22.74
N ASP D 365 6.36 22.50 -21.66
CA ASP D 365 7.10 23.76 -21.60
C ASP D 365 6.18 24.95 -21.87
N LEU D 366 4.97 24.93 -21.29
CA LEU D 366 3.94 25.90 -21.68
C LEU D 366 4.14 27.31 -21.09
N LEU D 367 4.96 27.44 -20.05
CA LEU D 367 5.30 28.77 -19.54
C LEU D 367 6.11 29.53 -20.59
N SER D 368 7.17 28.89 -21.08
CA SER D 368 7.99 29.48 -22.14
C SER D 368 7.16 29.69 -23.39
N ASN D 369 6.24 28.77 -23.67
CA ASN D 369 5.41 28.95 -24.85
C ASN D 369 4.54 30.21 -24.75
N ALA D 370 4.01 30.48 -23.56
CA ALA D 370 3.19 31.68 -23.37
C ALA D 370 4.00 32.95 -23.60
N ALA D 371 5.23 32.96 -23.12
CA ALA D 371 6.12 34.09 -23.33
C ALA D 371 6.38 34.31 -24.81
N HIS D 372 6.59 33.22 -25.54
CA HIS D 372 6.86 33.32 -26.98
C HIS D 372 5.61 33.71 -27.78
N ALA D 373 4.52 32.99 -27.57
CA ALA D 373 3.29 33.26 -28.30
C ALA D 373 2.79 34.67 -27.99
N GLY D 374 2.98 35.08 -26.73
CA GLY D 374 2.61 36.42 -26.29
C GLY D 374 3.44 37.50 -26.95
N LYS D 375 4.72 37.24 -27.18
CA LYS D 375 5.58 38.22 -27.84
C LYS D 375 5.17 38.39 -29.30
N VAL D 376 4.87 37.28 -29.95
CA VAL D 376 4.40 37.30 -31.33
C VAL D 376 3.09 38.07 -31.44
N LEU D 377 2.17 37.83 -30.51
CA LEU D 377 0.90 38.55 -30.48
C LEU D 377 1.10 40.04 -30.28
N LEU D 378 1.94 40.39 -29.31
CA LEU D 378 2.16 41.79 -28.96
C LEU D 378 2.83 42.54 -30.12
N THR D 379 3.77 41.88 -30.79
CA THR D 379 4.44 42.47 -31.95
C THR D 379 3.43 42.77 -33.05
N GLY D 380 2.48 41.86 -33.25
CA GLY D 380 1.42 42.06 -34.22
C GLY D 380 0.49 43.21 -33.85
N LEU D 381 0.14 43.31 -32.56
CA LEU D 381 -0.72 44.40 -32.11
C LEU D 381 -0.02 45.75 -32.28
N LEU D 382 1.29 45.78 -32.06
CA LEU D 382 2.04 47.00 -32.23
C LEU D 382 2.05 47.44 -33.70
N ASP D 383 2.12 46.47 -34.61
CA ASP D 383 2.06 46.77 -36.04
C ASP D 383 0.68 47.31 -36.43
N LEU D 384 -0.38 46.74 -35.87
CA LEU D 384 -1.73 47.20 -36.17
C LEU D 384 -1.96 48.59 -35.60
N GLN D 385 -1.33 48.87 -34.46
CA GLN D 385 -1.39 50.19 -33.84
C GLN D 385 -0.70 51.23 -34.71
N ALA D 386 0.43 50.85 -35.29
CA ALA D 386 1.17 51.76 -36.18
C ALA D 386 0.36 52.07 -37.44
N ARG D 387 -0.39 51.08 -37.93
CA ARG D 387 -1.18 51.23 -39.16
C ARG D 387 -2.56 51.83 -38.96
N TYR D 388 -3.11 51.69 -37.74
CA TYR D 388 -4.46 52.17 -37.46
C TYR D 388 -4.57 52.98 -36.17
N PRO D 389 -3.89 54.13 -36.11
CA PRO D 389 -3.94 54.95 -34.88
C PRO D 389 -5.35 55.46 -34.57
N GLN D 390 -6.22 55.43 -35.57
CA GLN D 390 -7.61 55.87 -35.39
C GLN D 390 -8.46 54.84 -34.67
N PHE D 391 -7.94 53.62 -34.47
CA PHE D 391 -8.71 52.57 -33.81
C PHE D 391 -8.00 51.95 -32.62
N ILE D 392 -6.67 51.94 -32.66
CA ILE D 392 -5.87 51.20 -31.69
C ILE D 392 -4.90 52.10 -30.93
N SER D 393 -4.94 52.05 -29.60
CA SER D 393 -3.97 52.79 -28.79
C SER D 393 -3.57 52.00 -27.53
N ARG D 394 -2.49 52.45 -26.89
CA ARG D 394 -2.05 51.87 -25.62
C ARG D 394 -1.87 50.34 -25.66
N VAL D 395 -1.36 49.83 -26.78
CA VAL D 395 -1.05 48.40 -26.86
C VAL D 395 -0.08 48.04 -25.73
N ARG D 396 -0.41 46.97 -25.01
CA ARG D 396 0.33 46.61 -23.80
C ARG D 396 0.16 45.14 -23.50
N GLY D 397 1.11 44.57 -22.77
CA GLY D 397 0.97 43.18 -22.39
C GLY D 397 2.18 42.60 -21.70
N ARG D 398 1.97 41.44 -21.09
CA ARG D 398 3.06 40.60 -20.60
C ARG D 398 2.67 39.16 -20.88
N GLY D 399 3.54 38.41 -21.56
CA GLY D 399 3.13 37.09 -22.05
C GLY D 399 1.91 37.27 -22.93
N THR D 400 0.92 36.38 -22.82
CA THR D 400 -0.28 36.49 -23.64
C THR D 400 -1.35 37.37 -22.97
N PHE D 401 -1.03 37.86 -21.78
CA PHE D 401 -1.89 38.78 -21.03
C PHE D 401 -1.80 40.17 -21.68
N CYS D 402 -2.46 40.31 -22.83
CA CYS D 402 -2.31 41.51 -23.67
C CYS D 402 -3.61 42.29 -23.80
N SER D 403 -3.51 43.55 -24.21
CA SER D 403 -4.68 44.40 -24.37
CA SER D 403 -4.67 44.41 -24.35
C SER D 403 -4.38 45.64 -25.18
N PHE D 404 -5.44 46.32 -25.61
CA PHE D 404 -5.30 47.64 -26.23
C PHE D 404 -6.61 48.41 -26.05
N ASP D 405 -6.54 49.72 -26.24
CA ASP D 405 -7.71 50.57 -26.11
C ASP D 405 -8.26 50.96 -27.48
N THR D 406 -9.57 51.16 -27.53
CA THR D 406 -10.23 51.72 -28.70
C THR D 406 -10.73 53.12 -28.31
N PRO D 407 -11.18 53.92 -29.29
CA PRO D 407 -11.56 55.30 -28.95
C PRO D 407 -12.80 55.45 -28.05
N ASP D 408 -13.74 54.51 -28.11
CA ASP D 408 -14.89 54.57 -27.21
C ASP D 408 -15.57 53.21 -27.09
N GLU D 409 -16.54 53.12 -26.19
CA GLU D 409 -17.20 51.86 -25.86
C GLU D 409 -17.96 51.25 -27.04
N SER D 410 -18.59 52.11 -27.85
CA SER D 410 -19.37 51.60 -28.97
C SER D 410 -18.45 50.94 -30.00
N ILE D 411 -17.31 51.57 -30.30
CA ILE D 411 -16.34 51.00 -31.20
C ILE D 411 -15.77 49.69 -30.64
N ARG D 412 -15.44 49.69 -29.34
CA ARG D 412 -14.95 48.49 -28.67
C ARG D 412 -15.91 47.32 -28.87
N ASN D 413 -17.19 47.56 -28.58
CA ASN D 413 -18.19 46.50 -28.66
C ASN D 413 -18.42 46.06 -30.11
N LYS D 414 -18.37 47.00 -31.03
CA LYS D 414 -18.54 46.68 -32.44
C LYS D 414 -17.40 45.78 -32.95
N LEU D 415 -16.17 46.11 -32.56
CA LEU D 415 -15.01 45.31 -32.97
C LEU D 415 -15.09 43.89 -32.40
N ILE D 416 -15.55 43.76 -31.16
CA ILE D 416 -15.71 42.45 -30.54
C ILE D 416 -16.79 41.65 -31.28
N SER D 417 -17.89 42.32 -31.61
CA SER D 417 -19.02 41.67 -32.31
C SER D 417 -18.61 41.18 -33.70
N ILE D 418 -17.91 42.03 -34.44
CA ILE D 418 -17.45 41.66 -35.78
C ILE D 418 -16.44 40.52 -35.74
N ALA D 419 -15.47 40.63 -34.83
CA ALA D 419 -14.46 39.60 -34.67
C ALA D 419 -15.09 38.25 -34.38
N ARG D 420 -16.11 38.24 -33.51
CA ARG D 420 -16.76 36.98 -33.16
C ARG D 420 -17.47 36.36 -34.36
N ASN D 421 -18.14 37.17 -35.17
CA ASN D 421 -18.81 36.67 -36.35
C ASN D 421 -17.80 36.18 -37.39
N LYS D 422 -16.55 36.61 -37.26
CA LYS D 422 -15.50 36.16 -38.16
C LYS D 422 -14.66 35.01 -37.59
N GLY D 423 -15.04 34.53 -36.41
CA GLY D 423 -14.43 33.33 -35.87
C GLY D 423 -13.46 33.50 -34.71
N VAL D 424 -13.44 34.67 -34.08
CA VAL D 424 -12.52 34.91 -32.96
C VAL D 424 -13.23 35.55 -31.79
N MET D 425 -13.16 34.90 -30.63
CA MET D 425 -13.79 35.44 -29.44
CA MET D 425 -13.78 35.43 -29.42
C MET D 425 -12.80 36.25 -28.61
N LEU D 426 -13.14 37.52 -28.40
CA LEU D 426 -12.32 38.45 -27.62
C LEU D 426 -13.07 38.87 -26.36
N GLY D 427 -12.32 39.33 -25.36
CA GLY D 427 -12.95 39.86 -24.17
C GLY D 427 -12.83 41.37 -24.14
N GLY D 428 -13.72 42.01 -23.40
CA GLY D 428 -13.58 43.42 -23.13
C GLY D 428 -13.22 43.64 -21.68
N CYS D 429 -12.63 44.79 -21.37
CA CYS D 429 -12.42 45.21 -19.99
C CYS D 429 -12.38 46.73 -19.96
N GLY D 430 -12.62 47.31 -18.78
CA GLY D 430 -12.78 48.75 -18.67
C GLY D 430 -13.94 49.19 -19.55
N ASP D 431 -13.95 50.45 -19.95
CA ASP D 431 -15.05 50.93 -20.78
C ASP D 431 -14.75 50.81 -22.28
N LYS D 432 -13.48 50.72 -22.66
CA LYS D 432 -13.16 50.66 -24.08
C LYS D 432 -11.89 49.88 -24.42
N SER D 433 -11.53 48.92 -23.59
CA SER D 433 -10.36 48.09 -23.88
C SER D 433 -10.78 46.73 -24.42
N ILE D 434 -9.91 46.15 -25.24
CA ILE D 434 -10.05 44.78 -25.68
C ILE D 434 -8.90 43.99 -25.06
N ARG D 435 -9.20 42.83 -24.47
CA ARG D 435 -8.17 42.07 -23.79
C ARG D 435 -8.06 40.66 -24.33
N PHE D 436 -6.88 40.07 -24.15
CA PHE D 436 -6.62 38.70 -24.58
C PHE D 436 -6.36 37.83 -23.36
N ARG D 437 -7.05 36.69 -23.30
CA ARG D 437 -6.81 35.68 -22.27
C ARG D 437 -6.81 34.30 -22.92
N PRO D 438 -5.80 34.02 -23.74
CA PRO D 438 -5.78 32.72 -24.42
C PRO D 438 -5.45 31.61 -23.45
N THR D 439 -5.88 30.38 -23.74
CA THR D 439 -5.50 29.25 -22.93
C THR D 439 -4.01 28.94 -23.14
N LEU D 440 -3.42 28.10 -22.29
CA LEU D 440 -1.98 27.86 -22.37
C LEU D 440 -1.56 27.01 -23.57
N VAL D 441 -2.52 26.51 -24.36
CA VAL D 441 -2.13 25.81 -25.59
C VAL D 441 -2.27 26.72 -26.81
N PHE D 442 -2.43 28.01 -26.55
CA PHE D 442 -2.35 29.05 -27.58
C PHE D 442 -0.92 29.19 -28.10
N ARG D 443 -0.74 29.01 -29.41
CA ARG D 443 0.58 29.04 -30.03
C ARG D 443 0.78 30.27 -30.90
N ASP D 444 2.01 30.46 -31.37
CA ASP D 444 2.30 31.59 -32.25
C ASP D 444 1.43 31.54 -33.52
N HIS D 445 1.07 30.36 -34.01
CA HIS D 445 0.27 30.33 -35.23
C HIS D 445 -1.19 30.73 -34.96
N HIS D 446 -1.65 30.57 -33.72
CA HIS D 446 -2.98 31.08 -33.37
C HIS D 446 -2.95 32.60 -33.28
N ALA D 447 -1.83 33.15 -32.84
CA ALA D 447 -1.66 34.59 -32.81
C ALA D 447 -1.78 35.15 -34.22
N HIS D 448 -1.17 34.48 -35.19
CA HIS D 448 -1.21 34.98 -36.55
C HIS D 448 -2.60 34.81 -37.17
N LEU D 449 -3.30 33.74 -36.82
CA LEU D 449 -4.69 33.57 -37.26
C LEU D 449 -5.52 34.78 -36.85
N PHE D 450 -5.38 35.17 -35.57
CA PHE D 450 -6.11 36.32 -35.07
C PHE D 450 -5.69 37.60 -35.78
N LEU D 451 -4.39 37.81 -35.90
CA LEU D 451 -3.89 39.08 -36.43
C LEU D 451 -4.35 39.30 -37.86
N ASN D 452 -4.39 38.22 -38.63
CA ASN D 452 -4.80 38.32 -40.03
C ASN D 452 -6.28 38.62 -40.14
N ILE D 453 -7.09 38.02 -39.27
CA ILE D 453 -8.51 38.34 -39.23
C ILE D 453 -8.74 39.79 -38.78
N PHE D 454 -8.04 40.22 -37.73
CA PHE D 454 -8.28 41.56 -37.22
C PHE D 454 -7.77 42.62 -38.22
N SER D 455 -6.68 42.30 -38.92
CA SER D 455 -6.18 43.21 -39.95
C SER D 455 -7.25 43.49 -40.99
N ASP D 456 -7.98 42.45 -41.39
CA ASP D 456 -9.06 42.59 -42.38
C ASP D 456 -10.22 43.40 -41.82
N ILE D 457 -10.52 43.22 -40.55
CA ILE D 457 -11.60 43.96 -39.91
C ILE D 457 -11.28 45.46 -39.91
N LEU D 458 -10.05 45.81 -39.54
CA LEU D 458 -9.67 47.22 -39.44
C LEU D 458 -9.65 47.89 -40.81
N ALA D 459 -9.21 47.14 -41.81
CA ALA D 459 -9.19 47.65 -43.19
C ALA D 459 -10.59 48.00 -43.69
N ASP D 460 -11.59 47.26 -43.24
CA ASP D 460 -12.97 47.44 -43.70
C ASP D 460 -13.85 48.25 -42.75
N PHE D 461 -13.34 48.59 -41.57
CA PHE D 461 -14.16 49.22 -40.55
C PHE D 461 -14.60 50.62 -40.95
FE1 FES E . 17.39 -29.75 4.17
FE2 FES E . 18.15 -30.48 1.59
S1 FES E . 19.26 -30.71 3.46
S2 FES E . 16.28 -29.56 2.29
O2 RW2 F . 13.72 -35.85 7.88
P RW2 F . 14.24 -34.45 8.04
O4 RW2 F . 15.66 -34.27 7.57
O3 RW2 F . 13.29 -33.36 7.57
O RW2 F . 14.32 -34.20 9.64
C6 RW2 F . 15.37 -34.82 10.41
C3 RW2 F . 15.00 -35.00 11.87
C2 RW2 F . 15.73 -34.39 12.88
N RW2 F . 15.40 -34.57 14.17
C1 RW2 F . 14.35 -35.33 14.53
C7 RW2 F . 14.02 -35.49 15.99
C RW2 F . 13.59 -35.96 13.55
O1 RW2 F . 12.54 -36.73 13.94
C4 RW2 F . 13.92 -35.79 12.21
C5 RW2 F . 13.16 -36.43 11.08
N1 RW2 F . 12.58 -37.68 11.51
C8 RW2 F . 12.46 -38.70 10.69
C12 RW2 F . 11.68 -39.72 10.99
C15 RW2 F . 10.70 -39.63 12.07
O6 RW2 F . 9.98 -40.57 12.32
C9 RW2 F . 13.14 -38.83 9.37
C10 RW2 F . 12.71 -40.22 8.89
C11 RW2 F . 11.92 -40.88 10.03
C13 RW2 F . 13.93 -40.99 8.52
O5 RW2 F . 13.96 -42.24 8.71
O14 RW2 F . 14.88 -40.37 8.01
C1 GOL G . 26.89 -37.75 -21.87
O1 GOL G . 28.08 -37.24 -22.43
C2 GOL G . 25.71 -37.71 -22.83
O2 GOL G . 24.90 -38.83 -22.60
C3 GOL G . 26.15 -37.65 -24.29
O3 GOL G . 25.02 -37.47 -25.11
O2 RW2 H . 20.31 -26.19 -2.67
P RW2 H . 21.70 -25.97 -2.14
O4 RW2 H . 22.12 -24.52 -2.07
O3 RW2 H . 22.06 -26.75 -0.89
O RW2 H . 22.62 -26.59 -3.30
C6 RW2 H . 24.01 -26.86 -3.06
C3 RW2 H . 24.80 -26.88 -4.35
C2 RW2 H . 25.44 -28.04 -4.77
N RW2 H . 26.14 -28.03 -5.90
C1 RW2 H . 26.26 -26.93 -6.67
C7 RW2 H . 27.08 -27.00 -7.94
C RW2 H . 25.66 -25.76 -6.28
O1 RW2 H . 25.80 -24.65 -7.07
C4 RW2 H . 24.92 -25.73 -5.11
C5 RW2 H . 24.22 -24.49 -4.62
N1 RW2 H . 24.93 -23.32 -5.05
C8 RW2 H . 25.01 -22.24 -4.27
C12 RW2 H . 25.52 -21.12 -4.68
C15 RW2 H . 25.78 -20.94 -6.11
O6 RW2 H . 25.63 -21.88 -6.87
C9 RW2 H . 24.52 -22.18 -2.85
C10 RW2 H . 24.92 -20.77 -2.42
C11 RW2 H . 25.75 -20.15 -3.56
C13 RW2 H . 25.71 -20.86 -1.14
O5 RW2 H . 25.44 -21.79 -0.36
O14 RW2 H . 26.59 -19.99 -0.91
C1 GOL I . -48.80 23.60 12.93
O1 GOL I . -49.76 24.55 13.35
C2 GOL I . -49.15 23.11 11.53
O2 GOL I . -48.13 23.47 10.62
C3 GOL I . -49.34 21.60 11.55
O3 GOL I . -48.18 21.01 12.10
O2 RW2 J . -21.11 25.90 1.86
P RW2 J . -20.92 26.78 2.99
O4 RW2 J . -20.23 26.10 4.09
O3 RW2 J . -20.41 28.07 2.80
O RW2 J . -22.41 26.99 3.57
C6 RW2 J . -22.76 27.97 4.51
C3 RW2 J . -24.00 27.63 5.31
C2 RW2 J . -25.09 28.46 5.25
N RW2 J . -26.20 28.22 5.91
C1 RW2 J . -26.30 27.15 6.67
C7 RW2 J . -27.57 26.92 7.40
C RW2 J . -25.26 26.25 6.79
O1 RW2 J . -25.44 25.18 7.58
C4 RW2 J . -24.10 26.51 6.08
C5 RW2 J . -22.94 25.58 6.17
N1 RW2 J . -22.92 24.94 7.43
C8 RW2 J . -21.83 24.62 8.07
C12 RW2 J . -21.82 23.99 9.21
C15 RW2 J . -23.04 23.37 9.79
O6 RW2 J . -23.38 23.44 10.96
C9 RW2 J . -20.48 25.02 7.56
C10 RW2 J . -19.54 24.59 8.66
C11 RW2 J . -20.43 24.01 9.77
C13 RW2 J . -18.72 25.74 9.10
O5 RW2 J . -18.34 25.72 10.27
O14 RW2 J . -18.44 26.64 8.32
FE1 FES K . -19.14 30.11 -2.72
FE2 FES K . -16.44 30.61 -3.12
S1 FES K . -17.92 31.83 -2.05
S2 FES K . -17.63 28.87 -3.78
O2 RW2 L . -14.21 32.88 -8.76
P RW2 L . -14.63 34.33 -8.62
O4 RW2 L . -15.31 34.91 -9.84
O3 RW2 L . -15.35 34.69 -7.33
O RW2 L . -13.22 35.10 -8.51
C6 RW2 L . -13.17 36.46 -8.09
C3 RW2 L . -11.94 37.17 -8.60
C2 RW2 L . -10.99 37.68 -7.72
N RW2 L . -9.91 38.32 -8.20
C1 RW2 L . -9.70 38.49 -9.51
C7 RW2 L . -8.46 39.21 -9.98
C RW2 L . -10.62 38.01 -10.43
O1 RW2 L . -10.39 38.20 -11.77
C4 RW2 L . -11.74 37.34 -9.95
C5 RW2 L . -12.81 36.79 -10.86
N1 RW2 L . -12.95 37.71 -11.93
C8 RW2 L . -14.06 37.83 -12.62
C12 RW2 L . -13.98 38.32 -13.81
C15 RW2 L . -12.59 38.43 -14.33
O6 RW2 L . -12.22 38.28 -15.48
C9 RW2 L . -15.45 37.48 -12.18
C10 RW2 L . -16.30 38.04 -13.31
C11 RW2 L . -15.34 38.68 -14.36
C13 RW2 L . -17.29 39.00 -12.69
O5 RW2 L . -17.64 38.76 -11.52
O14 RW2 L . -17.74 39.96 -13.36
#